data_7LOD
# 
_entry.id   7LOD 
# 
_audit_conform.dict_name       mmcif_pdbx.dic 
_audit_conform.dict_version    5.380 
_audit_conform.dict_location   http://mmcif.pdb.org/dictionaries/ascii/mmcif_pdbx.dic 
# 
loop_
_database_2.database_id 
_database_2.database_code 
_database_2.pdbx_database_accession 
_database_2.pdbx_DOI 
PDB   7LOD         pdb_00007lod 10.2210/pdb7lod/pdb 
WWPDB D_1000254731 ?            ?                   
# 
_pdbx_database_status.status_code                     REL 
_pdbx_database_status.status_code_sf                  REL 
_pdbx_database_status.status_code_mr                  ? 
_pdbx_database_status.entry_id                        7LOD 
_pdbx_database_status.recvd_initial_deposition_date   2021-02-10 
_pdbx_database_status.SG_entry                        N 
_pdbx_database_status.deposit_site                    RCSB 
_pdbx_database_status.process_site                    RCSB 
_pdbx_database_status.status_code_cs                  ? 
_pdbx_database_status.status_code_nmr_data            ? 
_pdbx_database_status.methods_development_category    ? 
_pdbx_database_status.pdb_format_compatible           Y 
# 
loop_
_audit_author.name 
_audit_author.pdbx_ordinal 
_audit_author.identifier_ORCID 
'Kamenik, A.S.'  1 ? 
'Singh, I.'      2 ? 
'Lak, P.'        3 ? 
'Balius, T.E.'   4 ? 
'Liedl, K.R.'    5 ? 
'Shoichet, B.K.' 6 ? 
# 
_citation.abstract                  ? 
_citation.abstract_id_CAS           ? 
_citation.book_id_ISBN              ? 
_citation.book_publisher            ? 
_citation.book_publisher_city       ? 
_citation.book_title                ? 
_citation.coordinate_linkage        ? 
_citation.country                   US 
_citation.database_id_Medline       ? 
_citation.details                   ? 
_citation.id                        primary 
_citation.journal_abbrev            Proc.Natl.Acad.Sci.USA 
_citation.journal_id_ASTM           PNASA6 
_citation.journal_id_CSD            0040 
_citation.journal_id_ISSN           1091-6490 
_citation.journal_full              ? 
_citation.journal_issue             ? 
_citation.journal_volume            118 
_citation.language                  ? 
_citation.page_first                ? 
_citation.page_last                 ? 
_citation.title                     'Energy penalties enhance flexible receptor docking in a model cavity.' 
_citation.year                      2021 
_citation.database_id_CSD           ? 
_citation.pdbx_database_id_DOI      10.1073/pnas.2106195118 
_citation.pdbx_database_id_PubMed   34475217 
_citation.pdbx_database_id_patent   ? 
_citation.unpublished_flag          ? 
# 
loop_
_citation_author.citation_id 
_citation_author.name 
_citation_author.ordinal 
_citation_author.identifier_ORCID 
primary 'Kamenik, A.S.'  1 0000-0001-8657-0036 
primary 'Singh, I.'      2 ?                   
primary 'Lak, P.'        3 ?                   
primary 'Balius, T.E.'   4 0000-0002-6811-4667 
primary 'Liedl, K.R.'    5 ?                   
primary 'Shoichet, B.K.' 6 0000-0002-6098-7367 
# 
_cell.angle_alpha                  90.000 
_cell.angle_alpha_esd              ? 
_cell.angle_beta                   90.000 
_cell.angle_beta_esd               ? 
_cell.angle_gamma                  120.000 
_cell.angle_gamma_esd              ? 
_cell.entry_id                     7LOD 
_cell.details                      ? 
_cell.formula_units_Z              ? 
_cell.length_a                     60.209 
_cell.length_a_esd                 ? 
_cell.length_b                     60.209 
_cell.length_b_esd                 ? 
_cell.length_c                     96.185 
_cell.length_c_esd                 ? 
_cell.volume                       ? 
_cell.volume_esd                   ? 
_cell.Z_PDB                        6 
_cell.reciprocal_angle_alpha       ? 
_cell.reciprocal_angle_beta        ? 
_cell.reciprocal_angle_gamma       ? 
_cell.reciprocal_angle_alpha_esd   ? 
_cell.reciprocal_angle_beta_esd    ? 
_cell.reciprocal_angle_gamma_esd   ? 
_cell.reciprocal_length_a          ? 
_cell.reciprocal_length_b          ? 
_cell.reciprocal_length_c          ? 
_cell.reciprocal_length_a_esd      ? 
_cell.reciprocal_length_b_esd      ? 
_cell.reciprocal_length_c_esd      ? 
_cell.pdbx_unique_axis             ? 
# 
_symmetry.entry_id                         7LOD 
_symmetry.cell_setting                     ? 
_symmetry.Int_Tables_number                154 
_symmetry.space_group_name_Hall            ? 
_symmetry.space_group_name_H-M             'P 32 2 1' 
_symmetry.pdbx_full_space_group_name_H-M   ? 
# 
loop_
_entity.id 
_entity.type 
_entity.src_method 
_entity.pdbx_description 
_entity.formula_weight 
_entity.pdbx_number_of_molecules 
_entity.pdbx_ec 
_entity.pdbx_mutation 
_entity.pdbx_fragment 
_entity.details 
1 polymer     man Lysozyme                                 19691.541 1   3.2.1.17 L99A ? ? 
2 non-polymer syn 1-fluoranyl-4-iodanyl-benzene            221.999   1   ?        ?    ? ? 
3 non-polymer syn BETA-MERCAPTOETHANOL                     78.133    3   ?        ?    ? ? 
4 non-polymer syn 2-AMINO-2-HYDROXYMETHYL-PROPANE-1,3-DIOL 122.143   1   ?        ?    ? ? 
5 water       nat water                                    18.015    114 ?        ?    ? ? 
# 
_entity_name_com.entity_id   1 
_entity_name_com.name        'Endolysin,Lysis protein,Muramidase' 
# 
_entity_poly.entity_id                      1 
_entity_poly.type                           'polypeptide(L)' 
_entity_poly.nstd_linkage                   no 
_entity_poly.nstd_monomer                   no 
_entity_poly.pdbx_seq_one_letter_code       
;MNIFEMLRIDEGLRLKIYKDTEGYYTIGIGHLLTKSPSLNAAKSELDKAIGRNCNGVITKDEAEKLFNQDVDAAVRGILR
NAKLKPVYDSLDAVRRCAAINMVFQMGETGVAGFTNSLRMLQQKRWDEAAVNLAKSRWYNQTPNRAKRVITTFRTGTWDA
YKNLLEHHHHHH
;
_entity_poly.pdbx_seq_one_letter_code_can   
;MNIFEMLRIDEGLRLKIYKDTEGYYTIGIGHLLTKSPSLNAAKSELDKAIGRNCNGVITKDEAEKLFNQDVDAAVRGILR
NAKLKPVYDSLDAVRRCAAINMVFQMGETGVAGFTNSLRMLQQKRWDEAAVNLAKSRWYNQTPNRAKRVITTFRTGTWDA
YKNLLEHHHHHH
;
_entity_poly.pdbx_strand_id                 A 
_entity_poly.pdbx_target_identifier         ? 
# 
loop_
_entity_poly_seq.entity_id 
_entity_poly_seq.num 
_entity_poly_seq.mon_id 
_entity_poly_seq.hetero 
1 1   MET n 
1 2   ASN n 
1 3   ILE n 
1 4   PHE n 
1 5   GLU n 
1 6   MET n 
1 7   LEU n 
1 8   ARG n 
1 9   ILE n 
1 10  ASP n 
1 11  GLU n 
1 12  GLY n 
1 13  LEU n 
1 14  ARG n 
1 15  LEU n 
1 16  LYS n 
1 17  ILE n 
1 18  TYR n 
1 19  LYS n 
1 20  ASP n 
1 21  THR n 
1 22  GLU n 
1 23  GLY n 
1 24  TYR n 
1 25  TYR n 
1 26  THR n 
1 27  ILE n 
1 28  GLY n 
1 29  ILE n 
1 30  GLY n 
1 31  HIS n 
1 32  LEU n 
1 33  LEU n 
1 34  THR n 
1 35  LYS n 
1 36  SER n 
1 37  PRO n 
1 38  SER n 
1 39  LEU n 
1 40  ASN n 
1 41  ALA n 
1 42  ALA n 
1 43  LYS n 
1 44  SER n 
1 45  GLU n 
1 46  LEU n 
1 47  ASP n 
1 48  LYS n 
1 49  ALA n 
1 50  ILE n 
1 51  GLY n 
1 52  ARG n 
1 53  ASN n 
1 54  CYS n 
1 55  ASN n 
1 56  GLY n 
1 57  VAL n 
1 58  ILE n 
1 59  THR n 
1 60  LYS n 
1 61  ASP n 
1 62  GLU n 
1 63  ALA n 
1 64  GLU n 
1 65  LYS n 
1 66  LEU n 
1 67  PHE n 
1 68  ASN n 
1 69  GLN n 
1 70  ASP n 
1 71  VAL n 
1 72  ASP n 
1 73  ALA n 
1 74  ALA n 
1 75  VAL n 
1 76  ARG n 
1 77  GLY n 
1 78  ILE n 
1 79  LEU n 
1 80  ARG n 
1 81  ASN n 
1 82  ALA n 
1 83  LYS n 
1 84  LEU n 
1 85  LYS n 
1 86  PRO n 
1 87  VAL n 
1 88  TYR n 
1 89  ASP n 
1 90  SER n 
1 91  LEU n 
1 92  ASP n 
1 93  ALA n 
1 94  VAL n 
1 95  ARG n 
1 96  ARG n 
1 97  CYS n 
1 98  ALA n 
1 99  ALA n 
1 100 ILE n 
1 101 ASN n 
1 102 MET n 
1 103 VAL n 
1 104 PHE n 
1 105 GLN n 
1 106 MET n 
1 107 GLY n 
1 108 GLU n 
1 109 THR n 
1 110 GLY n 
1 111 VAL n 
1 112 ALA n 
1 113 GLY n 
1 114 PHE n 
1 115 THR n 
1 116 ASN n 
1 117 SER n 
1 118 LEU n 
1 119 ARG n 
1 120 MET n 
1 121 LEU n 
1 122 GLN n 
1 123 GLN n 
1 124 LYS n 
1 125 ARG n 
1 126 TRP n 
1 127 ASP n 
1 128 GLU n 
1 129 ALA n 
1 130 ALA n 
1 131 VAL n 
1 132 ASN n 
1 133 LEU n 
1 134 ALA n 
1 135 LYS n 
1 136 SER n 
1 137 ARG n 
1 138 TRP n 
1 139 TYR n 
1 140 ASN n 
1 141 GLN n 
1 142 THR n 
1 143 PRO n 
1 144 ASN n 
1 145 ARG n 
1 146 ALA n 
1 147 LYS n 
1 148 ARG n 
1 149 VAL n 
1 150 ILE n 
1 151 THR n 
1 152 THR n 
1 153 PHE n 
1 154 ARG n 
1 155 THR n 
1 156 GLY n 
1 157 THR n 
1 158 TRP n 
1 159 ASP n 
1 160 ALA n 
1 161 TYR n 
1 162 LYS n 
1 163 ASN n 
1 164 LEU n 
1 165 LEU n 
1 166 GLU n 
1 167 HIS n 
1 168 HIS n 
1 169 HIS n 
1 170 HIS n 
1 171 HIS n 
1 172 HIS n 
# 
_entity_src_gen.entity_id                          1 
_entity_src_gen.pdbx_src_id                        1 
_entity_src_gen.pdbx_alt_source_flag               sample 
_entity_src_gen.pdbx_seq_type                      'Biological sequence' 
_entity_src_gen.pdbx_beg_seq_num                   1 
_entity_src_gen.pdbx_end_seq_num                   172 
_entity_src_gen.gene_src_common_name               'Bacteriophage T4' 
_entity_src_gen.gene_src_genus                     ? 
_entity_src_gen.pdbx_gene_src_gene                 'e, T4Tp126' 
_entity_src_gen.gene_src_species                   ? 
_entity_src_gen.gene_src_strain                    ? 
_entity_src_gen.gene_src_tissue                    ? 
_entity_src_gen.gene_src_tissue_fraction           ? 
_entity_src_gen.gene_src_details                   ? 
_entity_src_gen.pdbx_gene_src_fragment             ? 
_entity_src_gen.pdbx_gene_src_scientific_name      'Enterobacteria phage T4' 
_entity_src_gen.pdbx_gene_src_ncbi_taxonomy_id     10665 
_entity_src_gen.pdbx_gene_src_variant              ? 
_entity_src_gen.pdbx_gene_src_cell_line            ? 
_entity_src_gen.pdbx_gene_src_atcc                 ? 
_entity_src_gen.pdbx_gene_src_organ                ? 
_entity_src_gen.pdbx_gene_src_organelle            ? 
_entity_src_gen.pdbx_gene_src_cell                 ? 
_entity_src_gen.pdbx_gene_src_cellular_location    ? 
_entity_src_gen.host_org_common_name               ? 
_entity_src_gen.pdbx_host_org_scientific_name      
;Escherichia coli 'BL21-Gold(DE3)pLysS AG'
;
_entity_src_gen.pdbx_host_org_ncbi_taxonomy_id     866768 
_entity_src_gen.host_org_genus                     ? 
_entity_src_gen.pdbx_host_org_gene                 ? 
_entity_src_gen.pdbx_host_org_organ                ? 
_entity_src_gen.host_org_species                   ? 
_entity_src_gen.pdbx_host_org_tissue               ? 
_entity_src_gen.pdbx_host_org_tissue_fraction      ? 
_entity_src_gen.pdbx_host_org_strain               ? 
_entity_src_gen.pdbx_host_org_variant              ? 
_entity_src_gen.pdbx_host_org_cell_line            ? 
_entity_src_gen.pdbx_host_org_atcc                 ? 
_entity_src_gen.pdbx_host_org_culture_collection   ? 
_entity_src_gen.pdbx_host_org_cell                 ? 
_entity_src_gen.pdbx_host_org_organelle            ? 
_entity_src_gen.pdbx_host_org_cellular_location    ? 
_entity_src_gen.pdbx_host_org_vector_type          ? 
_entity_src_gen.pdbx_host_org_vector               ? 
_entity_src_gen.host_org_details                   ? 
_entity_src_gen.expression_system_id               ? 
_entity_src_gen.plasmid_name                       ? 
_entity_src_gen.plasmid_details                    ? 
_entity_src_gen.pdbx_description                   ? 
# 
_struct_ref.id                         1 
_struct_ref.db_name                    UNP 
_struct_ref.db_code                    D9IEF7_BPT4 
_struct_ref.pdbx_db_accession          D9IEF7 
_struct_ref.pdbx_db_isoform            ? 
_struct_ref.entity_id                  1 
_struct_ref.pdbx_seq_one_letter_code   
;MNIFEMLRIDEGLRLKIYKDTEGYYTIGIGHLLTKSPSLNAAKSELDKAIGRNCNGVITKDEAEKLFNQDVDAAVRGILR
NAKLKPVYDSLDAVRRCALINMVFQMGETGVAGFTNSLRMLQQKRWDEAAVNLAKSRWYNQTPNRAKRVITTFRTGTWDA
YKNL
;
_struct_ref.pdbx_align_begin           1 
# 
_struct_ref_seq.align_id                      1 
_struct_ref_seq.ref_id                        1 
_struct_ref_seq.pdbx_PDB_id_code              7LOD 
_struct_ref_seq.pdbx_strand_id                A 
_struct_ref_seq.seq_align_beg                 1 
_struct_ref_seq.pdbx_seq_align_beg_ins_code   ? 
_struct_ref_seq.seq_align_end                 164 
_struct_ref_seq.pdbx_seq_align_end_ins_code   ? 
_struct_ref_seq.pdbx_db_accession             D9IEF7 
_struct_ref_seq.db_align_beg                  1 
_struct_ref_seq.pdbx_db_align_beg_ins_code    ? 
_struct_ref_seq.db_align_end                  164 
_struct_ref_seq.pdbx_db_align_end_ins_code    ? 
_struct_ref_seq.pdbx_auth_seq_align_beg       1 
_struct_ref_seq.pdbx_auth_seq_align_end       164 
# 
loop_
_struct_ref_seq_dif.align_id 
_struct_ref_seq_dif.pdbx_pdb_id_code 
_struct_ref_seq_dif.mon_id 
_struct_ref_seq_dif.pdbx_pdb_strand_id 
_struct_ref_seq_dif.seq_num 
_struct_ref_seq_dif.pdbx_pdb_ins_code 
_struct_ref_seq_dif.pdbx_seq_db_name 
_struct_ref_seq_dif.pdbx_seq_db_accession_code 
_struct_ref_seq_dif.db_mon_id 
_struct_ref_seq_dif.pdbx_seq_db_seq_num 
_struct_ref_seq_dif.details 
_struct_ref_seq_dif.pdbx_auth_seq_num 
_struct_ref_seq_dif.pdbx_ordinal 
1 7LOD ALA A 99  ? UNP D9IEF7 LEU 99 'engineered mutation' 99  1 
1 7LOD LEU A 165 ? UNP D9IEF7 ?   ?  'expression tag'      165 2 
1 7LOD GLU A 166 ? UNP D9IEF7 ?   ?  'expression tag'      166 3 
1 7LOD HIS A 167 ? UNP D9IEF7 ?   ?  'expression tag'      167 4 
1 7LOD HIS A 168 ? UNP D9IEF7 ?   ?  'expression tag'      168 5 
1 7LOD HIS A 169 ? UNP D9IEF7 ?   ?  'expression tag'      169 6 
1 7LOD HIS A 170 ? UNP D9IEF7 ?   ?  'expression tag'      170 7 
1 7LOD HIS A 171 ? UNP D9IEF7 ?   ?  'expression tag'      171 8 
1 7LOD HIS A 172 ? UNP D9IEF7 ?   ?  'expression tag'      172 9 
# 
loop_
_chem_comp.id 
_chem_comp.type 
_chem_comp.mon_nstd_flag 
_chem_comp.name 
_chem_comp.pdbx_synonyms 
_chem_comp.formula 
_chem_comp.formula_weight 
ALA 'L-peptide linking' y ALANINE                                  ?             'C3 H7 N O2'     89.093  
ARG 'L-peptide linking' y ARGININE                                 ?             'C6 H15 N4 O2 1' 175.209 
ASN 'L-peptide linking' y ASPARAGINE                               ?             'C4 H8 N2 O3'    132.118 
ASP 'L-peptide linking' y 'ASPARTIC ACID'                          ?             'C4 H7 N O4'     133.103 
BME non-polymer         . BETA-MERCAPTOETHANOL                     ?             'C2 H6 O S'      78.133  
CYS 'L-peptide linking' y CYSTEINE                                 ?             'C3 H7 N O2 S'   121.158 
GLN 'L-peptide linking' y GLUTAMINE                                ?             'C5 H10 N2 O3'   146.144 
GLU 'L-peptide linking' y 'GLUTAMIC ACID'                          ?             'C5 H9 N O4'     147.129 
GLY 'peptide linking'   y GLYCINE                                  ?             'C2 H5 N O2'     75.067  
HIS 'L-peptide linking' y HISTIDINE                                ?             'C6 H10 N3 O2 1' 156.162 
HOH non-polymer         . WATER                                    ?             'H2 O'           18.015  
ILE 'L-peptide linking' y ISOLEUCINE                               ?             'C6 H13 N O2'    131.173 
LEU 'L-peptide linking' y LEUCINE                                  ?             'C6 H13 N O2'    131.173 
LYS 'L-peptide linking' y LYSINE                                   ?             'C6 H15 N2 O2 1' 147.195 
MET 'L-peptide linking' y METHIONINE                               ?             'C5 H11 N O2 S'  149.211 
PHE 'L-peptide linking' y PHENYLALANINE                            ?             'C9 H11 N O2'    165.189 
PRO 'L-peptide linking' y PROLINE                                  ?             'C5 H9 N O2'     115.130 
SER 'L-peptide linking' y SERINE                                   ?             'C3 H7 N O3'     105.093 
THR 'L-peptide linking' y THREONINE                                ?             'C4 H9 N O3'     119.119 
TRP 'L-peptide linking' y TRYPTOPHAN                               ?             'C11 H12 N2 O2'  204.225 
TRS non-polymer         . 2-AMINO-2-HYDROXYMETHYL-PROPANE-1,3-DIOL 'TRIS BUFFER' 'C4 H12 N O3 1'  122.143 
TYR 'L-peptide linking' y TYROSINE                                 ?             'C9 H11 N O3'    181.189 
VAL 'L-peptide linking' y VALINE                                   ?             'C5 H11 N O2'    117.146 
Y8D non-polymer         . 1-fluoranyl-4-iodanyl-benzene            ?             'C6 H4 F I'      221.999 
# 
_exptl.absorpt_coefficient_mu     ? 
_exptl.absorpt_correction_T_max   ? 
_exptl.absorpt_correction_T_min   ? 
_exptl.absorpt_correction_type    ? 
_exptl.absorpt_process_details    ? 
_exptl.entry_id                   7LOD 
_exptl.crystals_number            1 
_exptl.details                    ? 
_exptl.method                     'X-RAY DIFFRACTION' 
_exptl.method_details             ? 
# 
_exptl_crystal.colour                      ? 
_exptl_crystal.density_diffrn              ? 
_exptl_crystal.density_Matthews            2.56 
_exptl_crystal.density_method              ? 
_exptl_crystal.density_percent_sol         51.87 
_exptl_crystal.description                 ? 
_exptl_crystal.F_000                       ? 
_exptl_crystal.id                          1 
_exptl_crystal.preparation                 ? 
_exptl_crystal.size_max                    ? 
_exptl_crystal.size_mid                    ? 
_exptl_crystal.size_min                    ? 
_exptl_crystal.size_rad                    ? 
_exptl_crystal.colour_lustre               ? 
_exptl_crystal.colour_modifier             ? 
_exptl_crystal.colour_primary              ? 
_exptl_crystal.density_meas                ? 
_exptl_crystal.density_meas_esd            ? 
_exptl_crystal.density_meas_gt             ? 
_exptl_crystal.density_meas_lt             ? 
_exptl_crystal.density_meas_temp           ? 
_exptl_crystal.density_meas_temp_esd       ? 
_exptl_crystal.density_meas_temp_gt        ? 
_exptl_crystal.density_meas_temp_lt        ? 
_exptl_crystal.pdbx_crystal_image_url      ? 
_exptl_crystal.pdbx_crystal_image_format   ? 
_exptl_crystal.pdbx_mosaicity              ? 
_exptl_crystal.pdbx_mosaicity_esd          ? 
# 
_exptl_crystal_grow.apparatus       ? 
_exptl_crystal_grow.atmosphere      ? 
_exptl_crystal_grow.crystal_id      1 
_exptl_crystal_grow.details         ? 
_exptl_crystal_grow.method          'VAPOR DIFFUSION, HANGING DROP' 
_exptl_crystal_grow.method_ref      ? 
_exptl_crystal_grow.pH              8.0 
_exptl_crystal_grow.pressure        ? 
_exptl_crystal_grow.pressure_esd    ? 
_exptl_crystal_grow.seeding         ? 
_exptl_crystal_grow.seeding_ref     ? 
_exptl_crystal_grow.temp            294 
_exptl_crystal_grow.temp_details    ? 
_exptl_crystal_grow.temp_esd        ? 
_exptl_crystal_grow.time            ? 
_exptl_crystal_grow.pdbx_details    'Isopropanol, PEG 4000, Tris-Cl pH 8.0, Beta-mercaptoethanol,  2-hyrdoxyethyl disulfide' 
_exptl_crystal_grow.pdbx_pH_range   ? 
# 
_diffrn.ambient_environment              ? 
_diffrn.ambient_temp                     100 
_diffrn.ambient_temp_details             ? 
_diffrn.ambient_temp_esd                 ? 
_diffrn.crystal_id                       1 
_diffrn.crystal_support                  ? 
_diffrn.crystal_treatment                ? 
_diffrn.details                          ? 
_diffrn.id                               1 
_diffrn.ambient_pressure                 ? 
_diffrn.ambient_pressure_esd             ? 
_diffrn.ambient_pressure_gt              ? 
_diffrn.ambient_pressure_lt              ? 
_diffrn.ambient_temp_gt                  ? 
_diffrn.ambient_temp_lt                  ? 
_diffrn.pdbx_serial_crystal_experiment   N 
# 
_diffrn_detector.details                      ? 
_diffrn_detector.detector                     PIXEL 
_diffrn_detector.diffrn_id                    1 
_diffrn_detector.type                         'DECTRIS PILATUS3 S 6M' 
_diffrn_detector.area_resol_mean              ? 
_diffrn_detector.dtime                        ? 
_diffrn_detector.pdbx_frames_total            ? 
_diffrn_detector.pdbx_collection_time_total   ? 
_diffrn_detector.pdbx_collection_date         2020-11-24 
_diffrn_detector.pdbx_frequency               ? 
# 
_diffrn_radiation.collimation                      ? 
_diffrn_radiation.diffrn_id                        1 
_diffrn_radiation.filter_edge                      ? 
_diffrn_radiation.inhomogeneity                    ? 
_diffrn_radiation.monochromator                    M 
_diffrn_radiation.polarisn_norm                    ? 
_diffrn_radiation.polarisn_ratio                   ? 
_diffrn_radiation.probe                            ? 
_diffrn_radiation.type                             ? 
_diffrn_radiation.xray_symbol                      ? 
_diffrn_radiation.wavelength_id                    1 
_diffrn_radiation.pdbx_monochromatic_or_laue_m_l   M 
_diffrn_radiation.pdbx_wavelength_list             ? 
_diffrn_radiation.pdbx_wavelength                  ? 
_diffrn_radiation.pdbx_diffrn_protocol             'SINGLE WAVELENGTH' 
_diffrn_radiation.pdbx_analyzer                    ? 
_diffrn_radiation.pdbx_scattering_type             x-ray 
# 
_diffrn_radiation_wavelength.id           1 
_diffrn_radiation_wavelength.wavelength   0.95386 
_diffrn_radiation_wavelength.wt           1.0 
# 
_diffrn_source.current                     ? 
_diffrn_source.details                     ? 
_diffrn_source.diffrn_id                   1 
_diffrn_source.power                       ? 
_diffrn_source.size                        ? 
_diffrn_source.source                      SYNCHROTRON 
_diffrn_source.target                      ? 
_diffrn_source.type                        'ALS BEAMLINE 8.3.1' 
_diffrn_source.voltage                     ? 
_diffrn_source.take-off_angle              ? 
_diffrn_source.pdbx_wavelength_list        0.95386 
_diffrn_source.pdbx_wavelength             ? 
_diffrn_source.pdbx_synchrotron_beamline   8.3.1 
_diffrn_source.pdbx_synchrotron_site       ALS 
# 
_reflns.B_iso_Wilson_estimate            13.330 
_reflns.entry_id                         7LOD 
_reflns.data_reduction_details           ? 
_reflns.data_reduction_method            ? 
_reflns.d_resolution_high                1.020 
_reflns.d_resolution_low                 96.180 
_reflns.details                          ? 
_reflns.limit_h_max                      ? 
_reflns.limit_h_min                      ? 
_reflns.limit_k_max                      ? 
_reflns.limit_k_min                      ? 
_reflns.limit_l_max                      ? 
_reflns.limit_l_min                      ? 
_reflns.number_all                       ? 
_reflns.number_obs                       100875 
_reflns.observed_criterion               ? 
_reflns.observed_criterion_F_max         ? 
_reflns.observed_criterion_F_min         ? 
_reflns.observed_criterion_I_max         ? 
_reflns.observed_criterion_I_min         ? 
_reflns.observed_criterion_sigma_F       ? 
_reflns.observed_criterion_sigma_I       ? 
_reflns.percent_possible_obs             97.800 
_reflns.R_free_details                   ? 
_reflns.Rmerge_F_all                     ? 
_reflns.Rmerge_F_obs                     ? 
_reflns.Friedel_coverage                 ? 
_reflns.number_gt                        ? 
_reflns.threshold_expression             ? 
_reflns.pdbx_redundancy                  17.500 
_reflns.pdbx_Rmerge_I_obs                0.040 
_reflns.pdbx_Rmerge_I_all                ? 
_reflns.pdbx_Rsym_value                  ? 
_reflns.pdbx_netI_over_av_sigmaI         ? 
_reflns.pdbx_netI_over_sigmaI            28.500 
_reflns.pdbx_res_netI_over_av_sigmaI_2   ? 
_reflns.pdbx_res_netI_over_sigmaI_2      ? 
_reflns.pdbx_chi_squared                 ? 
_reflns.pdbx_scaling_rejects             ? 
_reflns.pdbx_d_res_high_opt              ? 
_reflns.pdbx_d_res_low_opt               ? 
_reflns.pdbx_d_res_opt_method            ? 
_reflns.phase_calculation_details        ? 
_reflns.pdbx_Rrim_I_all                  0.041 
_reflns.pdbx_Rpim_I_all                  0.010 
_reflns.pdbx_d_opt                       ? 
_reflns.pdbx_number_measured_all         1769877 
_reflns.pdbx_diffrn_id                   1 
_reflns.pdbx_ordinal                     1 
_reflns.pdbx_CC_half                     1.000 
_reflns.pdbx_CC_star                     ? 
_reflns.pdbx_R_split                     ? 
# 
loop_
_reflns_shell.d_res_high 
_reflns_shell.d_res_low 
_reflns_shell.meanI_over_sigI_all 
_reflns_shell.meanI_over_sigI_obs 
_reflns_shell.number_measured_all 
_reflns_shell.number_measured_obs 
_reflns_shell.number_possible 
_reflns_shell.number_unique_all 
_reflns_shell.number_unique_obs 
_reflns_shell.percent_possible_all 
_reflns_shell.percent_possible_obs 
_reflns_shell.Rmerge_F_all 
_reflns_shell.Rmerge_F_obs 
_reflns_shell.Rmerge_I_all 
_reflns_shell.Rmerge_I_obs 
_reflns_shell.meanI_over_sigI_gt 
_reflns_shell.meanI_over_uI_all 
_reflns_shell.meanI_over_uI_gt 
_reflns_shell.number_measured_gt 
_reflns_shell.number_unique_gt 
_reflns_shell.percent_possible_gt 
_reflns_shell.Rmerge_F_gt 
_reflns_shell.Rmerge_I_gt 
_reflns_shell.pdbx_redundancy 
_reflns_shell.pdbx_Rsym_value 
_reflns_shell.pdbx_chi_squared 
_reflns_shell.pdbx_netI_over_sigmaI_all 
_reflns_shell.pdbx_netI_over_sigmaI_obs 
_reflns_shell.pdbx_Rrim_I_all 
_reflns_shell.pdbx_Rpim_I_all 
_reflns_shell.pdbx_rejects 
_reflns_shell.pdbx_ordinal 
_reflns_shell.pdbx_diffrn_id 
_reflns_shell.pdbx_CC_half 
_reflns_shell.pdbx_CC_star 
_reflns_shell.pdbx_R_split 
1.020 1.040  ? ? 30337 ? ? ? 3816 76.400 ? ? ? ? 2.613 ? ? ? ? ? ? ? ? 7.900  ? ? ? 0.800   2.792 0.962 ? 1 1 0.361 ? ? 
5.590 96.180 ? ? 13210 ? ? ? 739  99.900 ? ? ? ? 0.020 ? ? ? ? ? ? ? ? 17.900 ? ? ? 133.600 0.021 0.005 ? 2 1 1.000 ? ? 
# 
_refine.aniso_B[1][1]                            ? 
_refine.aniso_B[1][2]                            ? 
_refine.aniso_B[1][3]                            ? 
_refine.aniso_B[2][2]                            ? 
_refine.aniso_B[2][3]                            ? 
_refine.aniso_B[3][3]                            ? 
_refine.B_iso_max                                84.050 
_refine.B_iso_mean                               16.3963 
_refine.B_iso_min                                9.410 
_refine.correlation_coeff_Fo_to_Fc               ? 
_refine.correlation_coeff_Fo_to_Fc_free          ? 
_refine.details                                  ? 
_refine.diff_density_max                         ? 
_refine.diff_density_max_esd                     ? 
_refine.diff_density_min                         ? 
_refine.diff_density_min_esd                     ? 
_refine.diff_density_rms                         ? 
_refine.diff_density_rms_esd                     ? 
_refine.entry_id                                 7LOD 
_refine.pdbx_refine_id                           'X-RAY DIFFRACTION' 
_refine.ls_abs_structure_details                 ? 
_refine.ls_abs_structure_Flack                   ? 
_refine.ls_abs_structure_Flack_esd               ? 
_refine.ls_abs_structure_Rogers                  ? 
_refine.ls_abs_structure_Rogers_esd              ? 
_refine.ls_d_res_high                            1.0200 
_refine.ls_d_res_low                             45.8400 
_refine.ls_extinction_coef                       ? 
_refine.ls_extinction_coef_esd                   ? 
_refine.ls_extinction_expression                 ? 
_refine.ls_extinction_method                     ? 
_refine.ls_goodness_of_fit_all                   ? 
_refine.ls_goodness_of_fit_all_esd               ? 
_refine.ls_goodness_of_fit_obs                   ? 
_refine.ls_goodness_of_fit_obs_esd               ? 
_refine.ls_hydrogen_treatment                    ? 
_refine.ls_matrix_type                           ? 
_refine.ls_number_constraints                    ? 
_refine.ls_number_parameters                     ? 
_refine.ls_number_reflns_all                     ? 
_refine.ls_number_reflns_obs                     100736 
_refine.ls_number_reflns_R_free                  5070 
_refine.ls_number_reflns_R_work                  95666 
_refine.ls_number_restraints                     ? 
_refine.ls_percent_reflns_obs                    97.7300 
_refine.ls_percent_reflns_R_free                 5.0300 
_refine.ls_R_factor_all                          ? 
_refine.ls_R_factor_obs                          0.2123 
_refine.ls_R_factor_R_free                       0.2135 
_refine.ls_R_factor_R_free_error                 ? 
_refine.ls_R_factor_R_free_error_details         ? 
_refine.ls_R_factor_R_work                       0.2122 
_refine.ls_R_Fsqd_factor_obs                     ? 
_refine.ls_R_I_factor_obs                        ? 
_refine.ls_redundancy_reflns_all                 ? 
_refine.ls_redundancy_reflns_obs                 ? 
_refine.ls_restrained_S_all                      ? 
_refine.ls_restrained_S_obs                      ? 
_refine.ls_shift_over_esd_max                    ? 
_refine.ls_shift_over_esd_mean                   ? 
_refine.ls_structure_factor_coef                 ? 
_refine.ls_weighting_details                     ? 
_refine.ls_weighting_scheme                      ? 
_refine.ls_wR_factor_all                         ? 
_refine.ls_wR_factor_obs                         ? 
_refine.ls_wR_factor_R_free                      ? 
_refine.ls_wR_factor_R_work                      ? 
_refine.occupancy_max                            ? 
_refine.occupancy_min                            ? 
_refine.solvent_model_details                    'FLAT BULK SOLVENT MODEL' 
_refine.solvent_model_param_bsol                 ? 
_refine.solvent_model_param_ksol                 ? 
_refine.pdbx_R_complete                          ? 
_refine.ls_R_factor_gt                           ? 
_refine.ls_goodness_of_fit_gt                    ? 
_refine.ls_goodness_of_fit_ref                   ? 
_refine.ls_shift_over_su_max                     ? 
_refine.ls_shift_over_su_max_lt                  ? 
_refine.ls_shift_over_su_mean                    ? 
_refine.ls_shift_over_su_mean_lt                 ? 
_refine.pdbx_ls_sigma_I                          ? 
_refine.pdbx_ls_sigma_F                          1.340 
_refine.pdbx_ls_sigma_Fsqd                       ? 
_refine.pdbx_data_cutoff_high_absF               ? 
_refine.pdbx_data_cutoff_high_rms_absF           ? 
_refine.pdbx_data_cutoff_low_absF                ? 
_refine.pdbx_isotropic_thermal_model             ? 
_refine.pdbx_ls_cross_valid_method               THROUGHOUT 
_refine.pdbx_method_to_determine_struct          'MOLECULAR REPLACEMENT' 
_refine.pdbx_starting_model                      4W57 
_refine.pdbx_stereochemistry_target_values       ML 
_refine.pdbx_R_Free_selection_details            ? 
_refine.pdbx_stereochem_target_val_spec_case     ? 
_refine.pdbx_overall_ESU_R                       ? 
_refine.pdbx_overall_ESU_R_Free                  ? 
_refine.pdbx_solvent_vdw_probe_radii             1.1100 
_refine.pdbx_solvent_ion_probe_radii             ? 
_refine.pdbx_solvent_shrinkage_radii             0.9000 
_refine.pdbx_real_space_R                        ? 
_refine.pdbx_density_correlation                 ? 
_refine.pdbx_pd_number_of_powder_patterns        ? 
_refine.pdbx_pd_number_of_points                 ? 
_refine.pdbx_pd_meas_number_of_points            ? 
_refine.pdbx_pd_proc_ls_prof_R_factor            ? 
_refine.pdbx_pd_proc_ls_prof_wR_factor           ? 
_refine.pdbx_pd_Marquardt_correlation_coeff      ? 
_refine.pdbx_pd_Fsqrd_R_factor                   ? 
_refine.pdbx_pd_ls_matrix_band_width             ? 
_refine.pdbx_overall_phase_error                 24.7900 
_refine.pdbx_overall_SU_R_free_Cruickshank_DPI   ? 
_refine.pdbx_overall_SU_R_free_Blow_DPI          ? 
_refine.pdbx_overall_SU_R_Blow_DPI               ? 
_refine.pdbx_TLS_residual_ADP_flag               ? 
_refine.pdbx_diffrn_id                           1 
_refine.overall_SU_B                             ? 
_refine.overall_SU_ML                            0.1100 
_refine.overall_SU_R_Cruickshank_DPI             ? 
_refine.overall_SU_R_free                        ? 
_refine.overall_FOM_free_R_set                   ? 
_refine.overall_FOM_work_R_set                   ? 
_refine.pdbx_average_fsc_overall                 ? 
_refine.pdbx_average_fsc_work                    ? 
_refine.pdbx_average_fsc_free                    ? 
# 
_refine_hist.pdbx_refine_id                   'X-RAY DIFFRACTION' 
_refine_hist.cycle_id                         final 
_refine_hist.details                          ? 
_refine_hist.d_res_high                       1.0200 
_refine_hist.d_res_low                        45.8400 
_refine_hist.number_atoms_solvent             114 
_refine_hist.number_atoms_total               1431 
_refine_hist.number_reflns_all                ? 
_refine_hist.number_reflns_obs                ? 
_refine_hist.number_reflns_R_free             ? 
_refine_hist.number_reflns_R_work             ? 
_refine_hist.R_factor_all                     ? 
_refine_hist.R_factor_obs                     ? 
_refine_hist.R_factor_R_free                  ? 
_refine_hist.R_factor_R_work                  ? 
_refine_hist.pdbx_number_residues_total       163 
_refine_hist.pdbx_B_iso_mean_ligand           25.26 
_refine_hist.pdbx_B_iso_mean_solvent          23.25 
_refine_hist.pdbx_number_atoms_protein        1289 
_refine_hist.pdbx_number_atoms_nucleic_acid   0 
_refine_hist.pdbx_number_atoms_ligand         28 
_refine_hist.pdbx_number_atoms_lipid          ? 
_refine_hist.pdbx_number_atoms_carb           ? 
_refine_hist.pdbx_pseudo_atom_details         ? 
# 
loop_
_refine_ls_restr.pdbx_refine_id 
_refine_ls_restr.criterion 
_refine_ls_restr.dev_ideal 
_refine_ls_restr.dev_ideal_target 
_refine_ls_restr.number 
_refine_ls_restr.rejects 
_refine_ls_restr.type 
_refine_ls_restr.weight 
_refine_ls_restr.pdbx_restraint_function 
'X-RAY DIFFRACTION' ? 0.004 ? 1395 ? f_bond_d           ? ? 
'X-RAY DIFFRACTION' ? 0.740 ? 1873 ? f_angle_d          ? ? 
'X-RAY DIFFRACTION' ? 0.061 ? 204  ? f_chiral_restr     ? ? 
'X-RAY DIFFRACTION' ? 0.005 ? 239  ? f_plane_restr      ? ? 
'X-RAY DIFFRACTION' ? 2.462 ? 1445 ? f_dihedral_angle_d ? ? 
# 
loop_
_refine_ls_shell.pdbx_refine_id 
_refine_ls_shell.d_res_high 
_refine_ls_shell.d_res_low 
_refine_ls_shell.number_reflns_all 
_refine_ls_shell.number_reflns_obs 
_refine_ls_shell.number_reflns_R_free 
_refine_ls_shell.number_reflns_R_work 
_refine_ls_shell.percent_reflns_obs 
_refine_ls_shell.percent_reflns_R_free 
_refine_ls_shell.R_factor_all 
_refine_ls_shell.R_factor_obs 
_refine_ls_shell.R_factor_R_free 
_refine_ls_shell.R_factor_R_free_error 
_refine_ls_shell.R_factor_R_work 
_refine_ls_shell.redundancy_reflns_all 
_refine_ls_shell.redundancy_reflns_obs 
_refine_ls_shell.wR_factor_all 
_refine_ls_shell.wR_factor_obs 
_refine_ls_shell.wR_factor_R_free 
_refine_ls_shell.wR_factor_R_work 
_refine_ls_shell.pdbx_R_complete 
_refine_ls_shell.pdbx_total_number_of_bins_used 
_refine_ls_shell.pdbx_phase_error 
_refine_ls_shell.pdbx_fsc_work 
_refine_ls_shell.pdbx_fsc_free 
'X-RAY DIFFRACTION' 1.0200 1.0316  . . 139 2330 73.0000  . . . 0.3628 0.0000 0.3900 . . . . . . . . . . . 
'X-RAY DIFFRACTION' 1.0316 1.0437  . . 136 2635 81.0000  . . . 0.3583 0.0000 0.3702 . . . . . . . . . . . 
'X-RAY DIFFRACTION' 1.0437 1.0565  . . 150 2842 88.0000  . . . 0.3603 0.0000 0.3536 . . . . . . . . . . . 
'X-RAY DIFFRACTION' 1.0565 1.0698  . . 129 3011 93.0000  . . . 0.3085 0.0000 0.3204 . . . . . . . . . . . 
'X-RAY DIFFRACTION' 1.0698 1.0839  . . 137 3161 97.0000  . . . 0.2307 0.0000 0.3080 . . . . . . . . . . . 
'X-RAY DIFFRACTION' 1.0839 1.0988  . . 161 3250 99.0000  . . . 0.2547 0.0000 0.2839 . . . . . . . . . . . 
'X-RAY DIFFRACTION' 1.0988 1.1145  . . 177 3216 100.0000 . . . 0.2611 0.0000 0.2703 . . . . . . . . . . . 
'X-RAY DIFFRACTION' 1.1145 1.1311  . . 156 3226 100.0000 . . . 0.2651 0.0000 0.2563 . . . . . . . . . . . 
'X-RAY DIFFRACTION' 1.1311 1.1488  . . 183 3216 100.0000 . . . 0.2656 0.0000 0.2438 . . . . . . . . . . . 
'X-RAY DIFFRACTION' 1.1488 1.1676  . . 171 3230 100.0000 . . . 0.2356 0.0000 0.2411 . . . . . . . . . . . 
'X-RAY DIFFRACTION' 1.1676 1.1878  . . 187 3216 100.0000 . . . 0.2352 0.0000 0.2371 . . . . . . . . . . . 
'X-RAY DIFFRACTION' 1.1878 1.2094  . . 158 3259 100.0000 . . . 0.2243 0.0000 0.2288 . . . . . . . . . . . 
'X-RAY DIFFRACTION' 1.2094 1.2326  . . 157 3289 100.0000 . . . 0.2155 0.0000 0.2242 . . . . . . . . . . . 
'X-RAY DIFFRACTION' 1.2326 1.2578  . . 163 3215 100.0000 . . . 0.2345 0.0000 0.2253 . . . . . . . . . . . 
'X-RAY DIFFRACTION' 1.2578 1.2851  . . 191 3225 100.0000 . . . 0.2638 0.0000 0.2174 . . . . . . . . . . . 
'X-RAY DIFFRACTION' 1.2851 1.3150  . . 202 3216 100.0000 . . . 0.2136 0.0000 0.2174 . . . . . . . . . . . 
'X-RAY DIFFRACTION' 1.3150 1.3479  . . 157 3255 100.0000 . . . 0.2376 0.0000 0.2145 . . . . . . . . . . . 
'X-RAY DIFFRACTION' 1.3479 1.3844  . . 188 3217 100.0000 . . . 0.2238 0.0000 0.2159 . . . . . . . . . . . 
'X-RAY DIFFRACTION' 1.3844 1.4251  . . 149 3274 100.0000 . . . 0.2124 0.0000 0.2186 . . . . . . . . . . . 
'X-RAY DIFFRACTION' 1.4251 1.4711  . . 161 3294 100.0000 . . . 0.2624 0.0000 0.2148 . . . . . . . . . . . 
'X-RAY DIFFRACTION' 1.4711 1.5237  . . 162 3260 100.0000 . . . 0.1988 0.0000 0.2014 . . . . . . . . . . . 
'X-RAY DIFFRACTION' 1.5237 1.5847  . . 202 3253 100.0000 . . . 0.2154 0.0000 0.2018 . . . . . . . . . . . 
'X-RAY DIFFRACTION' 1.5847 1.6568  . . 180 3254 100.0000 . . . 0.2066 0.0000 0.1947 . . . . . . . . . . . 
'X-RAY DIFFRACTION' 1.6568 1.7442  . . 167 3267 100.0000 . . . 0.2132 0.0000 0.1997 . . . . . . . . . . . 
'X-RAY DIFFRACTION' 1.7442 1.8534  . . 197 3260 100.0000 . . . 0.1938 0.0000 0.1974 . . . . . . . . . . . 
'X-RAY DIFFRACTION' 1.8534 1.9966  . . 158 3338 100.0000 . . . 0.2204 0.0000 0.2022 . . . . . . . . . . . 
'X-RAY DIFFRACTION' 1.9966 2.1975  . . 181 3287 100.0000 . . . 0.1819 0.0000 0.1819 . . . . . . . . . . . 
'X-RAY DIFFRACTION' 2.1975 2.5154  . . 173 3338 100.0000 . . . 0.2153 0.0000 0.2028 . . . . . . . . . . . 
'X-RAY DIFFRACTION' 2.5154 3.1691  . . 190 3352 100.0000 . . . 0.2088 0.0000 0.2088 . . . . . . . . . . . 
'X-RAY DIFFRACTION' 3.1691 45.8400 . . 208 3480 100.0000 . . . 0.2010 0.0000 0.2010 . . . . . . . . . . . 
# 
_struct.entry_id                     7LOD 
_struct.title                        'T4 lysozyme mutant L99A in complex with 1-fluoranyl-4-iodanyl-benzene' 
_struct.pdbx_model_details           ? 
_struct.pdbx_formula_weight          ? 
_struct.pdbx_formula_weight_method   ? 
_struct.pdbx_model_type_details      ? 
_struct.pdbx_CASP_flag               N 
# 
_struct_keywords.entry_id        7LOD 
_struct_keywords.text            'mutant, lysozyme, small molecule, L99A, complex, PROTEIN BINDING, HYDROLASE' 
_struct_keywords.pdbx_keywords   'PROTEIN BINDING,HYDROLASE' 
# 
loop_
_struct_asym.id 
_struct_asym.pdbx_blank_PDB_chainid_flag 
_struct_asym.pdbx_modified 
_struct_asym.entity_id 
_struct_asym.details 
A N N 1 ? 
B N N 2 ? 
C N N 3 ? 
D N N 3 ? 
E N N 3 ? 
F N N 4 ? 
G N N 5 ? 
# 
loop_
_struct_conf.conf_type_id 
_struct_conf.id 
_struct_conf.pdbx_PDB_helix_id 
_struct_conf.beg_label_comp_id 
_struct_conf.beg_label_asym_id 
_struct_conf.beg_label_seq_id 
_struct_conf.pdbx_beg_PDB_ins_code 
_struct_conf.end_label_comp_id 
_struct_conf.end_label_asym_id 
_struct_conf.end_label_seq_id 
_struct_conf.pdbx_end_PDB_ins_code 
_struct_conf.beg_auth_comp_id 
_struct_conf.beg_auth_asym_id 
_struct_conf.beg_auth_seq_id 
_struct_conf.end_auth_comp_id 
_struct_conf.end_auth_asym_id 
_struct_conf.end_auth_seq_id 
_struct_conf.pdbx_PDB_helix_class 
_struct_conf.details 
_struct_conf.pdbx_PDB_helix_length 
HELX_P HELX_P1  AA1 ASN A 2   ? GLY A 12  ? ASN A 2   GLY A 12  1 ? 11 
HELX_P HELX_P2  AA2 SER A 38  ? GLY A 51  ? SER A 38  GLY A 51  1 ? 14 
HELX_P HELX_P3  AA3 THR A 59  ? ASN A 81  ? THR A 59  ASN A 81  1 ? 23 
HELX_P HELX_P4  AA4 LYS A 83  ? LEU A 91  ? LYS A 83  LEU A 91  1 ? 9  
HELX_P HELX_P5  AA5 ASP A 92  ? GLY A 107 ? ASP A 92  GLY A 107 1 ? 16 
HELX_P HELX_P6  AA6 GLY A 107 ? GLY A 113 ? GLY A 107 GLY A 113 1 ? 7  
HELX_P HELX_P7  AA7 PHE A 114 ? GLN A 123 ? PHE A 114 GLN A 123 1 ? 10 
HELX_P HELX_P8  AA8 ARG A 125 ? LYS A 135 ? ARG A 125 LYS A 135 1 ? 11 
HELX_P HELX_P9  AA9 SER A 136 ? THR A 142 ? SER A 136 THR A 142 1 ? 7  
HELX_P HELX_P10 AB1 THR A 142 ? GLY A 156 ? THR A 142 GLY A 156 1 ? 15 
# 
_struct_conf_type.id          HELX_P 
_struct_conf_type.criteria    ? 
_struct_conf_type.reference   ? 
# 
_struct_sheet.id               AA1 
_struct_sheet.type             ? 
_struct_sheet.number_strands   3 
_struct_sheet.details          ? 
# 
loop_
_struct_sheet_order.sheet_id 
_struct_sheet_order.range_id_1 
_struct_sheet_order.range_id_2 
_struct_sheet_order.offset 
_struct_sheet_order.sense 
AA1 1 2 ? anti-parallel 
AA1 2 3 ? anti-parallel 
# 
loop_
_struct_sheet_range.sheet_id 
_struct_sheet_range.id 
_struct_sheet_range.beg_label_comp_id 
_struct_sheet_range.beg_label_asym_id 
_struct_sheet_range.beg_label_seq_id 
_struct_sheet_range.pdbx_beg_PDB_ins_code 
_struct_sheet_range.end_label_comp_id 
_struct_sheet_range.end_label_asym_id 
_struct_sheet_range.end_label_seq_id 
_struct_sheet_range.pdbx_end_PDB_ins_code 
_struct_sheet_range.beg_auth_comp_id 
_struct_sheet_range.beg_auth_asym_id 
_struct_sheet_range.beg_auth_seq_id 
_struct_sheet_range.end_auth_comp_id 
_struct_sheet_range.end_auth_asym_id 
_struct_sheet_range.end_auth_seq_id 
AA1 1 ARG A 14 ? LYS A 19 ? ARG A 14 LYS A 19 
AA1 2 TYR A 25 ? GLY A 28 ? TYR A 25 GLY A 28 
AA1 3 HIS A 31 ? THR A 34 ? HIS A 31 THR A 34 
# 
loop_
_pdbx_struct_sheet_hbond.sheet_id 
_pdbx_struct_sheet_hbond.range_id_1 
_pdbx_struct_sheet_hbond.range_id_2 
_pdbx_struct_sheet_hbond.range_1_label_atom_id 
_pdbx_struct_sheet_hbond.range_1_label_comp_id 
_pdbx_struct_sheet_hbond.range_1_label_asym_id 
_pdbx_struct_sheet_hbond.range_1_label_seq_id 
_pdbx_struct_sheet_hbond.range_1_PDB_ins_code 
_pdbx_struct_sheet_hbond.range_1_auth_atom_id 
_pdbx_struct_sheet_hbond.range_1_auth_comp_id 
_pdbx_struct_sheet_hbond.range_1_auth_asym_id 
_pdbx_struct_sheet_hbond.range_1_auth_seq_id 
_pdbx_struct_sheet_hbond.range_2_label_atom_id 
_pdbx_struct_sheet_hbond.range_2_label_comp_id 
_pdbx_struct_sheet_hbond.range_2_label_asym_id 
_pdbx_struct_sheet_hbond.range_2_label_seq_id 
_pdbx_struct_sheet_hbond.range_2_PDB_ins_code 
_pdbx_struct_sheet_hbond.range_2_auth_atom_id 
_pdbx_struct_sheet_hbond.range_2_auth_comp_id 
_pdbx_struct_sheet_hbond.range_2_auth_asym_id 
_pdbx_struct_sheet_hbond.range_2_auth_seq_id 
AA1 1 2 N TYR A 18 ? N TYR A 18 O THR A 26 ? O THR A 26 
AA1 2 3 N TYR A 25 ? N TYR A 25 O LEU A 33 ? O LEU A 33 
# 
loop_
_struct_site.id 
_struct_site.pdbx_evidence_code 
_struct_site.pdbx_auth_asym_id 
_struct_site.pdbx_auth_comp_id 
_struct_site.pdbx_auth_seq_id 
_struct_site.pdbx_auth_ins_code 
_struct_site.pdbx_num_residues 
_struct_site.details 
AC1 Software A Y8D 201 ? 10 'binding site for residue Y8D A 201' 
AC2 Software A BME 202 ? 7  'binding site for residue BME A 202' 
AC3 Software A BME 203 ? 6  'binding site for residue BME A 203' 
AC4 Software A BME 204 ? 6  'binding site for residue BME A 204' 
AC5 Software A TRS 205 ? 5  'binding site for residue TRS A 205' 
# 
loop_
_struct_site_gen.id 
_struct_site_gen.site_id 
_struct_site_gen.pdbx_num_res 
_struct_site_gen.label_comp_id 
_struct_site_gen.label_asym_id 
_struct_site_gen.label_seq_id 
_struct_site_gen.pdbx_auth_ins_code 
_struct_site_gen.auth_comp_id 
_struct_site_gen.auth_asym_id 
_struct_site_gen.auth_seq_id 
_struct_site_gen.label_atom_id 
_struct_site_gen.label_alt_id 
_struct_site_gen.symmetry 
_struct_site_gen.details 
1  AC1 10 ILE A 78  ? ILE A 78  . ? 1_555 ? 
2  AC1 10 LEU A 84  ? LEU A 84  . ? 1_555 ? 
3  AC1 10 VAL A 87  ? VAL A 87  . ? 1_555 ? 
4  AC1 10 TYR A 88  ? TYR A 88  . ? 1_555 ? 
5  AC1 10 ALA A 99  ? ALA A 99  . ? 1_555 ? 
6  AC1 10 MET A 102 ? MET A 102 . ? 1_555 ? 
7  AC1 10 VAL A 111 ? VAL A 111 . ? 1_555 ? 
8  AC1 10 LEU A 118 ? LEU A 118 . ? 1_555 ? 
9  AC1 10 PHE A 153 ? PHE A 153 . ? 1_555 ? 
10 AC1 10 HOH G .   ? HOH A 404 . ? 1_555 ? 
11 AC2 7  GLY A 30  ? GLY A 30  . ? 1_555 ? 
12 AC2 7  LEU A 32  ? LEU A 32  . ? 1_555 ? 
13 AC2 7  ASP A 70  ? ASP A 70  . ? 1_555 ? 
14 AC2 7  PHE A 104 ? PHE A 104 . ? 1_555 ? 
15 AC2 7  TRS F .   ? TRS A 205 . ? 1_555 ? 
16 AC2 7  HOH G .   ? HOH A 371 . ? 1_555 ? 
17 AC2 7  HOH G .   ? HOH A 384 . ? 1_555 ? 
18 AC3 6  ASN A 68  ? ASN A 68  . ? 1_555 ? 
19 AC3 6  ASP A 72  ? ASP A 72  . ? 1_555 ? 
20 AC3 6  TYR A 88  ? TYR A 88  . ? 4_465 ? 
21 AC3 6  ALA A 93  ? ALA A 93  . ? 4_465 ? 
22 AC3 6  ARG A 96  ? ARG A 96  . ? 4_465 ? 
23 AC3 6  ILE A 100 ? ILE A 100 . ? 4_465 ? 
24 AC4 6  LYS A 19  ? LYS A 19  . ? 1_555 ? 
25 AC4 6  ARG A 125 ? ARG A 125 . ? 6_444 ? 
26 AC4 6  TRP A 126 ? TRP A 126 . ? 6_444 ? 
27 AC4 6  ASP A 127 ? ASP A 127 . ? 6_444 ? 
28 AC4 6  GLU A 128 ? GLU A 128 . ? 6_444 ? 
29 AC4 6  HOH G .   ? HOH A 391 . ? 6_444 ? 
30 AC5 5  GLU A 11  ? GLU A 11  . ? 1_555 ? 
31 AC5 5  GLY A 30  ? GLY A 30  . ? 1_555 ? 
32 AC5 5  GLN A 105 ? GLN A 105 . ? 1_555 ? 
33 AC5 5  BME C .   ? BME A 202 . ? 1_555 ? 
34 AC5 5  HOH G .   ? HOH A 309 . ? 1_555 ? 
# 
_atom_sites.entry_id                    7LOD 
_atom_sites.Cartn_transf_matrix[1][1]   ? 
_atom_sites.Cartn_transf_matrix[1][2]   ? 
_atom_sites.Cartn_transf_matrix[1][3]   ? 
_atom_sites.Cartn_transf_matrix[2][1]   ? 
_atom_sites.Cartn_transf_matrix[2][2]   ? 
_atom_sites.Cartn_transf_matrix[2][3]   ? 
_atom_sites.Cartn_transf_matrix[3][1]   ? 
_atom_sites.Cartn_transf_matrix[3][2]   ? 
_atom_sites.Cartn_transf_matrix[3][3]   ? 
_atom_sites.Cartn_transf_vector[1]      ? 
_atom_sites.Cartn_transf_vector[2]      ? 
_atom_sites.Cartn_transf_vector[3]      ? 
_atom_sites.fract_transf_matrix[1][1]   0.00335542 
_atom_sites.fract_transf_matrix[1][2]   0.01827798 
_atom_sites.fract_transf_matrix[1][3]   0.00473967 
_atom_sites.fract_transf_matrix[2][1]   0.01651905 
_atom_sites.fract_transf_matrix[2][2]   0.00483544 
_atom_sites.fract_transf_matrix[2][3]   0.00845785 
_atom_sites.fract_transf_matrix[3][1]   0.00429795 
_atom_sites.fract_transf_matrix[3][2]   0.00162928 
_atom_sites.fract_transf_matrix[3][3]   -0.00932581 
_atom_sites.fract_transf_vector[1]      -0.454925 
_atom_sites.fract_transf_vector[2]      0.319682 
_atom_sites.fract_transf_vector[3]      -0.066761 
_atom_sites.solution_primary            ? 
_atom_sites.solution_secondary          ? 
_atom_sites.solution_hydrogens          ? 
_atom_sites.special_details             ? 
# 
loop_
_atom_type.symbol 
C 
F 
I 
N 
O 
S 
# 
loop_
_atom_site.group_PDB 
_atom_site.id 
_atom_site.type_symbol 
_atom_site.label_atom_id 
_atom_site.label_alt_id 
_atom_site.label_comp_id 
_atom_site.label_asym_id 
_atom_site.label_entity_id 
_atom_site.label_seq_id 
_atom_site.pdbx_PDB_ins_code 
_atom_site.Cartn_x 
_atom_site.Cartn_y 
_atom_site.Cartn_z 
_atom_site.occupancy 
_atom_site.B_iso_or_equiv 
_atom_site.pdbx_formal_charge 
_atom_site.auth_seq_id 
_atom_site.auth_comp_id 
_atom_site.auth_asym_id 
_atom_site.auth_atom_id 
_atom_site.pdbx_PDB_model_num 
ATOM   1    N N   A MET A 1 1   ? 4.460   -16.861 -0.059  0.48 17.11 ? 1   MET A N   1 
ATOM   2    N N   B MET A 1 1   ? 4.737   -16.859 -0.709  0.52 19.69 ? 1   MET A N   1 
ATOM   3    C CA  A MET A 1 1   ? 3.954   -15.498 -0.160  0.48 15.57 ? 1   MET A CA  1 
ATOM   4    C CA  B MET A 1 1   ? 4.138   -15.603 -0.285  0.52 18.96 ? 1   MET A CA  1 
ATOM   5    C C   A MET A 1 1   ? 5.083   -14.464 -0.058  0.48 14.42 ? 1   MET A C   1 
ATOM   6    C C   B MET A 1 1   ? 5.185   -14.504 -0.158  0.52 14.75 ? 1   MET A C   1 
ATOM   7    O O   A MET A 1 1   ? 6.100   -14.683 0.603   0.48 15.10 ? 1   MET A O   1 
ATOM   8    O O   B MET A 1 1   ? 6.235   -14.700 0.459   0.52 14.33 ? 1   MET A O   1 
ATOM   9    C CB  A MET A 1 1   ? 2.846   -15.237 0.866   0.48 18.21 ? 1   MET A CB  1 
ATOM   10   C CB  B MET A 1 1   ? 3.393   -15.797 1.027   0.52 21.09 ? 1   MET A CB  1 
ATOM   11   C CG  A MET A 1 1   ? 1.775   -14.279 0.369   0.48 12.25 ? 1   MET A CG  1 
ATOM   12   C CG  B MET A 1 1   ? 2.081   -16.507 0.840   0.52 21.64 ? 1   MET A CG  1 
ATOM   13   S SD  A MET A 1 1   ? 0.388   -15.124 -0.420  0.48 23.39 ? 1   MET A SD  1 
ATOM   14   S SD  B MET A 1 1   ? 0.680   -15.410 1.045   0.52 14.46 ? 1   MET A SD  1 
ATOM   15   C CE  A MET A 1 1   ? 0.104   -16.459 0.735   0.48 21.13 ? 1   MET A CE  1 
ATOM   16   C CE  B MET A 1 1   ? 0.945   -14.129 -0.191  0.52 16.63 ? 1   MET A CE  1 
ATOM   17   N N   . ASN A 1 2   ? 4.899   -13.355 -0.769  1.00 12.75 ? 2   ASN A N   1 
ATOM   18   C CA  . ASN A 1 2   ? 5.832   -12.236 -0.787  1.00 12.96 ? 2   ASN A CA  1 
ATOM   19   C C   . ASN A 1 2   ? 5.004   -10.974 -1.000  1.00 10.87 ? 2   ASN A C   1 
ATOM   20   O O   . ASN A 1 2   ? 3.791   -11.038 -1.200  1.00 11.24 ? 2   ASN A O   1 
ATOM   21   C CB  . ASN A 1 2   ? 6.897   -12.428 -1.873  1.00 13.14 ? 2   ASN A CB  1 
ATOM   22   C CG  . ASN A 1 2   ? 6.293   -12.563 -3.252  1.00 12.81 ? 2   ASN A CG  1 
ATOM   23   O OD1 . ASN A 1 2   ? 5.553   -11.688 -3.694  1.00 12.64 ? 2   ASN A OD1 1 
ATOM   24   N ND2 . ASN A 1 2   ? 6.604   -13.661 -3.942  1.00 14.51 ? 2   ASN A ND2 1 
ATOM   25   N N   . ILE A 1 3   ? 5.664   -9.820  -0.967  1.00 10.73 ? 3   ILE A N   1 
ATOM   26   C CA  . ILE A 1 3   ? 4.940   -8.552  -1.032  1.00 11.01 ? 3   ILE A CA  1 
ATOM   27   C C   . ILE A 1 3   ? 4.157   -8.428  -2.338  1.00 10.80 ? 3   ILE A C   1 
ATOM   28   O O   . ILE A 1 3   ? 3.070   -7.840  -2.370  1.00 10.74 ? 3   ILE A O   1 
ATOM   29   C CB  . ILE A 1 3   ? 5.898   -7.364  -0.805  1.00 11.30 ? 3   ILE A CB  1 
ATOM   30   C CG1 . ILE A 1 3   ? 5.143   -6.032  -0.826  1.00 12.01 ? 3   ILE A CG1 1 
ATOM   31   C CG2 . ILE A 1 3   ? 7.037   -7.352  -1.825  1.00 13.03 ? 3   ILE A CG2 1 
ATOM   32   C CD1 . ILE A 1 3   ? 4.007   -5.943  0.188   1.00 11.30 ? 3   ILE A CD1 1 
ATOM   33   N N   . PHE A 1 4   ? 4.709   -8.946  -3.444  1.00 10.76 ? 4   PHE A N   1 
ATOM   34   C CA  . PHE A 1 4   ? 4.009   -8.847  -4.724  1.00 11.32 ? 4   PHE A CA  1 
ATOM   35   C C   . PHE A 1 4   ? 2.719   -9.654  -4.712  1.00 11.51 ? 4   PHE A C   1 
ATOM   36   O O   . PHE A 1 4   ? 1.665   -9.160  -5.126  1.00 11.75 ? 4   PHE A O   1 
ATOM   37   C CB  . PHE A 1 4   ? 4.930   -9.252  -5.879  1.00 11.54 ? 4   PHE A CB  1 
ATOM   38   C CG  . PHE A 1 4   ? 6.097   -8.330  -6.045  1.00 11.56 ? 4   PHE A CG  1 
ATOM   39   C CD1 . PHE A 1 4   ? 5.983   -7.174  -6.791  1.00 15.95 ? 4   PHE A CD1 1 
ATOM   40   C CD2 . PHE A 1 4   ? 7.295   -8.602  -5.429  1.00 12.96 ? 4   PHE A CD2 1 
ATOM   41   C CE1 . PHE A 1 4   ? 7.059   -6.312  -6.923  1.00 17.01 ? 4   PHE A CE1 1 
ATOM   42   C CE2 . PHE A 1 4   ? 8.367   -7.746  -5.556  1.00 16.50 ? 4   PHE A CE2 1 
ATOM   43   C CZ  . PHE A 1 4   ? 8.247   -6.601  -6.306  1.00 16.79 ? 4   PHE A CZ  1 
ATOM   44   N N   . GLU A 1 5   ? 2.777   -10.904 -4.235  1.00 11.72 ? 5   GLU A N   1 
ATOM   45   C CA  . GLU A 1 5   ? 1.563   -11.716 -4.173  1.00 12.27 ? 5   GLU A CA  1 
ATOM   46   C C   . GLU A 1 5   ? 0.550   -11.111 -3.212  1.00 11.74 ? 5   GLU A C   1 
ATOM   47   O O   . GLU A 1 5   ? -0.654  -11.110 -3.487  1.00 12.28 ? 5   GLU A O   1 
ATOM   48   C CB  . GLU A 1 5   ? 1.891   -13.150 -3.753  1.00 13.41 ? 5   GLU A CB  1 
ATOM   49   C CG  . GLU A 1 5   ? 2.751   -13.909 -4.736  1.00 16.62 ? 5   GLU A CG  1 
ATOM   50   C CD  . GLU A 1 5   ? 2.956   -15.359 -4.335  1.00 22.48 ? 5   GLU A CD  1 
ATOM   51   O OE1 . GLU A 1 5   ? 2.329   -15.809 -3.349  1.00 26.66 ? 5   GLU A OE1 1 
ATOM   52   O OE2 . GLU A 1 5   ? 3.750   -16.051 -5.008  1.00 27.86 ? 5   GLU A OE2 1 
ATOM   53   N N   . MET A 1 6   ? 1.031   -10.579 -2.089  1.00 10.90 ? 6   MET A N   1 
ATOM   54   C CA  . MET A 1 6   ? 0.152   -10.003 -1.077  1.00 10.91 ? 6   MET A CA  1 
ATOM   55   C C   . MET A 1 6   ? -0.610  -8.811  -1.638  1.00 10.21 ? 6   MET A C   1 
ATOM   56   O O   . MET A 1 6   ? -1.843  -8.739  -1.551  1.00 11.03 ? 6   MET A O   1 
ATOM   57   C CB  . MET A 1 6   ? 1.013   -9.572  0.104   1.00 10.79 ? 6   MET A CB  1 
ATOM   58   C CG  . MET A 1 6   ? 0.233   -9.006  1.272   1.00 10.72 ? 6   MET A CG  1 
ATOM   59   S SD  . MET A 1 6   ? 1.335   -8.059  2.337   1.00 11.14 ? 6   MET A SD  1 
ATOM   60   C CE  . MET A 1 6   ? 0.489   -8.130  3.926   1.00 12.64 ? 6   MET A CE  1 
ATOM   61   N N   . LEU A 1 7   ? 0.113   -7.881  -2.265  1.00 10.98 ? 7   LEU A N   1 
ATOM   62   C CA  . LEU A 1 7   ? -0.540  -6.705  -2.819  1.00 10.66 ? 7   LEU A CA  1 
ATOM   63   C C   . LEU A 1 7   ? -1.376  -7.049  -4.047  1.00 11.31 ? 7   LEU A C   1 
ATOM   64   O O   . LEU A 1 7   ? -2.397  -6.401  -4.293  1.00 11.96 ? 7   LEU A O   1 
ATOM   65   C CB  . LEU A 1 7   ? 0.478   -5.606  -3.121  1.00 11.10 ? 7   LEU A CB  1 
ATOM   66   C CG  . LEU A 1 7   ? 0.835   -4.741  -1.912  1.00 11.09 ? 7   LEU A CG  1 
ATOM   67   C CD1 . LEU A 1 7   ? 2.087   -3.928  -2.204  1.00 11.76 ? 7   LEU A CD1 1 
ATOM   68   C CD2 . LEU A 1 7   ? -0.320  -3.826  -1.534  1.00 11.78 ? 7   LEU A CD2 1 
ATOM   69   N N   . ARG A 1 8   ? -0.966  -8.047  -4.835  1.00 11.83 ? 8   ARG A N   1 
ATOM   70   C CA  . ARG A 1 8   ? -1.799  -8.471  -5.955  1.00 13.02 ? 8   ARG A CA  1 
ATOM   71   C C   . ARG A 1 8   ? -3.152  -8.979  -5.469  1.00 13.45 ? 8   ARG A C   1 
ATOM   72   O O   . ARG A 1 8   ? -4.187  -8.711  -6.094  1.00 14.00 ? 8   ARG A O   1 
ATOM   73   C CB  . ARG A 1 8   ? -1.064  -9.537  -6.769  1.00 13.50 ? 8   ARG A CB  1 
ATOM   74   C CG  . ARG A 1 8   ? -1.898  -10.215 -7.838  1.00 15.65 ? 8   ARG A CG  1 
ATOM   75   C CD  . ARG A 1 8   ? -2.388  -9.252  -8.910  1.00 16.46 ? 8   ARG A CD  1 
ATOM   76   N NE  . ARG A 1 8   ? -3.156  -9.972  -9.922  1.00 20.57 ? 8   ARG A NE  1 
ATOM   77   C CZ  . ARG A 1 8   ? -4.433  -10.311 -9.785  1.00 22.46 ? 8   ARG A CZ  1 
ATOM   78   N NH1 . ARG A 1 8   ? -5.088  -10.002 -8.677  1.00 21.96 ? 8   ARG A NH1 1 
ATOM   79   N NH2 . ARG A 1 8   ? -5.054  -10.972 -10.755 1.00 27.31 ? 8   ARG A NH2 1 
ATOM   80   N N   . ILE A 1 9   ? -3.164  -9.711  -4.351  1.00 13.10 ? 9   ILE A N   1 
ATOM   81   C CA  . ILE A 1 9   ? -4.426  -10.131 -3.742  1.00 14.21 ? 9   ILE A CA  1 
ATOM   82   C C   . ILE A 1 9   ? -5.237  -8.921  -3.299  1.00 12.01 ? 9   ILE A C   1 
ATOM   83   O O   . ILE A 1 9   ? -6.435  -8.820  -3.579  1.00 14.03 ? 9   ILE A O   1 
ATOM   84   C CB  . ILE A 1 9   ? -4.159  -11.095 -2.572  1.00 13.43 ? 9   ILE A CB  1 
ATOM   85   C CG1 . ILE A 1 9   ? -3.672  -12.443 -3.106  1.00 15.86 ? 9   ILE A CG1 1 
ATOM   86   C CG2 . ILE A 1 9   ? -5.404  -11.247 -1.685  1.00 14.85 ? 9   ILE A CG2 1 
ATOM   87   C CD1 . ILE A 1 9   ? -3.061  -13.338 -2.042  1.00 16.39 ? 9   ILE A CD1 1 
ATOM   88   N N   . ASP A 1 10  ? -4.595  -7.987  -2.598  1.00 11.16 ? 10  ASP A N   1 
ATOM   89   C CA  . ASP A 1 10  ? -5.321  -6.860  -2.021  1.00 11.12 ? 10  ASP A CA  1 
ATOM   90   C C   . ASP A 1 10  ? -5.807  -5.875  -3.076  1.00 10.96 ? 10  ASP A C   1 
ATOM   91   O O   . ASP A 1 10  ? -6.842  -5.227  -2.882  1.00 12.76 ? 10  ASP A O   1 
ATOM   92   C CB  . ASP A 1 10  ? -4.448  -6.148  -0.993  1.00 11.45 ? 10  ASP A CB  1 
ATOM   93   C CG  . ASP A 1 10  ? -4.340  -6.913  0.317   1.00 11.18 ? 10  ASP A CG  1 
ATOM   94   O OD1 . ASP A 1 10  ? -5.274  -7.684  0.639   1.00 11.41 ? 10  ASP A OD1 1 
ATOM   95   O OD2 . ASP A 1 10  ? -3.321  -6.727  1.029   1.00 11.88 ? 10  ASP A OD2 1 
ATOM   96   N N   . GLU A 1 11  ? -5.082  -5.735  -4.183  1.00 11.11 ? 11  GLU A N   1 
ATOM   97   C CA  . GLU A 1 11  ? -5.397  -4.714  -5.176  1.00 11.10 ? 11  GLU A CA  1 
ATOM   98   C C   . GLU A 1 11  ? -6.108  -5.244  -6.417  1.00 11.57 ? 11  GLU A C   1 
ATOM   99   O O   . GLU A 1 11  ? -6.733  -4.452  -7.138  1.00 13.22 ? 11  GLU A O   1 
ATOM   100  C CB  . GLU A 1 11  ? -4.121  -3.978  -5.621  1.00 11.95 ? 11  GLU A CB  1 
ATOM   101  C CG  . GLU A 1 11  ? -3.365  -3.293  -4.492  1.00 12.60 ? 11  GLU A CG  1 
ATOM   102  C CD  . GLU A 1 11  ? -4.066  -2.064  -3.949  1.00 12.01 ? 11  GLU A CD  1 
ATOM   103  O OE1 . GLU A 1 11  ? -4.966  -1.513  -4.628  1.00 14.05 ? 11  GLU A OE1 1 
ATOM   104  O OE2 . GLU A 1 11  ? -3.714  -1.648  -2.822  1.00 13.82 ? 11  GLU A OE2 1 
ATOM   105  N N   . GLY A 1 12  ? -6.011  -6.533  -6.702  1.00 12.59 ? 12  GLY A N   1 
ATOM   106  C CA  . GLY A 1 12  ? -6.566  -7.055  -7.940  1.00 13.20 ? 12  GLY A CA  1 
ATOM   107  C C   . GLY A 1 12  ? -5.752  -6.606  -9.147  1.00 12.77 ? 12  GLY A C   1 
ATOM   108  O O   . GLY A 1 12  ? -4.665  -6.038  -9.036  1.00 12.83 ? 12  GLY A O   1 
ATOM   109  N N   . LEU A 1 13  ? -6.311  -6.875  -10.325 1.00 13.78 ? 13  LEU A N   1 
ATOM   110  C CA  . LEU A 1 13  ? -5.696  -6.481  -11.587 1.00 14.30 ? 13  LEU A CA  1 
ATOM   111  C C   . LEU A 1 13  ? -6.792  -6.048  -12.543 1.00 15.99 ? 13  LEU A C   1 
ATOM   112  O O   . LEU A 1 13  ? -7.686  -6.838  -12.858 1.00 16.96 ? 13  LEU A O   1 
ATOM   113  C CB  . LEU A 1 13  ? -4.905  -7.642  -12.196 1.00 17.04 ? 13  LEU A CB  1 
ATOM   114  C CG  . LEU A 1 13  ? -4.395  -7.438  -13.625 1.00 17.13 ? 13  LEU A CG  1 
ATOM   115  C CD1 . LEU A 1 13  ? -3.382  -6.309  -13.681 1.00 16.97 ? 13  LEU A CD1 1 
ATOM   116  C CD2 . LEU A 1 13  ? -3.808  -8.724  -14.186 1.00 20.65 ? 13  LEU A CD2 1 
ATOM   117  N N   . ARG A 1 14  ? -6.723  -4.803  -13.005 1.00 14.92 ? 14  ARG A N   1 
ATOM   118  C CA  . ARG A 1 14  ? -7.645  -4.282  -14.008 1.00 15.31 ? 14  ARG A CA  1 
ATOM   119  C C   . ARG A 1 14  ? -6.850  -3.533  -15.065 1.00 14.68 ? 14  ARG A C   1 
ATOM   120  O O   . ARG A 1 14  ? -5.998  -2.704  -14.733 1.00 15.04 ? 14  ARG A O   1 
ATOM   121  C CB  . ARG A 1 14  ? -8.676  -3.360  -13.369 1.00 18.09 ? 14  ARG A CB  1 
ATOM   122  C CG  . ARG A 1 14  ? -9.614  -4.108  -12.462 1.00 18.59 ? 14  ARG A CG  1 
ATOM   123  C CD  . ARG A 1 14  ? -10.402 -3.169  -11.581 1.00 21.83 ? 14  ARG A CD  1 
ATOM   124  N NE  . ARG A 1 14  ? -11.342 -3.905  -10.746 1.00 26.69 ? 14  ARG A NE  1 
ATOM   125  C CZ  . ARG A 1 14  ? -11.070 -4.337  -9.520  1.00 29.48 ? 14  ARG A CZ  1 
ATOM   126  N NH1 . ARG A 1 14  ? -9.874  -4.122  -8.983  1.00 26.30 ? 14  ARG A NH1 1 
ATOM   127  N NH2 . ARG A 1 14  ? -11.991 -4.998  -8.831  1.00 30.34 ? 14  ARG A NH2 1 
ATOM   128  N N   . LEU A 1 15  ? -7.129  -3.815  -16.335 1.00 13.34 ? 15  LEU A N   1 
ATOM   129  C CA  . LEU A 1 15  ? -6.330  -3.269  -17.421 1.00 14.23 ? 15  LEU A CA  1 
ATOM   130  C C   . LEU A 1 15  ? -6.891  -1.970  -17.986 1.00 13.86 ? 15  LEU A C   1 
ATOM   131  O O   . LEU A 1 15  ? -6.250  -1.366  -18.848 1.00 15.11 ? 15  LEU A O   1 
ATOM   132  C CB  . LEU A 1 15  ? -6.173  -4.316  -18.529 1.00 14.99 ? 15  LEU A CB  1 
ATOM   133  C CG  . LEU A 1 15  ? -5.484  -5.610  -18.086 1.00 17.51 ? 15  LEU A CG  1 
ATOM   134  C CD1 . LEU A 1 15  ? -5.217  -6.498  -19.292 1.00 19.66 ? 15  LEU A CD1 1 
ATOM   135  C CD2 . LEU A 1 15  ? -4.185  -5.319  -17.346 1.00 18.65 ? 15  LEU A CD2 1 
ATOM   136  N N   . LYS A 1 16  ? -8.057  -1.529  -17.530 1.00 14.77 ? 16  LYS A N   1 
ATOM   137  C CA  . LYS A 1 16  ? -8.624  -0.249  -17.926 1.00 14.45 ? 16  LYS A CA  1 
ATOM   138  C C   . LYS A 1 16  ? -8.775  0.636   -16.698 1.00 11.42 ? 16  LYS A C   1 
ATOM   139  O O   . LYS A 1 16  ? -8.948  0.140   -15.579 1.00 12.88 ? 16  LYS A O   1 
ATOM   140  C CB  . LYS A 1 16  ? -9.978  -0.438  -18.624 1.00 17.90 ? 16  LYS A CB  1 
ATOM   141  C CG  . LYS A 1 16  ? -11.044 -1.077  -17.766 1.00 26.08 ? 16  LYS A CG  1 
ATOM   142  C CD  . LYS A 1 16  ? -11.888 -0.022  -17.087 1.00 26.31 ? 16  LYS A CD  1 
ATOM   143  C CE  . LYS A 1 16  ? -12.343 -0.452  -15.712 1.00 27.23 ? 16  LYS A CE  1 
ATOM   144  N NZ  . LYS A 1 16  ? -13.319 0.535   -15.190 1.00 27.65 ? 16  LYS A NZ  1 
ATOM   145  N N   . ILE A 1 17  ? -8.744  1.954   -16.912 1.00 13.17 ? 17  ILE A N   1 
ATOM   146  C CA  . ILE A 1 17  ? -8.888  2.903   -15.809 1.00 12.37 ? 17  ILE A CA  1 
ATOM   147  C C   . ILE A 1 17  ? -10.139 2.578   -15.012 1.00 11.73 ? 17  ILE A C   1 
ATOM   148  O O   . ILE A 1 17  ? -11.212 2.334   -15.577 1.00 14.10 ? 17  ILE A O   1 
ATOM   149  C CB  . ILE A 1 17  ? -8.911  4.348   -16.340 1.00 12.98 ? 17  ILE A CB  1 
ATOM   150  C CG1 . ILE A 1 17  ? -7.554  4.736   -16.924 1.00 13.75 ? 17  ILE A CG1 1 
ATOM   151  C CG2 . ILE A 1 17  ? -9.312  5.317   -15.227 1.00 15.07 ? 17  ILE A CG2 1 
ATOM   152  C CD1 . ILE A 1 17  ? -7.518  6.148   -17.485 1.00 15.11 ? 17  ILE A CD1 1 
ATOM   153  N N   . TYR A 1 18  ? -9.990  2.535   -13.692 1.00 11.80 ? 18  TYR A N   1 
ATOM   154  C CA  . TYR A 1 18  ? -11.075 2.284   -12.765 1.00 13.09 ? 18  TYR A CA  1 
ATOM   155  C C   . TYR A 1 18  ? -10.968 3.298   -11.637 1.00 12.45 ? 18  TYR A C   1 
ATOM   156  O O   . TYR A 1 18  ? -10.061 4.134   -11.608 1.00 13.51 ? 18  TYR A O   1 
ATOM   157  C CB  . TYR A 1 18  ? -11.064 0.837   -12.251 1.00 14.63 ? 18  TYR A CB  1 
ATOM   158  C CG  . TYR A 1 18  ? -9.857  0.407   -11.423 1.00 13.11 ? 18  TYR A CG  1 
ATOM   159  C CD1 . TYR A 1 18  ? -8.675  0.004   -12.035 1.00 14.61 ? 18  TYR A CD1 1 
ATOM   160  C CD2 . TYR A 1 18  ? -9.915  0.363   -10.036 1.00 13.46 ? 18  TYR A CD2 1 
ATOM   161  C CE1 . TYR A 1 18  ? -7.581  -0.417  -11.290 1.00 12.86 ? 18  TYR A CE1 1 
ATOM   162  C CE2 . TYR A 1 18  ? -8.820  -0.051  -9.287  1.00 13.79 ? 18  TYR A CE2 1 
ATOM   163  C CZ  . TYR A 1 18  ? -7.659  -0.448  -9.916  1.00 13.43 ? 18  TYR A CZ  1 
ATOM   164  O OH  . TYR A 1 18  ? -6.566  -0.868  -9.186  1.00 13.15 ? 18  TYR A OH  1 
ATOM   165  N N   . LYS A 1 19  ? -11.892 3.226   -10.693 1.00 13.92 ? 19  LYS A N   1 
ATOM   166  C CA  . LYS A 1 19  ? -11.833 4.083   -9.520  1.00 14.77 ? 19  LYS A CA  1 
ATOM   167  C C   . LYS A 1 19  ? -11.515 3.238   -8.298  1.00 13.64 ? 19  LYS A C   1 
ATOM   168  O O   . LYS A 1 19  ? -12.048 2.136   -8.137  1.00 15.09 ? 19  LYS A O   1 
ATOM   169  C CB  . LYS A 1 19  ? -13.145 4.837   -9.308  1.00 14.89 ? 19  LYS A CB  1 
ATOM   170  C CG  . LYS A 1 19  ? -13.361 5.975   -10.287 1.00 16.40 ? 19  LYS A CG  1 
ATOM   171  C CD  . LYS A 1 19  ? -14.674 6.679   -10.013 1.00 16.73 ? 19  LYS A CD  1 
ATOM   172  C CE  . LYS A 1 19  ? -14.906 7.833   -10.970 1.00 17.77 ? 19  LYS A CE  1 
ATOM   173  N NZ  . LYS A 1 19  ? -16.102 8.620   -10.556 1.00 19.92 ? 19  LYS A NZ  1 
ATOM   174  N N   . ASP A 1 20  ? -10.614 3.743   -7.466  1.00 13.42 ? 20  ASP A N   1 
ATOM   175  C CA  . ASP A 1 20  ? -10.277 3.052   -6.234  1.00 13.25 ? 20  ASP A CA  1 
ATOM   176  C C   . ASP A 1 20  ? -11.395 3.228   -5.207  1.00 12.26 ? 20  ASP A C   1 
ATOM   177  O O   . ASP A 1 20  ? -12.448 3.808   -5.483  1.00 12.80 ? 20  ASP A O   1 
ATOM   178  C CB  . ASP A 1 20  ? -8.882  3.452   -5.746  1.00 14.26 ? 20  ASP A CB  1 
ATOM   179  C CG  . ASP A 1 20  ? -8.821  4.855   -5.153  1.00 12.89 ? 20  ASP A CG  1 
ATOM   180  O OD1 . ASP A 1 20  ? -9.864  5.523   -5.009  1.00 13.24 ? 20  ASP A OD1 1 
ATOM   181  O OD2 . ASP A 1 20  ? -7.690  5.304   -4.843  1.00 15.69 ? 20  ASP A OD2 1 
ATOM   182  N N   . THR A 1 21  ? -11.161 2.723   -3.997  1.00 12.36 ? 21  THR A N   1 
ATOM   183  C CA  . THR A 1 21  ? -12.194 2.786   -2.973  1.00 12.55 ? 21  THR A CA  1 
ATOM   184  C C   . THR A 1 21  ? -12.512 4.209   -2.538  1.00 12.93 ? 21  THR A C   1 
ATOM   185  O O   . THR A 1 21  ? -13.566 4.423   -1.921  1.00 14.79 ? 21  THR A O   1 
ATOM   186  C CB  . THR A 1 21  ? -11.816 1.913   -1.766  1.00 15.50 ? 21  THR A CB  1 
ATOM   187  O OG1 . THR A 1 21  ? -10.683 2.478   -1.101  1.00 20.04 ? 21  THR A OG1 1 
ATOM   188  C CG2 . THR A 1 21  ? -11.494 0.489   -2.188  1.00 19.41 ? 21  THR A CG2 1 
ATOM   189  N N   . GLU A 1 22  ? -11.621 5.169   -2.802  1.00 13.25 ? 22  GLU A N   1 
ATOM   190  C CA  . GLU A 1 22  ? -11.850 6.572   -2.493  1.00 13.60 ? 22  GLU A CA  1 
ATOM   191  C C   . GLU A 1 22  ? -12.440 7.343   -3.665  1.00 14.12 ? 22  GLU A C   1 
ATOM   192  O O   . GLU A 1 22  ? -12.691 8.543   -3.529  1.00 16.40 ? 22  GLU A O   1 
ATOM   193  C CB  . GLU A 1 22  ? -10.553 7.252   -2.030  1.00 15.20 ? 22  GLU A CB  1 
ATOM   194  C CG  . GLU A 1 22  ? -9.910  6.623   -0.795  1.00 20.76 ? 22  GLU A CG  1 
ATOM   195  C CD  . GLU A 1 22  ? -10.650 6.916   0.504   1.00 20.11 ? 22  GLU A CD  1 
ATOM   196  O OE1 . GLU A 1 22  ? -11.521 7.808   0.530   1.00 21.43 ? 22  GLU A OE1 1 
ATOM   197  O OE2 . GLU A 1 22  ? -10.356 6.236   1.510   1.00 25.36 ? 22  GLU A OE2 1 
ATOM   198  N N   . GLY A 1 23  ? -12.668 6.687   -4.801  1.00 13.50 ? 23  GLY A N   1 
ATOM   199  C CA  . GLY A 1 23  ? -13.207 7.342   -5.975  1.00 14.52 ? 23  GLY A CA  1 
ATOM   200  C C   . GLY A 1 23  ? -12.182 7.916   -6.929  1.00 13.50 ? 23  GLY A C   1 
ATOM   201  O O   . GLY A 1 23  ? -12.565 8.659   -7.840  1.00 15.20 ? 23  GLY A O   1 
ATOM   202  N N   . TYR A 1 24  ? -10.903 7.587   -6.769  1.00 12.15 ? 24  TYR A N   1 
ATOM   203  C CA  . TYR A 1 24  ? -9.833  8.188   -7.557  1.00 12.52 ? 24  TYR A CA  1 
ATOM   204  C C   . TYR A 1 24  ? -9.432  7.287   -8.718  1.00 11.27 ? 24  TYR A C   1 
ATOM   205  O O   . TYR A 1 24  ? -9.339  6.068   -8.573  1.00 11.42 ? 24  TYR A O   1 
ATOM   206  C CB  . TYR A 1 24  ? -8.602  8.435   -6.691  1.00 14.05 ? 24  TYR A CB  1 
ATOM   207  C CG  . TYR A 1 24  ? -8.813  9.441   -5.584  1.00 15.11 ? 24  TYR A CG  1 
ATOM   208  C CD1 . TYR A 1 24  ? -9.444  10.651  -5.829  1.00 17.85 ? 24  TYR A CD1 1 
ATOM   209  C CD2 . TYR A 1 24  ? -8.382  9.174   -4.288  1.00 18.28 ? 24  TYR A CD2 1 
ATOM   210  C CE1 . TYR A 1 24  ? -9.635  11.576  -4.815  1.00 23.37 ? 24  TYR A CE1 1 
ATOM   211  C CE2 . TYR A 1 24  ? -8.566  10.093  -3.267  1.00 19.17 ? 24  TYR A CE2 1 
ATOM   212  C CZ  . TYR A 1 24  ? -9.197  11.287  -3.538  1.00 19.72 ? 24  TYR A CZ  1 
ATOM   213  O OH  . TYR A 1 24  ? -9.383  12.202  -2.521  1.00 24.59 ? 24  TYR A OH  1 
ATOM   214  N N   . TYR A 1 25  ? -9.157  7.900   -9.866  1.00 11.67 ? 25  TYR A N   1 
ATOM   215  C CA  . TYR A 1 25  ? -8.759  7.148   -11.053 1.00 11.61 ? 25  TYR A CA  1 
ATOM   216  C C   . TYR A 1 25  ? -7.462  6.381   -10.824 1.00 10.78 ? 25  TYR A C   1 
ATOM   217  O O   . TYR A 1 25  ? -6.452  6.950   -10.392 1.00 12.04 ? 25  TYR A O   1 
ATOM   218  C CB  . TYR A 1 25  ? -8.616  8.103   -12.236 1.00 11.77 ? 25  TYR A CB  1 
ATOM   219  C CG  . TYR A 1 25  ? -9.935  8.662   -12.707 1.00 12.59 ? 25  TYR A CG  1 
ATOM   220  C CD1 . TYR A 1 25  ? -10.960 7.820   -13.110 1.00 13.12 ? 25  TYR A CD1 1 
ATOM   221  C CD2 . TYR A 1 25  ? -10.156 10.031  -12.760 1.00 14.06 ? 25  TYR A CD2 1 
ATOM   222  C CE1 . TYR A 1 25  ? -12.169 8.323   -13.549 1.00 15.79 ? 25  TYR A CE1 1 
ATOM   223  C CE2 . TYR A 1 25  ? -11.367 10.544  -13.208 1.00 16.09 ? 25  TYR A CE2 1 
ATOM   224  C CZ  . TYR A 1 25  ? -12.367 9.681   -13.592 1.00 15.86 ? 25  TYR A CZ  1 
ATOM   225  O OH  . TYR A 1 25  ? -13.576 10.179  -14.035 1.00 20.44 ? 25  TYR A OH  1 
ATOM   226  N N   . THR A 1 26  ? -7.494  5.101   -11.181 1.00 10.91 ? 26  THR A N   1 
ATOM   227  C CA  . THR A 1 26  ? -6.468  4.114   -10.881 1.00 10.67 ? 26  THR A CA  1 
ATOM   228  C C   . THR A 1 26  ? -6.406  3.165   -12.078 1.00 10.81 ? 26  THR A C   1 
ATOM   229  O O   . THR A 1 26  ? -7.344  3.101   -12.878 1.00 11.19 ? 26  THR A O   1 
ATOM   230  C CB  . THR A 1 26  ? -6.896  3.386   -9.585  1.00 11.51 ? 26  THR A CB  1 
ATOM   231  O OG1 . THR A 1 26  ? -7.073  4.359   -8.548  1.00 11.58 ? 26  THR A OG1 1 
ATOM   232  C CG2 . THR A 1 26  ? -5.885  2.364   -9.089  1.00 12.16 ? 26  THR A CG2 1 
ATOM   233  N N   . ILE A 1 27  ? -5.323  2.397   -12.193 1.00 10.99 ? 27  ILE A N   1 
ATOM   234  C CA  . ILE A 1 27  ? -5.242  1.353   -13.212 1.00 11.63 ? 27  ILE A CA  1 
ATOM   235  C C   . ILE A 1 27  ? -4.326  0.243   -12.718 1.00 10.40 ? 27  ILE A C   1 
ATOM   236  O O   . ILE A 1 27  ? -3.539  0.428   -11.786 1.00 11.08 ? 27  ILE A O   1 
ATOM   237  C CB  . ILE A 1 27  ? -4.762  1.921   -14.568 1.00 11.67 ? 27  ILE A CB  1 
ATOM   238  C CG1 . ILE A 1 27  ? -5.134  0.995   -15.746 1.00 12.47 ? 27  ILE A CG1 1 
ATOM   239  C CG2 . ILE A 1 27  ? -3.276  2.187   -14.511 1.00 13.19 ? 27  ILE A CG2 1 
ATOM   240  C CD1 . ILE A 1 27  ? -5.002  1.639   -17.097 1.00 13.22 ? 27  ILE A CD1 1 
ATOM   241  N N   . GLY A 1 28  ? -4.441  -0.920  -13.345 1.00 11.66 ? 28  GLY A N   1 
ATOM   242  C CA  . GLY A 1 28  ? -3.483  -1.985  -13.102 1.00 10.91 ? 28  GLY A CA  1 
ATOM   243  C C   . GLY A 1 28  ? -3.697  -2.639  -11.750 1.00 11.27 ? 28  GLY A C   1 
ATOM   244  O O   . GLY A 1 28  ? -4.827  -2.987  -11.374 1.00 11.85 ? 28  GLY A O   1 
ATOM   245  N N   . ILE A 1 29  ? -2.595  -2.823  -11.023 1.00 10.81 ? 29  ILE A N   1 
ATOM   246  C CA  . ILE A 1 29  ? -2.589  -3.391  -9.685  1.00 10.87 ? 29  ILE A CA  1 
ATOM   247  C C   . ILE A 1 29  ? -2.534  -2.224  -8.700  1.00 10.46 ? 29  ILE A C   1 
ATOM   248  O O   . ILE A 1 29  ? -1.513  -1.965  -8.055  1.00 11.00 ? 29  ILE A O   1 
ATOM   249  C CB  . ILE A 1 29  ? -1.429  -4.394  -9.527  1.00 10.82 ? 29  ILE A CB  1 
ATOM   250  C CG1 . ILE A 1 29  ? -1.458  -5.425  -10.665 1.00 12.70 ? 29  ILE A CG1 1 
ATOM   251  C CG2 . ILE A 1 29  ? -1.508  -5.094  -8.182  1.00 12.35 ? 29  ILE A CG2 1 
ATOM   252  C CD1 . ILE A 1 29  ? -0.235  -6.310  -10.750 1.00 14.40 ? 29  ILE A CD1 1 
ATOM   253  N N   . GLY A 1 30  ? -3.629  -1.475  -8.629  1.00 10.81 ? 30  GLY A N   1 
ATOM   254  C CA  . GLY A 1 30  ? -3.717  -0.385  -7.675  1.00 12.05 ? 30  GLY A CA  1 
ATOM   255  C C   . GLY A 1 30  ? -2.823  0.810   -7.941  1.00 11.10 ? 30  GLY A C   1 
ATOM   256  O O   . GLY A 1 30  ? -2.421  1.492   -6.991  1.00 11.99 ? 30  GLY A O   1 
ATOM   257  N N   . HIS A 1 31  ? -2.516  1.108   -9.200  1.00 10.88 ? 31  HIS A N   1 
ATOM   258  C CA  . HIS A 1 31  ? -1.683  2.268   -9.504  1.00 11.51 ? 31  HIS A CA  1 
ATOM   259  C C   . HIS A 1 31  ? -2.544  3.526   -9.553  1.00 10.61 ? 31  HIS A C   1 
ATOM   260  O O   . HIS A 1 31  ? -3.287  3.732   -10.518 1.00 11.11 ? 31  HIS A O   1 
ATOM   261  C CB  . HIS A 1 31  ? -0.973  2.085   -10.838 1.00 12.20 ? 31  HIS A CB  1 
ATOM   262  C CG  . HIS A 1 31  ? -0.094  3.236   -11.174 1.00 11.85 ? 31  HIS A CG  1 
ATOM   263  N ND1 . HIS A 1 31  ? 1.185   3.350   -10.677 1.00 13.16 ? 31  HIS A ND1 1 
ATOM   264  C CD2 . HIS A 1 31  ? -0.326  4.361   -11.891 1.00 13.92 ? 31  HIS A CD2 1 
ATOM   265  C CE1 . HIS A 1 31  ? 1.715   4.484   -11.099 1.00 13.52 ? 31  HIS A CE1 1 
ATOM   266  N NE2 . HIS A 1 31  ? 0.820   5.115   -11.838 1.00 14.30 ? 31  HIS A NE2 1 
ATOM   267  N N   . LEU A 1 32  ? -2.412  4.392   -8.551  1.00 12.52 ? 32  LEU A N   1 
ATOM   268  C CA  . LEU A 1 32  ? -3.135  5.660   -8.556  1.00 12.01 ? 32  LEU A CA  1 
ATOM   269  C C   . LEU A 1 32  ? -2.654  6.531   -9.711  1.00 12.28 ? 32  LEU A C   1 
ATOM   270  O O   . LEU A 1 32  ? -1.449  6.733   -9.887  1.00 13.86 ? 32  LEU A O   1 
ATOM   271  C CB  . LEU A 1 32  ? -2.917  6.398   -7.233  1.00 14.17 ? 32  LEU A CB  1 
ATOM   272  C CG  . LEU A 1 32  ? -3.443  7.836   -7.167  1.00 15.66 ? 32  LEU A CG  1 
ATOM   273  C CD1 . LEU A 1 32  ? -4.971  7.866   -7.165  1.00 18.45 ? 32  LEU A CD1 1 
ATOM   274  C CD2 . LEU A 1 32  ? -2.883  8.581   -5.959  1.00 19.93 ? 32  LEU A CD2 1 
ATOM   275  N N   . LEU A 1 33  ? -3.596  7.058   -10.490 1.00 12.28 ? 33  LEU A N   1 
ATOM   276  C CA  . LEU A 1 33  ? -3.258  7.981   -11.565 1.00 12.05 ? 33  LEU A CA  1 
ATOM   277  C C   . LEU A 1 33  ? -3.377  9.438   -11.143 1.00 14.53 ? 33  LEU A C   1 
ATOM   278  O O   . LEU A 1 33  ? -2.457  10.227  -11.385 1.00 15.42 ? 33  LEU A O   1 
ATOM   279  C CB  . LEU A 1 33  ? -4.138  7.700   -12.785 1.00 13.04 ? 33  LEU A CB  1 
ATOM   280  C CG  . LEU A 1 33  ? -3.811  6.384   -13.485 1.00 12.69 ? 33  LEU A CG  1 
ATOM   281  C CD1 . LEU A 1 33  ? -4.908  6.006   -14.474 1.00 13.20 ? 33  LEU A CD1 1 
ATOM   282  C CD2 . LEU A 1 33  ? -2.454  6.478   -14.188 1.00 12.71 ? 33  LEU A CD2 1 
ATOM   283  N N   . THR A 1 34  ? -4.486  9.817   -10.515 1.00 14.01 ? 34  THR A N   1 
ATOM   284  C CA  . THR A 1 34  ? -4.681  11.201  -10.107 1.00 14.41 ? 34  THR A CA  1 
ATOM   285  C C   . THR A 1 34  ? -5.836  11.257  -9.124  1.00 15.34 ? 34  THR A C   1 
ATOM   286  O O   . THR A 1 34  ? -6.720  10.399  -9.144  1.00 15.37 ? 34  THR A O   1 
ATOM   287  C CB  . THR A 1 34  ? -4.986  12.108  -11.309 1.00 14.94 ? 34  THR A CB  1 
ATOM   288  O OG1 . THR A 1 34  ? -5.134  13.459  -10.855 1.00 17.32 ? 34  THR A OG1 1 
ATOM   289  C CG2 . THR A 1 34  ? -6.271  11.677  -11.996 1.00 16.01 ? 34  THR A CG2 1 
ATOM   290  N N   . LYS A 1 35  ? -5.815  12.272  -8.264  1.00 16.63 ? 35  LYS A N   1 
ATOM   291  C CA  . LYS A 1 35  ? -6.965  12.587  -7.432  1.00 17.86 ? 35  LYS A CA  1 
ATOM   292  C C   . LYS A 1 35  ? -7.887  13.609  -8.078  1.00 18.01 ? 35  LYS A C   1 
ATOM   293  O O   . LYS A 1 35  ? -8.940  13.925  -7.512  1.00 18.89 ? 35  LYS A O   1 
ATOM   294  C CB  . LYS A 1 35  ? -6.514  13.052  -6.042  1.00 20.21 ? 35  LYS A CB  1 
ATOM   295  C CG  . LYS A 1 35  ? -5.818  11.951  -5.261  1.00 16.95 ? 35  LYS A CG  1 
ATOM   296  C CD  . LYS A 1 35  ? -5.464  12.369  -3.842  1.00 20.91 ? 35  LYS A CD  1 
ATOM   297  C CE  . LYS A 1 35  ? -4.708  11.255  -3.136  1.00 24.08 ? 35  LYS A CE  1 
ATOM   298  N NZ  . LYS A 1 35  ? -4.438  11.567  -1.706  1.00 25.79 ? 35  LYS A NZ  1 
ATOM   299  N N   . SER A 1 36  ? -7.528  14.109  -9.257  1.00 17.82 ? 36  SER A N   1 
ATOM   300  C CA  . SER A 1 36  ? -8.378  15.043  -9.970  1.00 18.80 ? 36  SER A CA  1 
ATOM   301  C C   . SER A 1 36  ? -9.625  14.332  -10.489 1.00 16.93 ? 36  SER A C   1 
ATOM   302  O O   . SER A 1 36  ? -9.569  13.164  -10.875 1.00 17.36 ? 36  SER A O   1 
ATOM   303  C CB  . SER A 1 36  ? -7.619  15.627  -11.155 1.00 20.34 ? 36  SER A CB  1 
ATOM   304  O OG  . SER A 1 36  ? -8.508  16.235  -12.075 1.00 21.17 ? 36  SER A OG  1 
ATOM   305  N N   . PRO A 1 37  ? -10.771 15.020  -10.506 1.00 17.40 ? 37  PRO A N   1 
ATOM   306  C CA  . PRO A 1 37  ? -11.984 14.421  -11.081 1.00 18.32 ? 37  PRO A CA  1 
ATOM   307  C C   . PRO A 1 37  ? -11.969 14.333  -12.599 1.00 18.84 ? 37  PRO A C   1 
ATOM   308  O O   . PRO A 1 37  ? -12.919 13.794  -13.180 1.00 20.78 ? 37  PRO A O   1 
ATOM   309  C CB  . PRO A 1 37  ? -13.100 15.361  -10.599 1.00 21.78 ? 37  PRO A CB  1 
ATOM   310  C CG  . PRO A 1 37  ? -12.415 16.668  -10.386 1.00 24.14 ? 37  PRO A CG  1 
ATOM   311  C CD  . PRO A 1 37  ? -11.039 16.329  -9.886  1.00 22.55 ? 37  PRO A CD  1 
ATOM   312  N N   . SER A 1 38  ? -10.920 14.818  -13.258 1.00 17.89 ? 38  SER A N   1 
ATOM   313  C CA  . SER A 1 38  ? -10.849 14.831  -14.713 1.00 18.65 ? 38  SER A CA  1 
ATOM   314  C C   . SER A 1 38  ? -10.292 13.507  -15.227 1.00 16.25 ? 38  SER A C   1 
ATOM   315  O O   . SER A 1 38  ? -9.136  13.162  -14.948 1.00 16.80 ? 38  SER A O   1 
ATOM   316  C CB  . SER A 1 38  ? -9.961  15.982  -15.178 1.00 20.94 ? 38  SER A CB  1 
ATOM   317  O OG  . SER A 1 38  ? -9.612  15.838  -16.543 1.00 18.63 ? 38  SER A OG  1 
ATOM   318  N N   . LEU A 1 39  ? -11.103 12.782  -16.003 1.00 17.16 ? 39  LEU A N   1 
ATOM   319  C CA  . LEU A 1 39  ? -10.615 11.564  -16.642 1.00 16.56 ? 39  LEU A CA  1 
ATOM   320  C C   . LEU A 1 39  ? -9.501  11.866  -17.636 1.00 14.32 ? 39  LEU A C   1 
ATOM   321  O O   . LEU A 1 39  ? -8.579  11.056  -17.805 1.00 14.95 ? 39  LEU A O   1 
ATOM   322  C CB  . LEU A 1 39  ? -11.770 10.837  -17.336 1.00 17.38 ? 39  LEU A CB  1 
ATOM   323  C CG  . LEU A 1 39  ? -11.436 9.562   -18.118 1.00 15.62 ? 39  LEU A CG  1 
ATOM   324  C CD1 . LEU A 1 39  ? -10.803 8.509   -17.213 1.00 16.30 ? 39  LEU A CD1 1 
ATOM   325  C CD2 . LEU A 1 39  ? -12.664 9.000   -18.822 1.00 19.10 ? 39  LEU A CD2 1 
ATOM   326  N N   . ASN A 1 40  ? -9.565  13.022  -18.305 1.00 16.06 ? 40  ASN A N   1 
ATOM   327  C CA  . ASN A 1 40  ? -8.479  13.398  -19.204 1.00 15.01 ? 40  ASN A CA  1 
ATOM   328  C C   . ASN A 1 40  ? -7.171  13.563  -18.443 1.00 14.89 ? 40  ASN A C   1 
ATOM   329  O O   . ASN A 1 40  ? -6.108  13.167  -18.933 1.00 14.40 ? 40  ASN A O   1 
ATOM   330  C CB  . ASN A 1 40  ? -8.824  14.673  -19.975 1.00 17.61 ? 40  ASN A CB  1 
ATOM   331  C CG  . ASN A 1 40  ? -9.809  14.428  -21.098 1.00 18.30 ? 40  ASN A CG  1 
ATOM   332  O OD1 . ASN A 1 40  ? -9.891  13.328  -21.639 1.00 23.05 ? 40  ASN A OD1 1 
ATOM   333  N ND2 . ASN A 1 40  ? -10.542 15.469  -21.477 1.00 27.69 ? 40  ASN A ND2 1 
ATOM   334  N N   . ALA A 1 41  ? -7.225  14.152  -17.246 1.00 15.88 ? 41  ALA A N   1 
ATOM   335  C CA  . ALA A 1 41  ? -6.019  14.265  -16.434 1.00 15.54 ? 41  ALA A CA  1 
ATOM   336  C C   . ALA A 1 41  ? -5.474  12.890  -16.079 1.00 14.20 ? 41  ALA A C   1 
ATOM   337  O O   . ALA A 1 41  ? -4.259  12.669  -16.111 1.00 13.85 ? 41  ALA A O   1 
ATOM   338  C CB  . ALA A 1 41  ? -6.300  15.077  -15.171 1.00 16.18 ? 41  ALA A CB  1 
ATOM   339  N N   . ALA A 1 42  ? -6.363  11.948  -15.750 1.00 13.71 ? 42  ALA A N   1 
ATOM   340  C CA  . ALA A 1 42  ? -5.933  10.583  -15.468 1.00 13.54 ? 42  ALA A CA  1 
ATOM   341  C C   . ALA A 1 42  ? -5.291  9.942   -16.689 1.00 12.55 ? 42  ALA A C   1 
ATOM   342  O O   . ALA A 1 42  ? -4.270  9.257   -16.572 1.00 12.77 ? 42  ALA A O   1 
ATOM   343  C CB  . ALA A 1 42  ? -7.131  9.749   -15.023 1.00 13.63 ? 42  ALA A CB  1 
ATOM   344  N N   . LYS A 1 43  ? -5.892  10.136  -17.867 1.00 13.13 ? 43  LYS A N   1 
ATOM   345  C CA  . LYS A 1 43  ? -5.344  9.562   -19.095 1.00 13.91 ? 43  LYS A CA  1 
ATOM   346  C C   . LYS A 1 43  ? -3.974  10.142  -19.415 1.00 12.51 ? 43  LYS A C   1 
ATOM   347  O O   . LYS A 1 43  ? -3.078  9.422   -19.874 1.00 13.25 ? 43  LYS A O   1 
ATOM   348  C CB  . LYS A 1 43  ? -6.310  9.795   -20.254 1.00 13.69 ? 43  LYS A CB  1 
ATOM   349  C CG  . LYS A 1 43  ? -7.525  8.878   -20.228 1.00 14.01 ? 43  LYS A CG  1 
ATOM   350  C CD  . LYS A 1 43  ? -8.568  9.312   -21.240 1.00 17.06 ? 43  LYS A CD  1 
ATOM   351  C CE  . LYS A 1 43  ? -9.649  8.251   -21.376 1.00 17.94 ? 43  LYS A CE  1 
ATOM   352  N NZ  . LYS A 1 43  ? -10.582 8.539   -22.498 1.00 21.24 ? 43  LYS A NZ  1 
ATOM   353  N N   . SER A 1 44  ? -3.785  11.436  -19.153 1.00 12.94 ? 44  SER A N   1 
ATOM   354  C CA  . SER A 1 44  ? -2.470  12.037  -19.354 1.00 14.28 ? 44  SER A CA  1 
ATOM   355  C C   . SER A 1 44  ? -1.434  11.423  -18.420 1.00 12.82 ? 44  SER A C   1 
ATOM   356  O O   . SER A 1 44  ? -0.315  11.104  -18.842 1.00 14.00 ? 44  SER A O   1 
ATOM   357  C CB  . SER A 1 44  ? -2.547  13.551  -19.157 1.00 15.99 ? 44  SER A CB  1 
ATOM   358  O OG  . SER A 1 44  ? -3.256  14.171  -20.216 1.00 23.07 ? 44  SER A OG  1 
ATOM   359  N N   . GLU A 1 45  ? -1.789  11.240  -17.146 1.00 13.41 ? 45  GLU A N   1 
ATOM   360  C CA  . GLU A 1 45  ? -0.868  10.582  -16.225 1.00 13.26 ? 45  GLU A CA  1 
ATOM   361  C C   . GLU A 1 45  ? -0.536  9.175   -16.694 1.00 12.57 ? 45  GLU A C   1 
ATOM   362  O O   . GLU A 1 45  ? 0.619   8.736   -16.609 1.00 13.27 ? 45  GLU A O   1 
ATOM   363  C CB  . GLU A 1 45  ? -1.458  10.545  -14.814 1.00 13.74 ? 45  GLU A CB  1 
ATOM   364  C CG  . GLU A 1 45  ? -1.540  11.907  -14.150 1.00 14.38 ? 45  GLU A CG  1 
ATOM   365  C CD  . GLU A 1 45  ? -0.168  12.556  -14.013 1.00 14.52 ? 45  GLU A CD  1 
ATOM   366  O OE1 . GLU A 1 45  ? 0.736   11.930  -13.417 1.00 15.92 ? 45  GLU A OE1 1 
ATOM   367  O OE2 . GLU A 1 45  ? 0.021   13.678  -14.536 1.00 17.87 ? 45  GLU A OE2 1 
ATOM   368  N N   . LEU A 1 46  ? -1.534  8.451   -17.203 1.00 12.30 ? 46  LEU A N   1 
ATOM   369  C CA  . LEU A 1 46  ? -1.291  7.093   -17.670 1.00 12.48 ? 46  LEU A CA  1 
ATOM   370  C C   . LEU A 1 46  ? -0.294  7.082   -18.821 1.00 11.98 ? 46  LEU A C   1 
ATOM   371  O O   . LEU A 1 46  ? 0.656   6.292   -18.830 1.00 12.31 ? 46  LEU A O   1 
ATOM   372  C CB  . LEU A 1 46  ? -2.603  6.446   -18.100 1.00 12.78 ? 46  LEU A CB  1 
ATOM   373  C CG  . LEU A 1 46  ? -2.457  5.016   -18.621 1.00 12.31 ? 46  LEU A CG  1 
ATOM   374  C CD1 . LEU A 1 46  ? -1.866  4.086   -17.568 1.00 13.07 ? 46  LEU A CD1 1 
ATOM   375  C CD2 . LEU A 1 46  ? -3.787  4.473   -19.112 1.00 13.86 ? 46  LEU A CD2 1 
ATOM   376  N N   . ASP A 1 47  ? -0.505  7.951   -19.812 1.00 12.31 ? 47  ASP A N   1 
ATOM   377  C CA  . ASP A 1 47  ? 0.386   7.973   -20.966 1.00 12.11 ? 47  ASP A CA  1 
ATOM   378  C C   . ASP A 1 47  ? 1.813   8.315   -20.555 1.00 13.01 ? 47  ASP A C   1 
ATOM   379  O O   . ASP A 1 47  ? 2.772   7.734   -21.074 1.00 13.96 ? 47  ASP A O   1 
ATOM   380  C CB  . ASP A 1 47  ? -0.135  8.957   -22.011 1.00 13.98 ? 47  ASP A CB  1 
ATOM   381  C CG  . ASP A 1 47  ? -1.442  8.507   -22.639 1.00 15.59 ? 47  ASP A CG  1 
ATOM   382  O OD1 . ASP A 1 47  ? -1.862  7.356   -22.402 1.00 15.72 ? 47  ASP A OD1 1 
ATOM   383  O OD2 . ASP A 1 47  ? -2.035  9.300   -23.405 1.00 19.42 ? 47  ASP A OD2 1 
ATOM   384  N N   . LYS A 1 48  ? 1.968   9.260   -19.628 1.00 12.83 ? 48  LYS A N   1 
ATOM   385  C CA  . LYS A 1 48  ? 3.284   9.607   -19.098 1.00 13.37 ? 48  LYS A CA  1 
ATOM   386  C C   . LYS A 1 48  ? 3.929   8.414   -18.393 1.00 12.66 ? 48  LYS A C   1 
ATOM   387  O O   . LYS A 1 48  ? 5.133   8.164   -18.543 1.00 12.46 ? 48  LYS A O   1 
ATOM   388  C CB  . LYS A 1 48  ? 3.114   10.790  -18.137 1.00 15.43 ? 48  LYS A CB  1 
ATOM   389  C CG  . LYS A 1 48  ? 4.360   11.220  -17.390 1.00 15.23 ? 48  LYS A CG  1 
ATOM   390  C CD  . LYS A 1 48  ? 4.188   12.601  -16.765 1.00 16.70 ? 48  LYS A CD  1 
ATOM   391  C CE  . LYS A 1 48  ? 2.976   12.695  -15.840 1.00 15.98 ? 48  LYS A CE  1 
ATOM   392  N NZ  . LYS A 1 48  ? 3.266   12.169  -14.482 1.00 15.33 ? 48  LYS A NZ  1 
ATOM   393  N N   . ALA A 1 49  ? 3.134   7.658   -17.630 1.00 12.04 ? 49  ALA A N   1 
ATOM   394  C CA  . ALA A 1 49  ? 3.668   6.532   -16.865 1.00 12.38 ? 49  ALA A CA  1 
ATOM   395  C C   . ALA A 1 49  ? 4.113   5.389   -17.768 1.00 11.89 ? 49  ALA A C   1 
ATOM   396  O O   . ALA A 1 49  ? 5.111   4.718   -17.479 1.00 12.02 ? 49  ALA A O   1 
ATOM   397  C CB  . ALA A 1 49  ? 2.612   6.028   -15.885 1.00 12.53 ? 49  ALA A CB  1 
ATOM   398  N N   . ILE A 1 50  ? 3.372   5.134   -18.843 1.00 12.83 ? 50  ILE A N   1 
ATOM   399  C CA  . ILE A 1 50  ? 3.648   4.000   -19.719 1.00 12.91 ? 50  ILE A CA  1 
ATOM   400  C C   . ILE A 1 50  ? 4.601   4.374   -20.854 1.00 13.84 ? 50  ILE A C   1 
ATOM   401  O O   . ILE A 1 50  ? 5.343   3.517   -21.347 1.00 14.51 ? 50  ILE A O   1 
ATOM   402  C CB  . ILE A 1 50  ? 2.320   3.444   -20.270 1.00 13.40 ? 50  ILE A CB  1 
ATOM   403  C CG1 . ILE A 1 50  ? 1.384   3.041   -19.136 1.00 14.14 ? 50  ILE A CG1 1 
ATOM   404  C CG2 . ILE A 1 50  ? 2.554   2.251   -21.210 1.00 16.33 ? 50  ILE A CG2 1 
ATOM   405  C CD1 . ILE A 1 50  ? 1.905   1.906   -18.296 1.00 19.46 ? 50  ILE A CD1 1 
ATOM   406  N N   . GLY A 1 51  ? 4.585   5.628   -21.294 1.00 13.49 ? 51  GLY A N   1 
ATOM   407  C CA  . GLY A 1 51  ? 5.416   6.048   -22.405 1.00 13.65 ? 51  GLY A CA  1 
ATOM   408  C C   . GLY A 1 51  ? 4.795   5.870   -23.771 1.00 14.75 ? 51  GLY A C   1 
ATOM   409  O O   . GLY A 1 51  ? 5.528   5.810   -24.769 1.00 16.03 ? 51  GLY A O   1 
ATOM   410  N N   . ARG A 1 52  ? 3.472   5.783   -23.858 1.00 14.59 ? 52  ARG A N   1 
ATOM   411  C CA  . ARG A 1 52  ? 2.776   5.721   -25.135 1.00 16.43 ? 52  ARG A CA  1 
ATOM   412  C C   . ARG A 1 52  ? 1.359   6.217   -24.903 1.00 14.22 ? 52  ARG A C   1 
ATOM   413  O O   . ARG A 1 52  ? 0.923   6.390   -23.764 1.00 14.60 ? 52  ARG A O   1 
ATOM   414  C CB  . ARG A 1 52  ? 2.769   4.300   -25.704 1.00 16.33 ? 52  ARG A CB  1 
ATOM   415  C CG  . ARG A 1 52  ? 1.868   3.345   -24.939 1.00 15.33 ? 52  ARG A CG  1 
ATOM   416  C CD  . ARG A 1 52  ? 1.945   1.906   -25.443 1.00 16.65 ? 52  ARG A CD  1 
ATOM   417  N NE  . ARG A 1 52  ? 1.151   1.028   -24.586 1.00 14.51 ? 52  ARG A NE  1 
ATOM   418  C CZ  . ARG A 1 52  ? -0.162  0.856   -24.694 1.00 14.95 ? 52  ARG A CZ  1 
ATOM   419  N NH1 . ARG A 1 52  ? -0.845  1.483   -25.648 1.00 16.36 ? 52  ARG A NH1 1 
ATOM   420  N NH2 . ARG A 1 52  ? -0.803  0.061   -23.838 1.00 15.97 ? 52  ARG A NH2 1 
ATOM   421  N N   . ASN A 1 53  ? 0.647   6.442   -26.003 1.00 14.50 ? 53  ASN A N   1 
ATOM   422  C CA  . ASN A 1 53  ? -0.744  6.878   -25.975 1.00 15.01 ? 53  ASN A CA  1 
ATOM   423  C C   . ASN A 1 53  ? -1.621  5.655   -25.727 1.00 15.50 ? 53  ASN A C   1 
ATOM   424  O O   . ASN A 1 53  ? -1.805  4.822   -26.619 1.00 16.07 ? 53  ASN A O   1 
ATOM   425  C CB  . ASN A 1 53  ? -1.057  7.508   -27.328 1.00 18.76 ? 53  ASN A CB  1 
ATOM   426  C CG  . ASN A 1 53  ? -2.222  8.474   -27.287 1.00 26.04 ? 53  ASN A CG  1 
ATOM   427  O OD1 . ASN A 1 53  ? -2.213  9.500   -27.970 1.00 35.17 ? 53  ASN A OD1 1 
ATOM   428  N ND2 . ASN A 1 53  ? -3.253  8.127   -26.537 1.00 24.88 ? 53  ASN A ND2 1 
ATOM   429  N N   . CYS A 1 54  ? -2.170  5.543   -24.514 1.00 14.45 ? 54  CYS A N   1 
ATOM   430  C CA  . CYS A 1 54  ? -2.824  4.317   -24.069 1.00 15.49 ? 54  CYS A CA  1 
ATOM   431  C C   . CYS A 1 54  ? -4.337  4.326   -24.207 1.00 14.61 ? 54  CYS A C   1 
ATOM   432  O O   . CYS A 1 54  ? -4.942  3.249   -24.187 1.00 16.52 ? 54  CYS A O   1 
ATOM   433  C CB  . CYS A 1 54  ? -2.513  4.065   -22.592 1.00 15.20 ? 54  CYS A CB  1 
ATOM   434  S SG  . CYS A 1 54  ? -0.816  3.625   -22.281 1.00 15.06 ? 54  CYS A SG  1 
ATOM   435  N N   . ASN A 1 55  ? -4.966  5.493   -24.271 1.00 16.29 ? 55  ASN A N   1 
ATOM   436  C CA  . ASN A 1 55  ? -6.423  5.555   -24.364 1.00 19.08 ? 55  ASN A CA  1 
ATOM   437  C C   . ASN A 1 55  ? -7.096  4.941   -23.133 1.00 18.51 ? 55  ASN A C   1 
ATOM   438  O O   . ASN A 1 55  ? -8.206  4.419   -23.228 1.00 21.36 ? 55  ASN A O   1 
ATOM   439  C CB  . ASN A 1 55  ? -6.908  4.888   -25.664 1.00 23.93 ? 55  ASN A CB  1 
ATOM   440  C CG  . ASN A 1 55  ? -8.361  5.198   -26.008 1.00 21.61 ? 55  ASN A CG  1 
ATOM   441  O OD1 . ASN A 1 55  ? -8.882  6.266   -25.692 1.00 25.67 ? 55  ASN A OD1 1 
ATOM   442  N ND2 . ASN A 1 55  ? -9.014  4.253   -26.684 1.00 22.14 ? 55  ASN A ND2 1 
ATOM   443  N N   . GLY A 1 56  ? -6.426  4.970   -21.975 1.00 15.26 ? 56  GLY A N   1 
ATOM   444  C CA  . GLY A 1 56  ? -6.987  4.422   -20.752 1.00 14.65 ? 56  GLY A CA  1 
ATOM   445  C C   . GLY A 1 56  ? -6.889  2.922   -20.600 1.00 13.74 ? 56  GLY A C   1 
ATOM   446  O O   . GLY A 1 56  ? -7.533  2.370   -19.697 1.00 13.86 ? 56  GLY A O   1 
ATOM   447  N N   . VAL A 1 57  ? -6.103  2.241   -21.433 1.00 13.90 ? 57  VAL A N   1 
ATOM   448  C CA  . VAL A 1 57  ? -6.007  0.789   -21.426 1.00 13.45 ? 57  VAL A CA  1 
ATOM   449  C C   . VAL A 1 57  ? -4.540  0.384   -21.496 1.00 14.23 ? 57  VAL A C   1 
ATOM   450  O O   . VAL A 1 57  ? -3.779  0.932   -22.301 1.00 14.03 ? 57  VAL A O   1 
ATOM   451  C CB  . VAL A 1 57  ? -6.782  0.180   -22.614 1.00 17.11 ? 57  VAL A CB  1 
ATOM   452  C CG1 . VAL A 1 57  ? -6.647  -1.329  -22.621 1.00 20.22 ? 57  VAL A CG1 1 
ATOM   453  C CG2 . VAL A 1 57  ? -8.246  0.597   -22.582 1.00 19.26 ? 57  VAL A CG2 1 
ATOM   454  N N   . ILE A 1 58  ? -4.149  -0.603  -20.677 1.00 13.60 ? 58  ILE A N   1 
ATOM   455  C CA  . ILE A 1 58  ? -2.786  -1.124  -20.681 1.00 13.15 ? 58  ILE A CA  1 
ATOM   456  C C   . ILE A 1 58  ? -2.808  -2.645  -20.810 1.00 13.52 ? 58  ILE A C   1 
ATOM   457  O O   . ILE A 1 58  ? -3.849  -3.289  -20.692 1.00 15.24 ? 58  ILE A O   1 
ATOM   458  C CB  . ILE A 1 58  ? -1.975  -0.687  -19.441 1.00 12.66 ? 58  ILE A CB  1 
ATOM   459  C CG1 . ILE A 1 58  ? -2.620  -1.203  -18.152 1.00 12.61 ? 58  ILE A CG1 1 
ATOM   460  C CG2 . ILE A 1 58  ? -1.804  0.827   -19.422 1.00 14.49 ? 58  ILE A CG2 1 
ATOM   461  C CD1 . ILE A 1 58  ? -1.814  -0.875  -16.902 1.00 13.80 ? 58  ILE A CD1 1 
ATOM   462  N N   . THR A 1 59  ? -1.631  -3.215  -21.067 1.00 14.94 ? 59  THR A N   1 
ATOM   463  C CA  . THR A 1 59  ? -1.456  -4.657  -21.087 1.00 15.21 ? 59  THR A CA  1 
ATOM   464  C C   . THR A 1 59  ? -1.085  -5.174  -19.697 1.00 15.20 ? 59  THR A C   1 
ATOM   465  O O   . THR A 1 59  ? -0.703  -4.417  -18.799 1.00 14.21 ? 59  THR A O   1 
ATOM   466  C CB  . THR A 1 59  ? -0.361  -5.048  -22.077 1.00 15.67 ? 59  THR A CB  1 
ATOM   467  O OG1 . THR A 1 59  ? 0.907   -4.647  -21.548 1.00 16.76 ? 59  THR A OG1 1 
ATOM   468  C CG2 . THR A 1 59  ? -0.590  -4.407  -23.448 1.00 17.59 ? 59  THR A CG2 1 
ATOM   469  N N   . LYS A 1 60  ? -1.178  -6.496  -19.534 1.00 16.83 ? 60  LYS A N   1 
ATOM   470  C CA  . LYS A 1 60  ? -0.799  -7.106  -18.263 1.00 16.04 ? 60  LYS A CA  1 
ATOM   471  C C   . LYS A 1 60  ? 0.675   -6.877  -17.960 1.00 15.09 ? 60  LYS A C   1 
ATOM   472  O O   . LYS A 1 60  ? 1.043   -6.600  -16.810 1.00 14.65 ? 60  LYS A O   1 
ATOM   473  C CB  . LYS A 1 60  ? -1.132  -8.596  -18.271 1.00 17.83 ? 60  LYS A CB  1 
ATOM   474  C CG  . LYS A 1 60  ? -0.927  -9.286  -16.930 1.00 20.89 ? 60  LYS A CG  1 
ATOM   475  C CD  . LYS A 1 60  ? -1.628  -10.633 -16.910 1.00 23.38 ? 60  LYS A CD  1 
ATOM   476  C CE  . LYS A 1 60  ? -1.299  -11.423 -15.652 1.00 27.19 ? 60  LYS A CE  1 
ATOM   477  N NZ  . LYS A 1 60  ? 0.077   -11.998 -15.681 1.00 29.43 ? 60  LYS A NZ  1 
ATOM   478  N N   . ASP A 1 61  ? 1.533   -6.991  -18.979 1.00 15.68 ? 61  ASP A N   1 
ATOM   479  C CA  . ASP A 1 61  ? 2.954   -6.716  -18.793 1.00 14.77 ? 61  ASP A CA  1 
ATOM   480  C C   . ASP A 1 61  ? 3.165   -5.303  -18.269 1.00 13.72 ? 61  ASP A C   1 
ATOM   481  O O   . ASP A 1 61  ? 3.974   -5.078  -17.359 1.00 14.20 ? 61  ASP A O   1 
ATOM   482  C CB  . ASP A 1 61  ? 3.683   -6.876  -20.123 1.00 15.92 ? 61  ASP A CB  1 
ATOM   483  C CG  . ASP A 1 61  ? 3.992   -8.321  -20.461 1.00 18.99 ? 61  ASP A CG  1 
ATOM   484  O OD1 . ASP A 1 61  ? 3.677   -9.222  -19.658 1.00 23.74 ? 61  ASP A OD1 1 
ATOM   485  O OD2 . ASP A 1 61  ? 4.535   -8.553  -21.564 1.00 22.79 ? 61  ASP A OD2 1 
ATOM   486  N N   . GLU A 1 62  ? 2.461   -4.331  -18.853 1.00 13.94 ? 62  GLU A N   1 
ATOM   487  C CA  . GLU A 1 62  ? 2.598   -2.947  -18.412 1.00 13.47 ? 62  GLU A CA  1 
ATOM   488  C C   . GLU A 1 62  ? 2.088   -2.770  -16.986 1.00 12.48 ? 62  GLU A C   1 
ATOM   489  O O   . GLU A 1 62  ? 2.719   -2.075  -16.181 1.00 12.10 ? 62  GLU A O   1 
ATOM   490  C CB  . GLU A 1 62  ? 1.872   -2.011  -19.380 1.00 12.64 ? 62  GLU A CB  1 
ATOM   491  C CG  . GLU A 1 62  ? 2.514   -1.994  -20.755 1.00 13.30 ? 62  GLU A CG  1 
ATOM   492  C CD  . GLU A 1 62  ? 1.691   -1.280  -21.815 1.00 12.68 ? 62  GLU A CD  1 
ATOM   493  O OE1 . GLU A 1 62  ? 0.452   -1.194  -21.682 1.00 14.87 ? 62  GLU A OE1 1 
ATOM   494  O OE2 . GLU A 1 62  ? 2.279   -0.865  -22.838 1.00 15.28 ? 62  GLU A OE2 1 
ATOM   495  N N   . ALA A 1 63  ? 0.950   -3.393  -16.656 1.00 12.35 ? 63  ALA A N   1 
ATOM   496  C CA  . ALA A 1 63  ? 0.447   -3.342  -15.286 1.00 11.77 ? 63  ALA A CA  1 
ATOM   497  C C   . ALA A 1 63  ? 1.467   -3.909  -14.305 1.00 12.59 ? 63  ALA A C   1 
ATOM   498  O O   . ALA A 1 63  ? 1.692   -3.339  -13.229 1.00 11.79 ? 63  ALA A O   1 
ATOM   499  C CB  . ALA A 1 63  ? -0.880  -4.096  -15.193 1.00 13.35 ? 63  ALA A CB  1 
ATOM   500  N N   . GLU A 1 64  ? 2.102   -5.025  -14.660 1.00 12.29 ? 64  GLU A N   1 
ATOM   501  C CA  . GLU A 1 64  ? 3.078   -5.632  -13.761 1.00 12.42 ? 64  GLU A CA  1 
ATOM   502  C C   . GLU A 1 64  ? 4.337   -4.789  -13.638 1.00 12.26 ? 64  GLU A C   1 
ATOM   503  O O   . GLU A 1 64  ? 4.954   -4.746  -12.564 1.00 11.78 ? 64  GLU A O   1 
ATOM   504  C CB  . GLU A 1 64  ? 3.370   -7.067  -14.193 1.00 13.92 ? 64  GLU A CB  1 
ATOM   505  C CG  . GLU A 1 64  ? 2.156   -7.958  -13.975 1.00 15.21 ? 64  GLU A CG  1 
ATOM   506  C CD  . GLU A 1 64  ? 2.274   -9.339  -14.590 1.00 20.54 ? 64  GLU A CD  1 
ATOM   507  O OE1 . GLU A 1 64  ? 3.129   -9.539  -15.475 1.00 22.10 ? 64  GLU A OE1 1 
ATOM   508  O OE2 . GLU A 1 64  ? 1.495   -10.228 -14.181 1.00 24.60 ? 64  GLU A OE2 1 
ATOM   509  N N   . LYS A 1 65  ? 4.721   -4.108  -14.716 1.00 12.07 ? 65  LYS A N   1 
ATOM   510  C CA  . LYS A 1 65  ? 5.878   -3.221  -14.662 1.00 13.00 ? 65  LYS A CA  1 
ATOM   511  C C   . LYS A 1 65  ? 5.615   -2.040  -13.737 1.00 11.61 ? 65  LYS A C   1 
ATOM   512  O O   . LYS A 1 65  ? 6.451   -1.709  -12.888 1.00 12.24 ? 65  LYS A O   1 
ATOM   513  C CB  . LYS A 1 65  ? 6.224   -2.741  -16.073 1.00 13.53 ? 65  LYS A CB  1 
ATOM   514  C CG  . LYS A 1 65  ? 7.418   -1.804  -16.166 1.00 16.70 ? 65  LYS A CG  1 
ATOM   515  C CD  . LYS A 1 65  ? 7.673   -1.416  -17.625 1.00 20.08 ? 65  LYS A CD  1 
ATOM   516  C CE  . LYS A 1 65  ? 8.740   -0.338  -17.764 1.00 22.67 ? 65  LYS A CE  1 
ATOM   517  N NZ  . LYS A 1 65  ? 10.117  -0.910  -17.737 1.00 24.62 ? 65  LYS A NZ  1 
ATOM   518  N N   . LEU A 1 66  ? 4.467   -1.377  -13.908 1.00 12.07 ? 66  LEU A N   1 
ATOM   519  C CA  . LEU A 1 66  ? 4.102   -0.289  -13.006 1.00 12.09 ? 66  LEU A CA  1 
ATOM   520  C C   . LEU A 1 66  ? 4.066   -0.774  -11.567 1.00 11.59 ? 66  LEU A C   1 
ATOM   521  O O   . LEU A 1 66  ? 4.525   -0.075  -10.660 1.00 11.75 ? 66  LEU A O   1 
ATOM   522  C CB  . LEU A 1 66  ? 2.723   0.258   -13.367 1.00 13.95 ? 66  LEU A CB  1 
ATOM   523  C CG  . LEU A 1 66  ? 2.564   1.079   -14.637 1.00 13.74 ? 66  LEU A CG  1 
ATOM   524  C CD1 . LEU A 1 66  ? 1.126   1.555   -14.762 1.00 19.53 ? 66  LEU A CD1 1 
ATOM   525  C CD2 . LEU A 1 66  ? 3.527   2.252   -14.662 1.00 20.66 ? 66  LEU A CD2 1 
ATOM   526  N N   . PHE A 1 67  ? 3.527   -1.973  -11.352 1.00 10.71 ? 67  PHE A N   1 
ATOM   527  C CA  . PHE A 1 67  ? 3.421   -2.536  -10.007 1.00 11.16 ? 67  PHE A CA  1 
ATOM   528  C C   . PHE A 1 67  ? 4.794   -2.707  -9.368  1.00 11.14 ? 67  PHE A C   1 
ATOM   529  O O   . PHE A 1 67  ? 4.996   -2.339  -8.206  1.00 11.22 ? 67  PHE A O   1 
ATOM   530  C CB  . PHE A 1 67  ? 2.665   -3.860  -10.105 1.00 11.32 ? 67  PHE A CB  1 
ATOM   531  C CG  . PHE A 1 67  ? 2.429   -4.560  -8.797  1.00 10.74 ? 67  PHE A CG  1 
ATOM   532  C CD1 . PHE A 1 67  ? 1.971   -3.891  -7.661  1.00 11.04 ? 67  PHE A CD1 1 
ATOM   533  C CD2 . PHE A 1 67  ? 2.644   -5.916  -8.714  1.00 11.43 ? 67  PHE A CD2 1 
ATOM   534  C CE1 . PHE A 1 67  ? 1.742   -4.582  -6.477  1.00 11.04 ? 67  PHE A CE1 1 
ATOM   535  C CE2 . PHE A 1 67  ? 2.422   -6.596  -7.536  1.00 12.26 ? 67  PHE A CE2 1 
ATOM   536  C CZ  . PHE A 1 67  ? 1.961   -5.924  -6.418  1.00 11.63 ? 67  PHE A CZ  1 
ATOM   537  N N   . ASN A 1 68  ? 5.762   -3.250  -10.112 1.00 11.33 ? 68  ASN A N   1 
ATOM   538  C CA  . ASN A 1 68  ? 7.112   -3.378  -9.570  1.00 11.70 ? 68  ASN A CA  1 
ATOM   539  C C   . ASN A 1 68  ? 7.683   -2.015  -9.200  1.00 11.53 ? 68  ASN A C   1 
ATOM   540  O O   . ASN A 1 68  ? 8.301   -1.858  -8.140  1.00 12.07 ? 68  ASN A O   1 
ATOM   541  C CB  . ASN A 1 68  ? 8.004   -4.051  -10.614 1.00 14.35 ? 68  ASN A CB  1 
ATOM   542  C CG  . ASN A 1 68  ? 9.290   -4.646  -10.038 1.00 14.85 ? 68  ASN A CG  1 
ATOM   543  O OD1 . ASN A 1 68  ? 9.797   -5.641  -10.563 1.00 19.33 ? 68  ASN A OD1 1 
ATOM   544  N ND2 . ASN A 1 68  ? 9.834   -4.040  -8.990  1.00 16.67 ? 68  ASN A ND2 1 
ATOM   545  N N   . GLN A 1 69  ? 7.503   -1.019  -10.074 1.00 11.53 ? 69  GLN A N   1 
ATOM   546  C CA  . GLN A 1 69  ? 7.966   0.327   -9.763  1.00 11.35 ? 69  GLN A CA  1 
ATOM   547  C C   . GLN A 1 69  ? 7.302   0.857   -8.500  1.00 11.48 ? 69  GLN A C   1 
ATOM   548  O O   . GLN A 1 69  ? 7.957   1.486   -7.666  1.00 12.02 ? 69  GLN A O   1 
ATOM   549  C CB  . GLN A 1 69  ? 7.681   1.257   -10.939 1.00 11.56 ? 69  GLN A CB  1 
ATOM   550  C CG  . GLN A 1 69  ? 8.495   0.913   -12.162 1.00 11.69 ? 69  GLN A CG  1 
ATOM   551  C CD  . GLN A 1 69  ? 8.201   1.791   -13.351 1.00 11.15 ? 69  GLN A CD  1 
ATOM   552  O OE1 . GLN A 1 69  ? 7.242   2.559   -13.361 1.00 13.25 ? 69  GLN A OE1 1 
ATOM   553  N NE2 . GLN A 1 69  ? 9.026   1.682   -14.367 1.00 11.13 ? 69  GLN A NE2 1 
ATOM   554  N N   . ASP A 1 70  ? 5.995   0.619   -8.354  1.00 11.58 ? 70  ASP A N   1 
ATOM   555  C CA  . ASP A 1 70  ? 5.262   1.148   -7.210  1.00 11.66 ? 70  ASP A CA  1 
ATOM   556  C C   . ASP A 1 70  ? 5.683   0.474   -5.906  1.00 11.33 ? 70  ASP A C   1 
ATOM   557  O O   . ASP A 1 70  ? 5.772   1.134   -4.865  1.00 13.43 ? 70  ASP A O   1 
ATOM   558  C CB  . ASP A 1 70  ? 3.761   0.979   -7.432  1.00 11.56 ? 70  ASP A CB  1 
ATOM   559  C CG  . ASP A 1 70  ? 3.223   1.830   -8.568  1.00 11.59 ? 70  ASP A CG  1 
ATOM   560  O OD1 . ASP A 1 70  ? 3.883   2.810   -8.989  1.00 12.70 ? 70  ASP A OD1 1 
ATOM   561  O OD2 . ASP A 1 70  ? 2.102   1.518   -9.024  1.00 12.82 ? 70  ASP A OD2 1 
ATOM   562  N N   . VAL A 1 71  ? 5.903   -0.843  -5.928  1.00 11.06 ? 71  VAL A N   1 
ATOM   563  C CA  . VAL A 1 71  ? 6.389   -1.527  -4.729  1.00 11.12 ? 71  VAL A CA  1 
ATOM   564  C C   . VAL A 1 71  ? 7.763   -0.994  -4.347  1.00 11.50 ? 71  VAL A C   1 
ATOM   565  O O   . VAL A 1 71  ? 8.028   -0.684  -3.176  1.00 12.22 ? 71  VAL A O   1 
ATOM   566  C CB  . VAL A 1 71  ? 6.400   -3.053  -4.933  1.00 10.94 ? 71  VAL A CB  1 
ATOM   567  C CG1 . VAL A 1 71  ? 7.097   -3.760  -3.763  1.00 13.59 ? 71  VAL A CG1 1 
ATOM   568  C CG2 . VAL A 1 71  ? 4.988   -3.580  -5.124  1.00 12.73 ? 71  VAL A CG2 1 
ATOM   569  N N   . ASP A 1 72  ? 8.650   -0.864  -5.334  1.00 11.83 ? 72  ASP A N   1 
ATOM   570  C CA  . ASP A 1 72  ? 9.984   -0.348  -5.048  1.00 12.68 ? 72  ASP A CA  1 
ATOM   571  C C   . ASP A 1 72  ? 9.923   1.060   -4.480  1.00 13.58 ? 72  ASP A C   1 
ATOM   572  O O   . ASP A 1 72  ? 10.676  1.394   -3.558  1.00 14.05 ? 72  ASP A O   1 
ATOM   573  C CB  . ASP A 1 72  ? 10.859  -0.384  -6.297  1.00 14.57 ? 72  ASP A CB  1 
ATOM   574  C CG  . ASP A 1 72  ? 12.330  -0.429  -5.958  1.00 27.32 ? 72  ASP A CG  1 
ATOM   575  O OD1 . ASP A 1 72  ? 13.029  0.570   -6.225  1.00 32.13 ? 72  ASP A OD1 1 
ATOM   576  O OD2 . ASP A 1 72  ? 12.784  -1.458  -5.413  1.00 29.53 ? 72  ASP A OD2 1 
ATOM   577  N N   . ALA A 1 73  ? 9.018   1.893   -5.003  1.00 14.00 ? 73  ALA A N   1 
ATOM   578  C CA  . ALA A 1 73  ? 8.888   3.258   -4.504  1.00 14.57 ? 73  ALA A CA  1 
ATOM   579  C C   . ALA A 1 73  ? 8.443   3.268   -3.048  1.00 14.41 ? 73  ALA A C   1 
ATOM   580  O O   . ALA A 1 73  ? 8.894   4.106   -2.259  1.00 15.60 ? 73  ALA A O   1 
ATOM   581  C CB  . ALA A 1 73  ? 7.898   4.043   -5.364  1.00 17.00 ? 73  ALA A CB  1 
ATOM   582  N N   . ALA A 1 74  ? 7.554   2.346   -2.674  1.00 13.69 ? 74  ALA A N   1 
ATOM   583  C CA  . ALA A 1 74  ? 7.127   2.245   -1.282  1.00 13.34 ? 74  ALA A CA  1 
ATOM   584  C C   . ALA A 1 74  ? 8.298   1.861   -0.383  1.00 12.62 ? 74  ALA A C   1 
ATOM   585  O O   . ALA A 1 74  ? 8.507   2.466   0.678   1.00 14.70 ? 74  ALA A O   1 
ATOM   586  C CB  . ALA A 1 74  ? 5.984   1.238   -1.167  1.00 14.50 ? 74  ALA A CB  1 
ATOM   587  N N   . VAL A 1 75  ? 9.084   0.864   -0.802  1.00 12.58 ? 75  VAL A N   1 
ATOM   588  C CA  . VAL A 1 75  ? 10.255  0.448   -0.032  1.00 13.45 ? 75  VAL A CA  1 
ATOM   589  C C   . VAL A 1 75  ? 11.241  1.600   0.110   1.00 14.32 ? 75  VAL A C   1 
ATOM   590  O O   . VAL A 1 75  ? 11.764  1.864   1.199   1.00 14.85 ? 75  VAL A O   1 
ATOM   591  C CB  . VAL A 1 75  ? 10.913  -0.790  -0.665  1.00 12.50 ? 75  VAL A CB  1 
ATOM   592  C CG1 . VAL A 1 75  ? 12.212  -1.124  0.052   1.00 16.34 ? 75  VAL A CG1 1 
ATOM   593  C CG2 . VAL A 1 75  ? 9.962   -1.967  -0.641  1.00 13.76 ? 75  VAL A CG2 1 
ATOM   594  N N   . ARG A 1 76  ? 11.524  2.294   -0.994  1.00 15.51 ? 76  ARG A N   1 
ATOM   595  C CA  . ARG A 1 76  ? 12.453  3.419   -0.943  1.00 17.54 ? 76  ARG A CA  1 
ATOM   596  C C   . ARG A 1 76  ? 11.939  4.531   -0.037  1.00 18.15 ? 76  ARG A C   1 
ATOM   597  O O   . ARG A 1 76  ? 12.723  5.169   0.674   1.00 20.09 ? 76  ARG A O   1 
ATOM   598  C CB  . ARG A 1 76  ? 12.704  3.947   -2.353  1.00 23.24 ? 76  ARG A CB  1 
ATOM   599  C CG  . ARG A 1 76  ? 13.636  3.076   -3.165  1.00 26.43 ? 76  ARG A CG  1 
ATOM   600  C CD  . ARG A 1 76  ? 14.082  3.761   -4.451  1.00 28.14 ? 76  ARG A CD  1 
ATOM   601  N NE  . ARG A 1 76  ? 13.080  4.688   -4.970  1.00 30.31 ? 76  ARG A NE  1 
ATOM   602  C CZ  . ARG A 1 76  ? 12.235  4.393   -5.952  1.00 26.62 ? 76  ARG A CZ  1 
ATOM   603  N NH1 . ARG A 1 76  ? 12.263  3.190   -6.515  1.00 26.01 ? 76  ARG A NH1 1 
ATOM   604  N NH2 . ARG A 1 76  ? 11.357  5.297   -6.370  1.00 32.24 ? 76  ARG A NH2 1 
ATOM   605  N N   . GLY A 1 77  ? 10.630  4.781   -0.053  1.00 18.53 ? 77  GLY A N   1 
ATOM   606  C CA  . GLY A 1 77  ? 10.074  5.805   0.817   1.00 18.98 ? 77  GLY A CA  1 
ATOM   607  C C   . GLY A 1 77  ? 10.221  5.455   2.284   1.00 19.03 ? 77  GLY A C   1 
ATOM   608  O O   . GLY A 1 77  ? 10.468  6.326   3.123   1.00 20.36 ? 77  GLY A O   1 
ATOM   609  N N   . ILE A 1 78  ? 10.072  4.173   2.613   1.00 15.04 ? 78  ILE A N   1 
ATOM   610  C CA  . ILE A 1 78  ? 10.319  3.719   3.977   1.00 15.28 ? 78  ILE A CA  1 
ATOM   611  C C   . ILE A 1 78  ? 11.773  3.953   4.361   1.00 15.02 ? 78  ILE A C   1 
ATOM   612  O O   . ILE A 1 78  ? 12.072  4.514   5.424   1.00 15.73 ? 78  ILE A O   1 
ATOM   613  C CB  . ILE A 1 78  ? 9.933   2.239   4.112   1.00 14.02 ? 78  ILE A CB  1 
ATOM   614  C CG1 . ILE A 1 78  ? 8.413   2.085   4.061   1.00 14.61 ? 78  ILE A CG1 1 
ATOM   615  C CG2 . ILE A 1 78  ? 10.504  1.655   5.394   1.00 14.44 ? 78  ILE A CG2 1 
ATOM   616  C CD1 . ILE A 1 78  ? 7.956   0.664   3.902   1.00 15.55 ? 78  ILE A CD1 1 
ATOM   617  N N   . LEU A 1 79  ? 12.698  3.522   3.499   1.00 15.01 ? 79  LEU A N   1 
ATOM   618  C CA  . LEU A 1 79  ? 14.118  3.562   3.834   1.00 16.52 ? 79  LEU A CA  1 
ATOM   619  C C   . LEU A 1 79  ? 14.661  4.982   3.926   1.00 17.35 ? 79  LEU A C   1 
ATOM   620  O O   . LEU A 1 79  ? 15.677  5.202   4.595   1.00 19.26 ? 79  LEU A O   1 
ATOM   621  C CB  . LEU A 1 79  ? 14.928  2.727   2.839   1.00 16.69 ? 79  LEU A CB  1 
ATOM   622  C CG  . LEU A 1 79  ? 14.615  1.229   2.833   1.00 16.85 ? 79  LEU A CG  1 
ATOM   623  C CD1 . LEU A 1 79  ? 15.427  0.512   1.762   1.00 20.99 ? 79  LEU A CD1 1 
ATOM   624  C CD2 . LEU A 1 79  ? 14.872  0.614   4.201   1.00 20.75 ? 79  LEU A CD2 1 
ATOM   625  N N   . ARG A 1 80  ? 14.011  5.945   3.279   1.00 16.61 ? 80  ARG A N   1 
ATOM   626  C CA  . ARG A 1 80  ? 14.427  7.339   3.346   1.00 18.19 ? 80  ARG A CA  1 
ATOM   627  C C   . ARG A 1 80  ? 13.763  8.112   4.479   1.00 19.73 ? 80  ARG A C   1 
ATOM   628  O O   . ARG A 1 80  ? 14.132  9.270   4.713   1.00 22.77 ? 80  ARG A O   1 
ATOM   629  C CB  . ARG A 1 80  ? 14.124  8.036   2.012   1.00 21.54 ? 80  ARG A CB  1 
ATOM   630  C CG  . ARG A 1 80  ? 15.215  7.882   0.967   1.00 28.18 ? 80  ARG A CG  1 
ATOM   631  C CD  . ARG A 1 80  ? 14.997  8.794   -0.241  1.00 32.86 ? 80  ARG A CD  1 
ATOM   632  N NE  . ARG A 1 80  ? 13.869  8.380   -1.077  1.00 34.96 ? 80  ARG A NE  1 
ATOM   633  C CZ  . ARG A 1 80  ? 12.617  8.816   -0.947  1.00 36.51 ? 80  ARG A CZ  1 
ATOM   634  N NH1 . ARG A 1 80  ? 12.305  9.708   -0.015  1.00 38.43 ? 80  ARG A NH1 1 
ATOM   635  N NH2 . ARG A 1 80  ? 11.675  8.365   -1.766  1.00 36.51 ? 80  ARG A NH2 1 
ATOM   636  N N   . ASN A 1 81  ? 12.812  7.507   5.188   1.00 18.34 ? 81  ASN A N   1 
ATOM   637  C CA  . ASN A 1 81  ? 12.003  8.201   6.182   1.00 17.28 ? 81  ASN A CA  1 
ATOM   638  C C   . ASN A 1 81  ? 12.554  7.909   7.574   1.00 18.02 ? 81  ASN A C   1 
ATOM   639  O O   . ASN A 1 81  ? 12.657  6.745   7.975   1.00 17.58 ? 81  ASN A O   1 
ATOM   640  C CB  . ASN A 1 81  ? 10.547  7.749   6.070   1.00 19.96 ? 81  ASN A CB  1 
ATOM   641  C CG  . ASN A 1 81  ? 9.620   8.534   6.972   1.00 21.67 ? 81  ASN A CG  1 
ATOM   642  O OD1 . ASN A 1 81  ? 9.580   8.314   8.182   1.00 23.18 ? 81  ASN A OD1 1 
ATOM   643  N ND2 . ASN A 1 81  ? 8.847   9.440   6.383   1.00 22.84 ? 81  ASN A ND2 1 
ATOM   644  N N   . ALA A 1 82  ? 12.879  8.971   8.321   1.00 20.86 ? 82  ALA A N   1 
ATOM   645  C CA  . ALA A 1 82  ? 13.519  8.801   9.624   1.00 23.47 ? 82  ALA A CA  1 
ATOM   646  C C   . ALA A 1 82  ? 12.591  8.157   10.647  1.00 20.23 ? 82  ALA A C   1 
ATOM   647  O O   . ALA A 1 82  ? 13.066  7.556   11.619  1.00 23.40 ? 82  ALA A O   1 
ATOM   648  C CB  . ALA A 1 82  ? 14.020  10.149  10.142  1.00 26.24 ? 82  ALA A CB  1 
ATOM   649  N N   . LYS A 1 83  ? 11.278  8.277   10.463  1.00 21.11 ? 83  LYS A N   1 
ATOM   650  C CA  . LYS A 1 83  ? 10.351  7.643   11.392  1.00 21.46 ? 83  LYS A CA  1 
ATOM   651  C C   . LYS A 1 83  ? 10.111  6.184   11.029  1.00 20.80 ? 83  LYS A C   1 
ATOM   652  O O   . LYS A 1 83  ? 10.003  5.328   11.914  1.00 22.68 ? 83  LYS A O   1 
ATOM   653  C CB  . LYS A 1 83  ? 9.028   8.410   11.410  1.00 25.73 ? 83  LYS A CB  1 
ATOM   654  C CG  . LYS A 1 83  ? 9.082   9.729   12.158  1.00 28.28 ? 83  LYS A CG  1 
ATOM   655  C CD  . LYS A 1 83  ? 7.692   10.158  12.585  1.00 31.58 ? 83  LYS A CD  1 
ATOM   656  C CE  . LYS A 1 83  ? 7.017   9.067   13.399  1.00 29.89 ? 83  LYS A CE  1 
ATOM   657  N NZ  . LYS A 1 83  ? 5.578   9.355   13.633  1.00 30.58 ? 83  LYS A NZ  1 
ATOM   658  N N   . LEU A 1 84  ? 10.039  5.883   9.733   1.00 17.19 ? 84  LEU A N   1 
ATOM   659  C CA  . LEU A 1 84  ? 9.668   4.549   9.285   1.00 15.64 ? 84  LEU A CA  1 
ATOM   660  C C   . LEU A 1 84  ? 10.845  3.582   9.269   1.00 15.76 ? 84  LEU A C   1 
ATOM   661  O O   . LEU A 1 84  ? 10.680  2.414   9.632   1.00 15.73 ? 84  LEU A O   1 
ATOM   662  C CB  . LEU A 1 84  ? 9.037   4.626   7.895   1.00 17.12 ? 84  LEU A CB  1 
ATOM   663  C CG  . LEU A 1 84  ? 7.755   5.452   7.781   1.00 17.23 ? 84  LEU A CG  1 
ATOM   664  C CD1 . LEU A 1 84  ? 7.243   5.436   6.341   1.00 19.26 ? 84  LEU A CD1 1 
ATOM   665  C CD2 . LEU A 1 84  ? 6.686   4.953   8.755   1.00 21.59 ? 84  LEU A CD2 1 
ATOM   666  N N   . LYS A 1 85  ? 12.031  4.038   8.859   1.00 15.56 ? 85  LYS A N   1 
ATOM   667  C CA  . LYS A 1 85  ? 13.156  3.118   8.697   1.00 14.27 ? 85  LYS A CA  1 
ATOM   668  C C   . LYS A 1 85  ? 13.515  2.345   9.962   1.00 14.27 ? 85  LYS A C   1 
ATOM   669  O O   . LYS A 1 85  ? 13.692  1.118   9.878   1.00 14.46 ? 85  LYS A O   1 
ATOM   670  C CB  . LYS A 1 85  ? 14.377  3.834   8.117   1.00 15.48 ? 85  LYS A CB  1 
ATOM   671  C CG  . LYS A 1 85  ? 15.543  2.884   7.907   1.00 17.42 ? 85  LYS A CG  1 
ATOM   672  C CD  . LYS A 1 85  ? 16.695  3.537   7.167   1.00 20.63 ? 85  LYS A CD  1 
ATOM   673  C CE  . LYS A 1 85  ? 17.798  2.530   6.875   1.00 23.88 ? 85  LYS A CE  1 
ATOM   674  N NZ  . LYS A 1 85  ? 18.439  2.035   8.120   1.00 26.98 ? 85  LYS A NZ  1 
ATOM   675  N N   . PRO A 1 86  ? 13.667  2.973   11.135  1.00 14.88 ? 86  PRO A N   1 
ATOM   676  C CA  . PRO A 1 86  ? 14.015  2.174   12.324  1.00 16.55 ? 86  PRO A CA  1 
ATOM   677  C C   . PRO A 1 86  ? 12.986  1.106   12.643  1.00 14.63 ? 86  PRO A C   1 
ATOM   678  O O   . PRO A 1 86  ? 13.345  0.005   13.078  1.00 15.88 ? 86  PRO A O   1 
ATOM   679  C CB  . PRO A 1 86  ? 14.130  3.224   13.440  1.00 17.39 ? 86  PRO A CB  1 
ATOM   680  C CG  . PRO A 1 86  ? 14.359  4.513   12.730  1.00 23.14 ? 86  PRO A CG  1 
ATOM   681  C CD  . PRO A 1 86  ? 13.595  4.410   11.451  1.00 17.50 ? 86  PRO A CD  1 
ATOM   682  N N   . VAL A 1 87  ? 11.703  1.399   12.436  1.00 14.63 ? 87  VAL A N   1 
ATOM   683  C CA  . VAL A 1 87  ? 10.674  0.396   12.692  1.00 14.45 ? 87  VAL A CA  1 
ATOM   684  C C   . VAL A 1 87  ? 10.768  -0.736  11.679  1.00 13.35 ? 87  VAL A C   1 
ATOM   685  O O   . VAL A 1 87  ? 10.779  -1.917  12.037  1.00 13.12 ? 87  VAL A O   1 
ATOM   686  C CB  . VAL A 1 87  ? 9.279   1.042   12.710  1.00 16.30 ? 87  VAL A CB  1 
ATOM   687  C CG1 . VAL A 1 87  ? 8.231   0.000   13.071  1.00 17.92 ? 87  VAL A CG1 1 
ATOM   688  C CG2 . VAL A 1 87  ? 9.249   2.203   13.695  1.00 18.27 ? 87  VAL A CG2 1 
ATOM   689  N N   . TYR A 1 88  ? 10.853  -0.385  10.396  1.00 14.12 ? 88  TYR A N   1 
ATOM   690  C CA  . TYR A 1 88  ? 10.999  -1.377  9.337   1.00 13.42 ? 88  TYR A CA  1 
ATOM   691  C C   . TYR A 1 88  ? 12.181  -2.299  9.598   1.00 12.99 ? 88  TYR A C   1 
ATOM   692  O O   . TYR A 1 88  ? 12.067  -3.528  9.487   1.00 13.09 ? 88  TYR A O   1 
ATOM   693  C CB  . TYR A 1 88  ? 11.195  -0.644  8.017   1.00 14.03 ? 88  TYR A CB  1 
ATOM   694  C CG  . TYR A 1 88  ? 11.198  -1.519  6.797   1.00 13.39 ? 88  TYR A CG  1 
ATOM   695  C CD1 . TYR A 1 88  ? 10.012  -1.995  6.252   1.00 13.50 ? 88  TYR A CD1 1 
ATOM   696  C CD2 . TYR A 1 88  ? 12.388  -1.849  6.173   1.00 14.89 ? 88  TYR A CD2 1 
ATOM   697  C CE1 . TYR A 1 88  ? 10.018  -2.783  5.114   1.00 15.43 ? 88  TYR A CE1 1 
ATOM   698  C CE2 . TYR A 1 88  ? 12.407  -2.631  5.040   1.00 15.26 ? 88  TYR A CE2 1 
ATOM   699  C CZ  . TYR A 1 88  ? 11.221  -3.100  4.517   1.00 14.27 ? 88  TYR A CZ  1 
ATOM   700  O OH  . TYR A 1 88  ? 11.232  -3.886  3.392   1.00 17.70 ? 88  TYR A OH  1 
ATOM   701  N N   . ASP A 1 89  ? 13.332  -1.717  9.940   1.00 12.82 ? 89  ASP A N   1 
ATOM   702  C CA  . ASP A 1 89  ? 14.530  -2.511  10.176  1.00 13.78 ? 89  ASP A CA  1 
ATOM   703  C C   . ASP A 1 89  ? 14.376  -3.439  11.371  1.00 14.01 ? 89  ASP A C   1 
ATOM   704  O O   . ASP A 1 89  ? 15.073  -4.457  11.445  1.00 15.70 ? 89  ASP A O   1 
ATOM   705  C CB  . ASP A 1 89  ? 15.739  -1.599  10.391  1.00 16.29 ? 89  ASP A CB  1 
ATOM   706  C CG  . ASP A 1 89  ? 16.249  -0.981  9.106   1.00 20.33 ? 89  ASP A CG  1 
ATOM   707  O OD1 . ASP A 1 89  ? 15.844  -1.436  8.017   1.00 21.76 ? 89  ASP A OD1 1 
ATOM   708  O OD2 . ASP A 1 89  ? 17.061  -0.036  9.196   1.00 25.19 ? 89  ASP A OD2 1 
ATOM   709  N N   . SER A 1 90  ? 13.489  -3.113  12.313  1.00 13.09 ? 90  SER A N   1 
ATOM   710  C CA  . SER A 1 90  ? 13.285  -3.963  13.479  1.00 13.12 ? 90  SER A CA  1 
ATOM   711  C C   . SER A 1 90  ? 12.400  -5.169  13.190  1.00 12.15 ? 90  SER A C   1 
ATOM   712  O O   . SER A 1 90  ? 12.377  -6.105  13.999  1.00 12.88 ? 90  SER A O   1 
ATOM   713  C CB  . SER A 1 90  ? 12.686  -3.154  14.634  1.00 13.39 ? 90  SER A CB  1 
ATOM   714  O OG  . SER A 1 90  ? 11.295  -2.937  14.453  1.00 13.46 ? 90  SER A OG  1 
ATOM   715  N N   . LEU A 1 91  ? 11.679  -5.169  12.068  1.00 12.14 ? 91  LEU A N   1 
ATOM   716  C CA  . LEU A 1 91  ? 10.694  -6.193  11.765  1.00 13.37 ? 91  LEU A CA  1 
ATOM   717  C C   . LEU A 1 91  ? 11.317  -7.373  11.031  1.00 13.40 ? 91  LEU A C   1 
ATOM   718  O O   . LEU A 1 91  ? 12.308  -7.234  10.314  1.00 14.16 ? 91  LEU A O   1 
ATOM   719  C CB  . LEU A 1 91  ? 9.581   -5.615  10.891  1.00 12.12 ? 91  LEU A CB  1 
ATOM   720  C CG  . LEU A 1 91  ? 8.707   -4.515  11.497  1.00 13.56 ? 91  LEU A CG  1 
ATOM   721  C CD1 . LEU A 1 91  ? 7.835   -3.899  10.416  1.00 15.33 ? 91  LEU A CD1 1 
ATOM   722  C CD2 . LEU A 1 91  ? 7.849   -5.054  12.637  1.00 15.04 ? 91  LEU A CD2 1 
ATOM   723  N N   . ASP A 1 92  ? 10.696  -8.536  11.199  1.00 13.32 ? 92  ASP A N   1 
ATOM   724  C CA  . ASP A 1 92  ? 10.956  -9.705  10.373  1.00 13.09 ? 92  ASP A CA  1 
ATOM   725  C C   . ASP A 1 92  ? 10.375  -9.497  8.970   1.00 13.53 ? 92  ASP A C   1 
ATOM   726  O O   . ASP A 1 92  ? 9.603   -8.566  8.718   1.00 12.61 ? 92  ASP A O   1 
ATOM   727  C CB  . ASP A 1 92  ? 10.293  -10.925 11.002  1.00 14.31 ? 92  ASP A CB  1 
ATOM   728  C CG  . ASP A 1 92  ? 8.813   -10.730 11.166  1.00 14.59 ? 92  ASP A CG  1 
ATOM   729  O OD1 . ASP A 1 92  ? 8.406   -10.148 12.198  1.00 14.04 ? 92  ASP A OD1 1 
ATOM   730  O OD2 . ASP A 1 92  ? 8.070   -11.115 10.228  1.00 15.51 ? 92  ASP A OD2 1 
ATOM   731  N N   . ALA A 1 93  ? 10.717  -10.417 8.058   1.00 15.01 ? 93  ALA A N   1 
ATOM   732  C CA  . ALA A 1 93  ? 10.408  -10.221 6.643   1.00 14.50 ? 93  ALA A CA  1 
ATOM   733  C C   . ALA A 1 93  ? 8.907   -10.218 6.374   1.00 14.46 ? 93  ALA A C   1 
ATOM   734  O O   . ALA A 1 93  ? 8.430   -9.469  5.513   1.00 14.83 ? 93  ALA A O   1 
ATOM   735  C CB  . ALA A 1 93  ? 11.100  -11.290 5.796   1.00 18.05 ? 93  ALA A CB  1 
ATOM   736  N N   . VAL A 1 94  ? 8.145   -11.053 7.080   1.00 13.56 ? 94  VAL A N   1 
ATOM   737  C CA  . VAL A 1 94  ? 6.705   -11.104 6.848   1.00 12.75 ? 94  VAL A CA  1 
ATOM   738  C C   . VAL A 1 94  ? 6.051   -9.805  7.300   1.00 11.45 ? 94  VAL A C   1 
ATOM   739  O O   . VAL A 1 94  ? 5.226   -9.214  6.589   1.00 12.37 ? 94  VAL A O   1 
ATOM   740  C CB  . VAL A 1 94  ? 6.087   -12.337 7.535   1.00 14.46 ? 94  VAL A CB  1 
ATOM   741  C CG1 . VAL A 1 94  ? 4.580   -12.328 7.369   1.00 15.73 ? 94  VAL A CG1 1 
ATOM   742  C CG2 . VAL A 1 94  ? 6.690   -13.608 6.958   1.00 16.32 ? 94  VAL A CG2 1 
ATOM   743  N N   . ARG A 1 95  ? 6.424   -9.328  8.490   1.00 11.16 ? 95  ARG A N   1 
ATOM   744  C CA  . ARG A 1 95  ? 5.871   -8.063  8.955   1.00 11.19 ? 95  ARG A CA  1 
ATOM   745  C C   . ARG A 1 95  ? 6.354   -6.881  8.120   1.00 10.25 ? 95  ARG A C   1 
ATOM   746  O O   . ARG A 1 95  ? 5.622   -5.902  7.968   1.00 10.55 ? 95  ARG A O   1 
ATOM   747  C CB  . ARG A 1 95  ? 6.152   -7.880  10.442  1.00 11.05 ? 95  ARG A CB  1 
ATOM   748  C CG  . ARG A 1 95  ? 5.416   -8.896  11.316  1.00 11.20 ? 95  ARG A CG  1 
ATOM   749  C CD  . ARG A 1 95  ? 5.641   -8.593  12.776  1.00 12.44 ? 95  ARG A CD  1 
ATOM   750  N NE  . ARG A 1 95  ? 4.806   -9.384  13.680  1.00 12.24 ? 95  ARG A NE  1 
ATOM   751  C CZ  . ARG A 1 95  ? 5.173   -10.530 14.244  1.00 12.10 ? 95  ARG A CZ  1 
ATOM   752  N NH1 . ARG A 1 95  ? 6.363   -11.059 13.992  1.00 13.27 ? 95  ARG A NH1 1 
ATOM   753  N NH2 . ARG A 1 95  ? 4.338   -11.148 15.072  1.00 12.69 ? 95  ARG A NH2 1 
ATOM   754  N N   . ARG A 1 96  ? 7.562   -6.949  7.554   1.00 11.19 ? 96  ARG A N   1 
ATOM   755  C CA  . ARG A 1 96  ? 7.983   -5.900  6.628   1.00 11.16 ? 96  ARG A CA  1 
ATOM   756  C C   . ARG A 1 96  ? 7.035   -5.805  5.440   1.00 10.61 ? 96  ARG A C   1 
ATOM   757  O O   . ARG A 1 96  ? 6.772   -4.706  4.934   1.00 11.26 ? 96  ARG A O   1 
ATOM   758  C CB  . ARG A 1 96  ? 9.422   -6.126  6.167   1.00 12.50 ? 96  ARG A CB  1 
ATOM   759  C CG  . ARG A 1 96  ? 10.462  -5.738  7.201   1.00 12.22 ? 96  ARG A CG  1 
ATOM   760  C CD  . ARG A 1 96  ? 11.870  -6.041  6.702   1.00 13.59 ? 96  ARG A CD  1 
ATOM   761  N NE  . ARG A 1 96  ? 12.879  -5.716  7.703   1.00 17.38 ? 96  ARG A NE  1 
ATOM   762  C CZ  . ARG A 1 96  ? 14.119  -6.194  7.706   1.00 19.25 ? 96  ARG A CZ  1 
ATOM   763  N NH1 . ARG A 1 96  ? 14.518  -7.032  6.756   1.00 24.28 ? 96  ARG A NH1 1 
ATOM   764  N NH2 . ARG A 1 96  ? 14.961  -5.841  8.668   1.00 19.48 ? 96  ARG A NH2 1 
ATOM   765  N N   . CYS A 1 97  ? 6.499   -6.942  4.989   1.00 10.66 ? 97  CYS A N   1 
ATOM   766  C CA  . CYS A 1 97  ? 5.520   -6.907  3.906   1.00 11.14 ? 97  CYS A CA  1 
ATOM   767  C C   . CYS A 1 97  ? 4.265   -6.150  4.318   1.00 10.53 ? 97  CYS A C   1 
ATOM   768  O O   . CYS A 1 97  ? 3.705   -5.380  3.525   1.00 10.80 ? 97  CYS A O   1 
ATOM   769  C CB  . CYS A 1 97  ? 5.157   -8.321  3.468   1.00 11.27 ? 97  CYS A CB  1 
ATOM   770  S SG  . CYS A 1 97  ? 6.463   -9.198  2.609   1.00 11.78 ? 97  CYS A SG  1 
ATOM   771  N N   . ALA A 1 98  ? 3.803   -6.352  5.552   1.00 10.37 ? 98  ALA A N   1 
ATOM   772  C CA  . ALA A 1 98  ? 2.652   -5.594  6.026   1.00 10.80 ? 98  ALA A CA  1 
ATOM   773  C C   . ALA A 1 98  ? 2.940   -4.098  6.034   1.00 9.41  ? 98  ALA A C   1 
ATOM   774  O O   . ALA A 1 98  ? 2.073   -3.293  5.679   1.00 10.57 ? 98  ALA A O   1 
ATOM   775  C CB  . ALA A 1 98  ? 2.249   -6.092  7.414   1.00 10.91 ? 98  ALA A CB  1 
ATOM   776  N N   . ALA A 1 99  ? 4.159   -3.712  6.418   1.00 10.04 ? 99  ALA A N   1 
ATOM   777  C CA  . ALA A 1 99  ? 4.531   -2.303  6.409   1.00 11.14 ? 99  ALA A CA  1 
ATOM   778  C C   . ALA A 1 99  ? 4.529   -1.736  4.990   1.00 11.38 ? 99  ALA A C   1 
ATOM   779  O O   . ALA A 1 99  ? 4.026   -0.630  4.751   1.00 11.19 ? 99  ALA A O   1 
ATOM   780  C CB  . ALA A 1 99  ? 5.911   -2.139  7.043   1.00 12.52 ? 99  ALA A CB  1 
ATOM   781  N N   . ILE A 1 100 ? 5.119   -2.465  4.038   1.00 10.25 ? 100 ILE A N   1 
ATOM   782  C CA  . ILE A 1 100 ? 5.109   -2.002  2.651   1.00 10.12 ? 100 ILE A CA  1 
ATOM   783  C C   . ILE A 1 100 ? 3.682   -1.871  2.148   1.00 10.53 ? 100 ILE A C   1 
ATOM   784  O O   . ILE A 1 100 ? 3.348   -0.931  1.412   1.00 10.73 ? 100 ILE A O   1 
ATOM   785  C CB  . ILE A 1 100 ? 5.934   -2.944  1.751   1.00 10.86 ? 100 ILE A CB  1 
ATOM   786  C CG1 . ILE A 1 100 ? 7.394   -2.981  2.194   1.00 11.41 ? 100 ILE A CG1 1 
ATOM   787  C CG2 . ILE A 1 100 ? 5.821   -2.527  0.277   1.00 12.14 ? 100 ILE A CG2 1 
ATOM   788  C CD1 . ILE A 1 100 ? 8.160   -4.163  1.633   1.00 13.48 ? 100 ILE A CD1 1 
ATOM   789  N N   . ASN A 1 101 ? 2.831   -2.838  2.501   1.00 10.61 ? 101 ASN A N   1 
ATOM   790  C CA  . ASN A 1 101 ? 1.437   -2.810  2.080   1.00 10.37 ? 101 ASN A CA  1 
ATOM   791  C C   . ASN A 1 101 ? 0.768   -1.508  2.507   1.00 10.27 ? 101 ASN A C   1 
ATOM   792  O O   . ASN A 1 101 ? 0.113   -0.835  1.699   1.00 10.80 ? 101 ASN A O   1 
ATOM   793  C CB  . ASN A 1 101 ? 0.739   -4.037  2.678   1.00 10.75 ? 101 ASN A CB  1 
ATOM   794  C CG  . ASN A 1 101 ? -0.609  -4.314  2.067   1.00 9.77  ? 101 ASN A CG  1 
ATOM   795  O OD1 . ASN A 1 101 ? -1.482  -3.449  2.058   1.00 10.84 ? 101 ASN A OD1 1 
ATOM   796  N ND2 . ASN A 1 101 ? -0.803  -5.536  1.590   1.00 10.63 ? 101 ASN A ND2 1 
ATOM   797  N N   . MET A 1 102 ? 0.940   -1.129  3.782   1.00 10.25 ? 102 MET A N   1 
ATOM   798  C CA  . MET A 1 102 ? 0.348   0.117   4.266   1.00 10.88 ? 102 MET A CA  1 
ATOM   799  C C   . MET A 1 102 ? 0.873   1.329   3.506   1.00 11.09 ? 102 MET A C   1 
ATOM   800  O O   . MET A 1 102 ? 0.103   2.236   3.171   1.00 11.54 ? 102 MET A O   1 
ATOM   801  C CB  . MET A 1 102 ? 0.603   0.290   5.763   1.00 11.34 ? 102 MET A CB  1 
ATOM   802  C CG  . MET A 1 102 ? -0.145  -0.701  6.626   1.00 12.03 ? 102 MET A CG  1 
ATOM   803  S SD  . MET A 1 102 ? -0.039  -0.334  8.374   1.00 14.55 ? 102 MET A SD  1 
ATOM   804  C CE  . MET A 1 102 ? -1.088  1.112   8.501   1.00 15.28 ? 102 MET A CE  1 
ATOM   805  N N   . VAL A 1 103 ? 2.188   1.393   3.278   1.00 11.33 ? 103 VAL A N   1 
ATOM   806  C CA  . VAL A 1 103 ? 2.762   2.533   2.562   1.00 11.83 ? 103 VAL A CA  1 
ATOM   807  C C   . VAL A 1 103 ? 2.275   2.571   1.118   1.00 11.71 ? 103 VAL A C   1 
ATOM   808  O O   . VAL A 1 103 ? 1.998   3.648   0.570   1.00 12.80 ? 103 VAL A O   1 
ATOM   809  C CB  . VAL A 1 103 ? 4.296   2.531   2.682   1.00 12.75 ? 103 VAL A CB  1 
ATOM   810  C CG1 . VAL A 1 103 ? 4.920   3.595   1.790   1.00 13.88 ? 103 VAL A CG1 1 
ATOM   811  C CG2 . VAL A 1 103 ? 4.704   2.744   4.134   1.00 13.57 ? 103 VAL A CG2 1 
ATOM   812  N N   . PHE A 1 104 ? 2.155   1.404   0.482   1.00 11.56 ? 104 PHE A N   1 
ATOM   813  C CA  . PHE A 1 104 ? 1.586   1.336   -0.860  1.00 11.72 ? 104 PHE A CA  1 
ATOM   814  C C   . PHE A 1 104 ? 0.181   1.925   -0.887  1.00 12.32 ? 104 PHE A C   1 
ATOM   815  O O   . PHE A 1 104 ? -0.158  2.700   -1.791  1.00 12.74 ? 104 PHE A O   1 
ATOM   816  C CB  . PHE A 1 104 ? 1.595   -0.128  -1.310  1.00 11.46 ? 104 PHE A CB  1 
ATOM   817  C CG  . PHE A 1 104 ? 1.226   -0.359  -2.752  1.00 10.01 ? 104 PHE A CG  1 
ATOM   818  C CD1 . PHE A 1 104 ? -0.094  -0.415  -3.148  1.00 11.66 ? 104 PHE A CD1 1 
ATOM   819  C CD2 . PHE A 1 104 ? 2.208   -0.603  -3.696  1.00 11.65 ? 104 PHE A CD2 1 
ATOM   820  C CE1 . PHE A 1 104 ? -0.434  -0.676  -4.464  1.00 13.31 ? 104 PHE A CE1 1 
ATOM   821  C CE2 . PHE A 1 104 ? 1.875   -0.870  -5.011  1.00 12.41 ? 104 PHE A CE2 1 
ATOM   822  C CZ  . PHE A 1 104 ? 0.556   -0.895  -5.399  1.00 12.72 ? 104 PHE A CZ  1 
ATOM   823  N N   . GLN A 1 105 ? -0.640  1.601   0.112   1.00 11.30 ? 105 GLN A N   1 
ATOM   824  C CA  . GLN A 1 105 ? -2.029  2.037   0.100   1.00 11.54 ? 105 GLN A CA  1 
ATOM   825  C C   . GLN A 1 105 ? -2.179  3.506   0.483   1.00 12.63 ? 105 GLN A C   1 
ATOM   826  O O   . GLN A 1 105 ? -2.973  4.228   -0.133  1.00 14.81 ? 105 GLN A O   1 
ATOM   827  C CB  . GLN A 1 105 ? -2.868  1.154   1.032   1.00 12.11 ? 105 GLN A CB  1 
ATOM   828  C CG  . GLN A 1 105 ? -4.349  1.516   1.021   1.00 12.76 ? 105 GLN A CG  1 
ATOM   829  C CD  . GLN A 1 105 ? -5.201  0.660   1.946   1.00 11.93 ? 105 GLN A CD  1 
ATOM   830  O OE1 . GLN A 1 105 ? -4.705  -0.211  2.652   1.00 11.75 ? 105 GLN A OE1 1 
ATOM   831  N NE2 . GLN A 1 105 ? -6.503  0.914   1.941   1.00 14.25 ? 105 GLN A NE2 1 
ATOM   832  N N   . MET A 1 106 ? -1.450  3.972   1.502   1.00 13.46 ? 106 MET A N   1 
ATOM   833  C CA  A MET A 1 106 ? -1.689  5.312   2.020   0.46 14.58 ? 106 MET A CA  1 
ATOM   834  C CA  B MET A 1 106 ? -1.666  5.295   2.078   0.54 14.54 ? 106 MET A CA  1 
ATOM   835  C C   . MET A 1 106 ? -0.519  6.273   1.874   1.00 15.32 ? 106 MET A C   1 
ATOM   836  O O   . MET A 1 106 ? -0.688  7.462   2.170   1.00 17.19 ? 106 MET A O   1 
ATOM   837  C CB  A MET A 1 106 ? -2.191  5.281   3.477   0.46 18.03 ? 106 MET A CB  1 
ATOM   838  C CB  B MET A 1 106 ? -1.935  5.179   3.582   0.54 16.48 ? 106 MET A CB  1 
ATOM   839  C CG  A MET A 1 106 ? -1.205  4.766   4.512   0.46 16.79 ? 106 MET A CG  1 
ATOM   840  C CG  B MET A 1 106 ? -3.319  4.686   3.898   0.54 16.28 ? 106 MET A CG  1 
ATOM   841  S SD  A MET A 1 106 ? -1.901  4.706   6.186   0.46 17.45 ? 106 MET A SD  1 
ATOM   842  S SD  B MET A 1 106 ? -3.461  4.238   5.626   0.54 16.98 ? 106 MET A SD  1 
ATOM   843  C CE  A MET A 1 106 ? -2.875  3.211   6.103   0.46 16.38 ? 106 MET A CE  1 
ATOM   844  C CE  B MET A 1 106 ? -2.663  2.634   5.585   0.54 16.32 ? 106 MET A CE  1 
ATOM   845  N N   . GLY A 1 107 ? 0.628   5.816   1.410   1.00 15.24 ? 107 GLY A N   1 
ATOM   846  C CA  . GLY A 1 107 ? 1.723   6.750   1.222   1.00 17.11 ? 107 GLY A CA  1 
ATOM   847  C C   . GLY A 1 107 ? 2.604   6.878   2.447   1.00 16.90 ? 107 GLY A C   1 
ATOM   848  O O   . GLY A 1 107 ? 2.183   6.662   3.586   1.00 18.34 ? 107 GLY A O   1 
ATOM   849  N N   . GLU A 1 108 ? 3.860   7.253   2.184   1.00 21.13 ? 108 GLU A N   1 
ATOM   850  C CA  . GLU A 1 108 ? 4.870   7.404   3.227   1.00 23.40 ? 108 GLU A CA  1 
ATOM   851  C C   . GLU A 1 108 ? 4.406   8.361   4.314   1.00 22.27 ? 108 GLU A C   1 
ATOM   852  O O   . GLU A 1 108 ? 4.582   8.090   5.509   1.00 23.93 ? 108 GLU A O   1 
ATOM   853  C CB  . GLU A 1 108 ? 6.160   7.916   2.584   1.00 25.28 ? 108 GLU A CB  1 
ATOM   854  C CG  . GLU A 1 108 ? 7.321   8.131   3.531   1.00 26.96 ? 108 GLU A CG  1 
ATOM   855  C CD  . GLU A 1 108 ? 8.432   8.942   2.892   1.00 24.44 ? 108 GLU A CD  1 
ATOM   856  O OE1 . GLU A 1 108 ? 9.138   9.664   3.625   1.00 29.63 ? 108 GLU A OE1 1 
ATOM   857  O OE2 . GLU A 1 108 ? 8.585   8.881   1.650   1.00 30.33 ? 108 GLU A OE2 1 
ATOM   858  N N   C THR A 1 109 ? 3.897   9.532   3.923   0.63 25.58 ? 109 THR A N   1 
ATOM   859  N N   D THR A 1 109 ? 3.736   9.453   3.922   0.37 25.47 ? 109 THR A N   1 
ATOM   860  C CA  C THR A 1 109 ? 3.573   10.550  4.918   0.63 25.83 ? 109 THR A CA  1 
ATOM   861  C CA  D THR A 1 109 ? 3.135   10.367  4.889   0.37 25.76 ? 109 THR A CA  1 
ATOM   862  C C   C THR A 1 109 ? 2.445   10.089  5.829   0.63 22.99 ? 109 THR A C   1 
ATOM   863  C C   D THR A 1 109 ? 1.826   9.815   5.446   0.37 23.69 ? 109 THR A C   1 
ATOM   864  O O   C THR A 1 109 ? 2.508   10.281  7.050   0.63 24.46 ? 109 THR A O   1 
ATOM   865  O O   D THR A 1 109 ? 1.562   9.931   6.645   0.37 26.00 ? 109 THR A O   1 
ATOM   866  C CB  C THR A 1 109 ? 3.226   11.873  4.235   0.63 26.10 ? 109 THR A CB  1 
ATOM   867  C CB  D THR A 1 109 ? 2.886   11.737  4.251   0.37 26.43 ? 109 THR A CB  1 
ATOM   868  O OG1 C THR A 1 109 ? 2.203   11.656  3.255   0.63 31.71 ? 109 THR A OG1 1 
ATOM   869  O OG1 D THR A 1 109 ? 1.694   11.686  3.456   0.37 29.99 ? 109 THR A OG1 1 
ATOM   870  C CG2 C THR A 1 109 ? 4.454   12.464  3.561   0.63 27.06 ? 109 THR A CG2 1 
ATOM   871  C CG2 D THR A 1 109 ? 4.061   12.149  3.378   0.37 26.85 ? 109 THR A CG2 1 
ATOM   872  N N   C GLY A 1 110 ? 1.417   9.461   5.255   0.63 23.60 ? 110 GLY A N   1 
ATOM   873  N N   D GLY A 1 110 ? 0.992   9.217   4.596   0.37 25.45 ? 110 GLY A N   1 
ATOM   874  C CA  C GLY A 1 110 ? 0.303   8.993   6.062   0.63 22.91 ? 110 GLY A CA  1 
ATOM   875  C CA  D GLY A 1 110 ? -0.317  8.738   5.012   0.37 23.90 ? 110 GLY A CA  1 
ATOM   876  C C   C GLY A 1 110 ? 0.719   7.945   7.075   0.63 21.99 ? 110 GLY A C   1 
ATOM   877  C C   D GLY A 1 110 ? -0.326  7.881   6.262   0.37 22.41 ? 110 GLY A C   1 
ATOM   878  O O   C GLY A 1 110 ? 0.340   8.013   8.247   0.63 22.02 ? 110 GLY A O   1 
ATOM   879  O O   D GLY A 1 110 ? -1.370  7.702   6.898   0.37 24.89 ? 110 GLY A O   1 
ATOM   880  N N   C VAL A 1 111 ? 1.516   6.966   6.641   0.63 19.68 ? 111 VAL A N   1 
ATOM   881  N N   D VAL A 1 111 ? 0.840   7.354   6.628   0.37 21.52 ? 111 VAL A N   1 
ATOM   882  C CA  C VAL A 1 111 ? 1.932   5.901   7.549   0.63 16.64 ? 111 VAL A CA  1 
ATOM   883  C CA  D VAL A 1 111 ? 1.006   6.561   7.839   0.37 21.21 ? 111 VAL A CA  1 
ATOM   884  C C   C VAL A 1 111 ? 2.898   6.432   8.602   0.63 16.03 ? 111 VAL A C   1 
ATOM   885  C C   D VAL A 1 111 ? 1.651   7.403   8.935   0.37 21.13 ? 111 VAL A C   1 
ATOM   886  O O   C VAL A 1 111 ? 2.855   6.018   9.767   0.63 18.34 ? 111 VAL A O   1 
ATOM   887  O O   D VAL A 1 111 ? 2.059   6.874   9.974   0.37 20.92 ? 111 VAL A O   1 
ATOM   888  C CB  C VAL A 1 111 ? 2.515   4.710   6.768   0.63 14.46 ? 111 VAL A CB  1 
ATOM   889  C CB  D VAL A 1 111 ? 1.832   5.296   7.551   0.37 19.79 ? 111 VAL A CB  1 
ATOM   890  C CG1 C VAL A 1 111 ? 2.939   3.617   7.726   0.63 16.69 ? 111 VAL A CG1 1 
ATOM   891  C CG1 D VAL A 1 111 ? 1.222   4.522   6.392   0.37 19.47 ? 111 VAL A CG1 1 
ATOM   892  C CG2 C VAL A 1 111 ? 1.507   4.177   5.767   0.63 15.15 ? 111 VAL A CG2 1 
ATOM   893  C CG2 D VAL A 1 111 ? 3.271   5.667   7.240   0.37 21.19 ? 111 VAL A CG2 1 
ATOM   894  N N   C ALA A 1 112 ? 3.780   7.359   8.213   0.63 17.72 ? 112 ALA A N   1 
ATOM   895  N N   D ALA A 1 112 ? 1.754   8.720   8.712   0.37 22.03 ? 112 ALA A N   1 
ATOM   896  C CA  C ALA A 1 112 ? 4.716   7.950   9.165   0.63 21.30 ? 112 ALA A CA  1 
ATOM   897  C CA  D ALA A 1 112 ? 2.342   9.583   9.735   0.37 22.97 ? 112 ALA A CA  1 
ATOM   898  C C   C ALA A 1 112 ? 4.003   8.659   10.307  0.63 20.29 ? 112 ALA A C   1 
ATOM   899  C C   D ALA A 1 112 ? 1.470   9.663   10.980  0.37 22.16 ? 112 ALA A C   1 
ATOM   900  O O   C ALA A 1 112 ? 4.606   8.869   11.365  0.63 22.34 ? 112 ALA A O   1 
ATOM   901  O O   D ALA A 1 112 ? 1.987   9.882   12.080  0.37 21.70 ? 112 ALA A O   1 
ATOM   902  C CB  C ALA A 1 112 ? 5.665   8.917   8.452   0.63 22.51 ? 112 ALA A CB  1 
ATOM   903  C CB  D ALA A 1 112 ? 2.621   10.985  9.189   0.37 24.49 ? 112 ALA A CB  1 
ATOM   904  N N   C GLY A 1 113 ? 2.737   9.029   10.114  0.63 21.49 ? 113 GLY A N   1 
ATOM   905  N N   D GLY A 1 113 ? 0.158   9.493   10.834  0.37 20.60 ? 113 GLY A N   1 
ATOM   906  C CA  C GLY A 1 113 ? 1.947   9.628   11.170  0.63 22.69 ? 113 GLY A CA  1 
ATOM   907  C CA  D GLY A 1 113 ? -0.715  9.462   11.992  0.37 22.16 ? 113 GLY A CA  1 
ATOM   908  C C   C GLY A 1 113 ? 1.319   8.652   12.141  0.63 21.90 ? 113 GLY A C   1 
ATOM   909  C C   D GLY A 1 113 ? -0.558  8.244   12.875  0.37 18.28 ? 113 GLY A C   1 
ATOM   910  O O   C GLY A 1 113 ? 0.759   9.092   13.149  0.63 22.71 ? 113 GLY A O   1 
ATOM   911  O O   D GLY A 1 113 ? -1.197  8.171   13.930  0.37 18.73 ? 113 GLY A O   1 
ATOM   912  N N   C PHE A 1 114 ? 1.408   7.346   11.872  0.63 20.22 ? 114 PHE A N   1 
ATOM   913  N N   D PHE A 1 114 ? 0.288   7.292   12.478  0.37 19.59 ? 114 PHE A N   1 
ATOM   914  C CA  C PHE A 1 114 ? 0.854   6.320   12.753  0.63 20.99 ? 114 PHE A CA  1 
ATOM   915  C CA  D PHE A 1 114 ? 0.464   6.032   13.189  0.37 17.67 ? 114 PHE A CA  1 
ATOM   916  C C   C PHE A 1 114 ? 1.777   6.102   13.944  0.63 17.89 ? 114 PHE A C   1 
ATOM   917  C C   D PHE A 1 114 ? 1.694   6.031   14.101  0.37 18.20 ? 114 PHE A C   1 
ATOM   918  O O   C PHE A 1 114 ? 2.140   4.966   14.269  0.63 18.12 ? 114 PHE A O   1 
ATOM   919  O O   D PHE A 1 114 ? 2.276   4.965   14.332  0.37 18.20 ? 114 PHE A O   1 
ATOM   920  C CB  C PHE A 1 114 ? 0.670   5.004   11.998  0.63 18.20 ? 114 PHE A CB  1 
ATOM   921  C CB  D PHE A 1 114 ? 0.526   4.864   12.197  0.37 18.43 ? 114 PHE A CB  1 
ATOM   922  C CG  C PHE A 1 114 ? -0.603  4.930   11.204  0.63 17.55 ? 114 PHE A CG  1 
ATOM   923  C CG  D PHE A 1 114 ? -0.779  4.584   11.478  0.37 17.28 ? 114 PHE A CG  1 
ATOM   924  C CD1 C PHE A 1 114 ? -1.469  3.862   11.367  0.63 19.10 ? 114 PHE A CD1 1 
ATOM   925  C CD1 D PHE A 1 114 ? -1.162  5.343   10.381  0.37 20.16 ? 114 PHE A CD1 1 
ATOM   926  C CD2 C PHE A 1 114 ? -0.926  5.916   10.288  0.63 22.03 ? 114 PHE A CD2 1 
ATOM   927  C CD2 D PHE A 1 114 ? -1.603  3.540   11.879  0.37 15.13 ? 114 PHE A CD2 1 
ATOM   928  C CE1 C PHE A 1 114 ? -2.638  3.783   10.637  0.63 22.24 ? 114 PHE A CE1 1 
ATOM   929  C CE1 D PHE A 1 114 ? -2.350  5.084   9.714   0.37 19.61 ? 114 PHE A CE1 1 
ATOM   930  C CE2 C PHE A 1 114 ? -2.093  5.843   9.556   0.63 22.16 ? 114 PHE A CE2 1 
ATOM   931  C CE2 D PHE A 1 114 ? -2.796  3.275   11.215  0.37 14.18 ? 114 PHE A CE2 1 
ATOM   932  C CZ  C PHE A 1 114 ? -2.949  4.775   9.727   0.63 19.21 ? 114 PHE A CZ  1 
ATOM   933  C CZ  D PHE A 1 114 ? -3.169  4.051   10.131  0.37 17.59 ? 114 PHE A CZ  1 
ATOM   934  N N   . THR A 1 115 ? 2.103   7.196   14.629  1.00 18.65 ? 115 THR A N   1 
ATOM   935  C CA  . THR A 1 115 ? 3.245   7.237   15.545  1.00 18.99 ? 115 THR A CA  1 
ATOM   936  C C   . THR A 1 115 ? 3.132   6.211   16.667  1.00 18.43 ? 115 THR A C   1 
ATOM   937  O O   . THR A 1 115 ? 4.099   5.506   16.981  1.00 17.21 ? 115 THR A O   1 
ATOM   938  C CB  . THR A 1 115 ? 3.376   8.644   16.129  1.00 19.99 ? 115 THR A CB  1 
ATOM   939  O OG1 . THR A 1 115 ? 3.515   9.590   15.064  1.00 24.09 ? 115 THR A OG1 1 
ATOM   940  C CG2 . THR A 1 115 ? 4.582   8.738   17.056  1.00 24.07 ? 115 THR A CG2 1 
ATOM   941  N N   . ASN A 1 116 ? 1.962   6.117   17.294  1.00 17.83 ? 116 ASN A N   1 
ATOM   942  C CA  . ASN A 1 116 ? 1.825   5.192   18.412  1.00 15.51 ? 116 ASN A CA  1 
ATOM   943  C C   . ASN A 1 116 ? 1.837   3.740   17.941  1.00 14.97 ? 116 ASN A C   1 
ATOM   944  O O   . ASN A 1 116 ? 2.425   2.880   18.601  1.00 15.54 ? 116 ASN A O   1 
ATOM   945  C CB  . ASN A 1 116 ? 0.572   5.528   19.219  1.00 16.13 ? 116 ASN A CB  1 
ATOM   946  C CG  . ASN A 1 116 ? 0.581   6.966   19.711  1.00 16.61 ? 116 ASN A CG  1 
ATOM   947  O OD1 . ASN A 1 116 ? 1.616   7.477   20.151  1.00 20.89 ? 116 ASN A OD1 1 
ATOM   948  N ND2 . ASN A 1 116 ? -0.558  7.639   19.598  1.00 15.46 ? 116 ASN A ND2 1 
ATOM   949  N N   . SER A 1 117 ? 1.211   3.455   16.796  1.00 15.02 ? 117 SER A N   1 
ATOM   950  C CA  . SER A 1 117 ? 1.255   2.101   16.246  1.00 15.63 ? 117 SER A CA  1 
ATOM   951  C C   . SER A 1 117 ? 2.689   1.695   15.934  1.00 14.10 ? 117 SER A C   1 
ATOM   952  O O   . SER A 1 117 ? 3.106   0.567   16.221  1.00 14.35 ? 117 SER A O   1 
ATOM   953  C CB  . SER A 1 117 ? 0.431   2.032   14.957  1.00 17.27 ? 117 SER A CB  1 
ATOM   954  O OG  . SER A 1 117 ? -0.904  2.475   15.140  1.00 22.79 ? 117 SER A OG  1 
ATOM   955  N N   . LEU A 1 118 ? 3.455   2.612   15.336  1.00 14.79 ? 118 LEU A N   1 
ATOM   956  C CA  . LEU A 1 118 ? 4.838   2.326   14.975  1.00 16.98 ? 118 LEU A CA  1 
ATOM   957  C C   . LEU A 1 118 ? 5.671   2.008   16.204  1.00 15.20 ? 118 LEU A C   1 
ATOM   958  O O   . LEU A 1 118 ? 6.511   1.097   16.178  1.00 15.11 ? 118 LEU A O   1 
ATOM   959  C CB  . LEU A 1 118 ? 5.432   3.525   14.237  1.00 17.99 ? 118 LEU A CB  1 
ATOM   960  C CG  . LEU A 1 118 ? 4.885   3.813   12.840  1.00 18.87 ? 118 LEU A CG  1 
ATOM   961  C CD1 . LEU A 1 118 ? 5.304   5.195   12.374  1.00 19.39 ? 118 LEU A CD1 1 
ATOM   962  C CD2 . LEU A 1 118 ? 5.377   2.758   11.872  1.00 19.00 ? 118 LEU A CD2 1 
ATOM   963  N N   . ARG A 1 119 ? 5.450   2.745   17.296  1.00 15.95 ? 119 ARG A N   1 
ATOM   964  C CA  . ARG A 1 119 ? 6.183   2.473   18.526  1.00 17.46 ? 119 ARG A CA  1 
ATOM   965  C C   . ARG A 1 119 ? 5.853   1.088   19.063  1.00 15.12 ? 119 ARG A C   1 
ATOM   966  O O   . ARG A 1 119 ? 6.752   0.334   19.447  1.00 15.33 ? 119 ARG A O   1 
ATOM   967  C CB  . ARG A 1 119 ? 5.877   3.547   19.571  1.00 18.03 ? 119 ARG A CB  1 
ATOM   968  C CG  . ARG A 1 119 ? 6.522   3.305   20.930  1.00 20.59 ? 119 ARG A CG  1 
ATOM   969  C CD  . ARG A 1 119 ? 6.089   4.361   21.945  1.00 25.54 ? 119 ARG A CD  1 
ATOM   970  N NE  . ARG A 1 119 ? 6.233   5.722   21.433  1.00 29.83 ? 119 ARG A NE  1 
ATOM   971  C CZ  . ARG A 1 119 ? 5.216   6.534   21.154  1.00 27.14 ? 119 ARG A CZ  1 
ATOM   972  N NH1 . ARG A 1 119 ? 3.966   6.119   21.318  1.00 25.84 ? 119 ARG A NH1 1 
ATOM   973  N NH2 . ARG A 1 119 ? 5.450   7.757   20.697  1.00 30.54 ? 119 ARG A NH2 1 
ATOM   974  N N   . MET A 1 120 ? 4.563   0.731   19.090  1.00 13.93 ? 120 MET A N   1 
ATOM   975  C CA  . MET A 1 120 ? 4.178   -0.598  19.555  1.00 14.81 ? 120 MET A CA  1 
ATOM   976  C C   . MET A 1 120 ? 4.781   -1.687  18.677  1.00 12.14 ? 120 MET A C   1 
ATOM   977  O O   . MET A 1 120 ? 5.213   -2.728  19.182  1.00 14.06 ? 120 MET A O   1 
ATOM   978  C CB  . MET A 1 120 ? 2.657   -0.716  19.618  1.00 13.82 ? 120 MET A CB  1 
ATOM   979  C CG  . MET A 1 120 ? 2.004   0.269   20.575  1.00 14.52 ? 120 MET A CG  1 
ATOM   980  S SD  . MET A 1 120 ? 0.223   0.089   20.515  1.00 16.33 ? 120 MET A SD  1 
ATOM   981  C CE  . MET A 1 120 ? -0.298  1.518   21.450  1.00 16.85 ? 120 MET A CE  1 
ATOM   982  N N   . LEU A 1 121 ? 4.828   -1.464  17.359  1.00 12.59 ? 121 LEU A N   1 
ATOM   983  C CA  . LEU A 1 121 ? 5.446   -2.439  16.462  1.00 12.30 ? 121 LEU A CA  1 
ATOM   984  C C   . LEU A 1 121 ? 6.934   -2.581  16.748  1.00 13.04 ? 121 LEU A C   1 
ATOM   985  O O   . LEU A 1 121 ? 7.454   -3.698  16.823  1.00 13.18 ? 121 LEU A O   1 
ATOM   986  C CB  . LEU A 1 121 ? 5.210   -2.049  15.000  1.00 12.96 ? 121 LEU A CB  1 
ATOM   987  C CG  . LEU A 1 121 ? 3.771   -2.221  14.504  1.00 12.44 ? 121 LEU A CG  1 
ATOM   988  C CD1 . LEU A 1 121 ? 3.599   -1.575  13.129  1.00 14.80 ? 121 LEU A CD1 1 
ATOM   989  C CD2 . LEU A 1 121 ? 3.342   -3.679  14.463  1.00 13.16 ? 121 LEU A CD2 1 
ATOM   990  N N   . GLN A 1 122 ? 7.633   -1.459  16.923  1.00 13.82 ? 122 GLN A N   1 
ATOM   991  C CA  . GLN A 1 122 ? 9.058   -1.537  17.214  1.00 15.78 ? 122 GLN A CA  1 
ATOM   992  C C   . GLN A 1 122 ? 9.314   -2.229  18.546  1.00 14.57 ? 122 GLN A C   1 
ATOM   993  O O   . GLN A 1 122 ? 10.317  -2.938  18.697  1.00 16.63 ? 122 GLN A O   1 
ATOM   994  C CB  . GLN A 1 122 ? 9.686   -0.144  17.199  1.00 18.27 ? 122 GLN A CB  1 
ATOM   995  C CG  . GLN A 1 122 ? 11.195  -0.161  17.417  1.00 21.46 ? 122 GLN A CG  1 
ATOM   996  C CD  . GLN A 1 122 ? 11.908  1.023   16.796  1.00 25.28 ? 122 GLN A CD  1 
ATOM   997  O OE1 . GLN A 1 122 ? 11.277  1.974   16.340  1.00 30.76 ? 122 GLN A OE1 1 
ATOM   998  N NE2 . GLN A 1 122 ? 13.237  0.971   16.785  1.00 31.61 ? 122 GLN A NE2 1 
ATOM   999  N N   . GLN A 1 123 ? 8.407   -2.056  19.508  1.00 15.37 ? 123 GLN A N   1 
ATOM   1000 C CA  . GLN A 1 123 ? 8.485   -2.737  20.796  1.00 16.04 ? 123 GLN A CA  1 
ATOM   1001 C C   . GLN A 1 123 ? 8.034   -4.184  20.727  1.00 14.44 ? 123 GLN A C   1 
ATOM   1002 O O   . GLN A 1 123 ? 8.095   -4.880  21.748  1.00 16.01 ? 123 GLN A O   1 
ATOM   1003 C CB  . GLN A 1 123 ? 7.642   -2.005  21.845  1.00 16.25 ? 123 GLN A CB  1 
ATOM   1004 C CG  . GLN A 1 123 ? 8.153   -0.633  22.215  1.00 19.63 ? 123 GLN A CG  1 
ATOM   1005 C CD  . GLN A 1 123 ? 7.160   0.135   23.068  1.00 24.32 ? 123 GLN A CD  1 
ATOM   1006 O OE1 . GLN A 1 123 ? 5.949   0.052   22.856  1.00 23.10 ? 123 GLN A OE1 1 
ATOM   1007 N NE2 . GLN A 1 123 ? 7.668   0.889   24.035  1.00 31.41 ? 123 GLN A NE2 1 
ATOM   1008 N N   . LYS A 1 124 ? 7.548   -4.636  19.567  1.00 13.54 ? 124 LYS A N   1 
ATOM   1009 C CA  . LYS A 1 124 ? 7.071   -6.003  19.379  1.00 12.96 ? 124 LYS A CA  1 
ATOM   1010 C C   . LYS A 1 124 ? 5.896   -6.339  20.293  1.00 13.18 ? 124 LYS A C   1 
ATOM   1011 O O   . LYS A 1 124 ? 5.705   -7.487  20.687  1.00 14.85 ? 124 LYS A O   1 
ATOM   1012 C CB  . LYS A 1 124 ? 8.204   -7.026  19.452  1.00 13.45 ? 124 LYS A CB  1 
ATOM   1013 C CG  . LYS A 1 124 ? 9.307   -6.702  18.440  1.00 14.04 ? 124 LYS A CG  1 
ATOM   1014 C CD  . LYS A 1 124 ? 10.268  -7.861  18.244  1.00 15.23 ? 124 LYS A CD  1 
ATOM   1015 C CE  . LYS A 1 124 ? 11.310  -7.548  17.185  1.00 16.19 ? 124 LYS A CE  1 
ATOM   1016 N NZ  . LYS A 1 124 ? 10.697  -7.319  15.864  1.00 15.55 ? 124 LYS A NZ  1 
ATOM   1017 N N   . ARG A 1 125 ? 5.078   -5.331  20.575  1.00 12.71 ? 125 ARG A N   1 
ATOM   1018 C CA  . ARG A 1 125 ? 3.841   -5.511  21.330  1.00 13.42 ? 125 ARG A CA  1 
ATOM   1019 C C   . ARG A 1 125 ? 2.725   -5.740  20.317  1.00 12.05 ? 125 ARG A C   1 
ATOM   1020 O O   . ARG A 1 125 ? 1.937   -4.851  19.999  1.00 13.25 ? 125 ARG A O   1 
ATOM   1021 C CB  . ARG A 1 125 ? 3.587   -4.290  22.206  1.00 16.97 ? 125 ARG A CB  1 
ATOM   1022 C CG  . ARG A 1 125 ? 4.639   -4.077  23.287  1.00 16.38 ? 125 ARG A CG  1 
ATOM   1023 C CD  . ARG A 1 125 ? 4.650   -2.629  23.799  1.00 22.42 ? 125 ARG A CD  1 
ATOM   1024 N NE  . ARG A 1 125 ? 3.339   -2.150  24.237  1.00 28.43 ? 125 ARG A NE  1 
ATOM   1025 C CZ  . ARG A 1 125 ? 2.992   -0.866  24.309  1.00 25.47 ? 125 ARG A CZ  1 
ATOM   1026 N NH1 . ARG A 1 125 ? 3.857   0.084   23.978  1.00 31.68 ? 125 ARG A NH1 1 
ATOM   1027 N NH2 . ARG A 1 125 ? 1.775   -0.531  24.713  1.00 26.76 ? 125 ARG A NH2 1 
ATOM   1028 N N   . TRP A 1 126 ? 2.666   -6.969  19.803  1.00 12.55 ? 126 TRP A N   1 
ATOM   1029 C CA  . TRP A 1 126 ? 1.892   -7.224  18.589  1.00 12.71 ? 126 TRP A CA  1 
ATOM   1030 C C   . TRP A 1 126 ? 0.392   -7.062  18.812  1.00 12.17 ? 126 TRP A C   1 
ATOM   1031 O O   . TRP A 1 126 ? -0.305  -6.475  17.972  1.00 12.76 ? 126 TRP A O   1 
ATOM   1032 C CB  . TRP A 1 126 ? 2.195   -8.613  18.046  1.00 13.05 ? 126 TRP A CB  1 
ATOM   1033 C CG  . TRP A 1 126 ? 3.643   -8.906  17.836  1.00 12.75 ? 126 TRP A CG  1 
ATOM   1034 C CD1 . TRP A 1 126 ? 4.343   -9.968  18.343  1.00 13.08 ? 126 TRP A CD1 1 
ATOM   1035 C CD2 . TRP A 1 126 ? 4.580   -8.162  17.028  1.00 12.12 ? 126 TRP A CD2 1 
ATOM   1036 N NE1 . TRP A 1 126 ? 5.645   -9.925  17.917  1.00 13.85 ? 126 TRP A NE1 1 
ATOM   1037 C CE2 . TRP A 1 126 ? 5.815   -8.834  17.106  1.00 12.79 ? 126 TRP A CE2 1 
ATOM   1038 C CE3 . TRP A 1 126 ? 4.494   -6.998  16.249  1.00 13.04 ? 126 TRP A CE3 1 
ATOM   1039 C CZ2 . TRP A 1 126 ? 6.960   -8.380  16.442  1.00 13.74 ? 126 TRP A CZ2 1 
ATOM   1040 C CZ3 . TRP A 1 126 ? 5.640   -6.548  15.593  1.00 13.02 ? 126 TRP A CZ3 1 
ATOM   1041 C CH2 . TRP A 1 126 ? 6.851   -7.240  15.690  1.00 12.93 ? 126 TRP A CH2 1 
ATOM   1042 N N   . ASP A 1 127 ? -0.140  -7.618  19.907  1.00 12.45 ? 127 ASP A N   1 
ATOM   1043 C CA  . ASP A 1 127 ? -1.581  -7.507  20.134  1.00 13.06 ? 127 ASP A CA  1 
ATOM   1044 C C   . ASP A 1 127 ? -1.979  -6.057  20.361  1.00 12.57 ? 127 ASP A C   1 
ATOM   1045 O O   . ASP A 1 127 ? -3.017  -5.602  19.861  1.00 12.55 ? 127 ASP A O   1 
ATOM   1046 C CB  . ASP A 1 127 ? -2.018  -8.347  21.335  1.00 14.29 ? 127 ASP A CB  1 
ATOM   1047 C CG  . ASP A 1 127 ? -2.057  -9.831  21.044  1.00 13.90 ? 127 ASP A CG  1 
ATOM   1048 O OD1 . ASP A 1 127 ? -1.596  -10.257 19.964  1.00 16.83 ? 127 ASP A OD1 1 
ATOM   1049 O OD2 . ASP A 1 127 ? -2.564  -10.574 21.914  1.00 18.28 ? 127 ASP A OD2 1 
ATOM   1050 N N   . GLU A 1 128 ? -1.163  -5.315  21.114  1.00 13.01 ? 128 GLU A N   1 
ATOM   1051 C CA  . GLU A 1 128 ? -1.457  -3.909  21.352  1.00 13.82 ? 128 GLU A CA  1 
ATOM   1052 C C   . GLU A 1 128 ? -1.363  -3.108  20.064  1.00 12.13 ? 128 GLU A C   1 
ATOM   1053 O O   . GLU A 1 128 ? -2.201  -2.238  19.807  1.00 13.18 ? 128 GLU A O   1 
ATOM   1054 C CB  . GLU A 1 128 ? -0.518  -3.345  22.416  1.00 15.16 ? 128 GLU A CB  1 
ATOM   1055 C CG  . GLU A 1 128 ? -0.913  -3.752  23.822  1.00 16.93 ? 128 GLU A CG  1 
ATOM   1056 C CD  . GLU A 1 128 ? 0.264   -3.996  24.745  1.00 27.12 ? 128 GLU A CD  1 
ATOM   1057 O OE1 . GLU A 1 128 ? 1.311   -3.351  24.571  1.00 27.64 ? 128 GLU A OE1 1 
ATOM   1058 O OE2 . GLU A 1 128 ? 0.139   -4.844  25.655  1.00 33.09 ? 128 GLU A OE2 1 
ATOM   1059 N N   . ALA A 1 129 ? -0.358  -3.401  19.237  1.00 11.87 ? 129 ALA A N   1 
ATOM   1060 C CA  . ALA A 1 129 ? -0.255  -2.732  17.946  1.00 11.69 ? 129 ALA A CA  1 
ATOM   1061 C C   . ALA A 1 129 ? -1.478  -3.012  17.088  1.00 12.08 ? 129 ALA A C   1 
ATOM   1062 O O   . ALA A 1 129 ? -2.004  -2.100  16.443  1.00 12.57 ? 129 ALA A O   1 
ATOM   1063 C CB  . ALA A 1 129 ? 1.023   -3.164  17.231  1.00 13.04 ? 129 ALA A CB  1 
ATOM   1064 N N   . ALA A 1 130 ? -1.950  -4.259  17.084  1.00 12.10 ? 130 ALA A N   1 
ATOM   1065 C CA  . ALA A 1 130 ? -3.105  -4.614  16.267  1.00 12.74 ? 130 ALA A CA  1 
ATOM   1066 C C   . ALA A 1 130 ? -4.348  -3.854  16.715  1.00 12.81 ? 130 ALA A C   1 
ATOM   1067 O O   . ALA A 1 130 ? -5.128  -3.378  15.883  1.00 13.35 ? 130 ALA A O   1 
ATOM   1068 C CB  . ALA A 1 130 ? -3.347  -6.120  16.330  1.00 14.79 ? 130 ALA A CB  1 
ATOM   1069 N N   . VAL A 1 131 ? -4.557  -3.740  18.028  1.00 12.91 ? 131 VAL A N   1 
ATOM   1070 C CA  . VAL A 1 131 ? -5.683  -2.962  18.538  1.00 13.57 ? 131 VAL A CA  1 
ATOM   1071 C C   . VAL A 1 131 ? -5.561  -1.503  18.119  1.00 13.24 ? 131 VAL A C   1 
ATOM   1072 O O   . VAL A 1 131 ? -6.536  -0.879  17.680  1.00 14.88 ? 131 VAL A O   1 
ATOM   1073 C CB  . VAL A 1 131 ? -5.781  -3.106  20.068  1.00 13.76 ? 131 VAL A CB  1 
ATOM   1074 C CG1 . VAL A 1 131 ? -6.722  -2.051  20.653  1.00 16.47 ? 131 VAL A CG1 1 
ATOM   1075 C CG2 . VAL A 1 131 ? -6.239  -4.501  20.441  1.00 16.04 ? 131 VAL A CG2 1 
ATOM   1076 N N   . ASN A 1 132 ? -4.357  -0.942  18.233  1.00 12.38 ? 132 ASN A N   1 
ATOM   1077 C CA  . ASN A 1 132 ? -4.160  0.467   17.914  1.00 12.34 ? 132 ASN A CA  1 
ATOM   1078 C C   . ASN A 1 132 ? -4.338  0.735   16.421  1.00 12.25 ? 132 ASN A C   1 
ATOM   1079 O O   . ASN A 1 132 ? -4.918  1.758   16.037  1.00 12.77 ? 132 ASN A O   1 
ATOM   1080 C CB  . ASN A 1 132 ? -2.777  0.903   18.385  1.00 13.91 ? 132 ASN A CB  1 
ATOM   1081 C CG  . ASN A 1 132 ? -2.557  2.387   18.248  1.00 14.44 ? 132 ASN A CG  1 
ATOM   1082 O OD1 . ASN A 1 132 ? -1.912  2.847   17.305  1.00 18.03 ? 132 ASN A OD1 1 
ATOM   1083 N ND2 . ASN A 1 132 ? -3.084  3.150   19.195  1.00 17.41 ? 132 ASN A ND2 1 
ATOM   1084 N N   . LEU A 1 133 ? -3.840  -0.168  15.566  1.00 12.04 ? 133 LEU A N   1 
ATOM   1085 C CA  . LEU A 1 133 ? -3.945  0.005   14.120  1.00 11.43 ? 133 LEU A CA  1 
ATOM   1086 C C   . LEU A 1 133 ? -5.392  0.059   13.656  1.00 11.98 ? 133 LEU A C   1 
ATOM   1087 O O   . LEU A 1 133 ? -5.698  0.731   12.662  1.00 13.16 ? 133 LEU A O   1 
ATOM   1088 C CB  . LEU A 1 133 ? -3.230  -1.150  13.422  1.00 11.91 ? 133 LEU A CB  1 
ATOM   1089 C CG  . LEU A 1 133 ? -1.704  -1.061  13.384  1.00 12.92 ? 133 LEU A CG  1 
ATOM   1090 C CD1 . LEU A 1 133 ? -1.101  -2.422  13.092  1.00 15.29 ? 133 LEU A CD1 1 
ATOM   1091 C CD2 . LEU A 1 133 ? -1.249  -0.053  12.348  1.00 15.51 ? 133 LEU A CD2 1 
ATOM   1092 N N   . ALA A 1 134 ? -6.285  -0.661  14.336  1.00 12.81 ? 134 ALA A N   1 
ATOM   1093 C CA  . ALA A 1 134 ? -7.688  -0.698  13.950  1.00 13.07 ? 134 ALA A CA  1 
ATOM   1094 C C   . ALA A 1 134 ? -8.438  0.570   14.324  1.00 13.19 ? 134 ALA A C   1 
ATOM   1095 O O   . ALA A 1 134 ? -9.540  0.790   13.813  1.00 14.15 ? 134 ALA A O   1 
ATOM   1096 C CB  . ALA A 1 134 ? -8.373  -1.925  14.563  1.00 15.02 ? 134 ALA A CB  1 
ATOM   1097 N N   . LYS A 1 135 ? -7.871  1.407   15.189  1.00 12.57 ? 135 LYS A N   1 
ATOM   1098 C CA  . LYS A 1 135 ? -8.499  2.672   15.568  1.00 13.03 ? 135 LYS A CA  1 
ATOM   1099 C C   . LYS A 1 135 ? -8.087  3.736   14.553  1.00 12.78 ? 135 LYS A C   1 
ATOM   1100 O O   . LYS A 1 135 ? -7.300  4.636   14.829  1.00 12.67 ? 135 LYS A O   1 
ATOM   1101 C CB  . LYS A 1 135 ? -8.102  3.049   16.990  1.00 13.53 ? 135 LYS A CB  1 
ATOM   1102 C CG  . LYS A 1 135 ? -8.558  2.029   18.031  1.00 14.65 ? 135 LYS A CG  1 
ATOM   1103 C CD  . LYS A 1 135 ? -7.969  2.313   19.409  1.00 15.39 ? 135 LYS A CD  1 
ATOM   1104 C CE  . LYS A 1 135 ? -8.422  1.279   20.432  1.00 17.33 ? 135 LYS A CE  1 
ATOM   1105 N NZ  . LYS A 1 135 ? -7.745  1.473   21.744  1.00 18.56 ? 135 LYS A NZ  1 
ATOM   1106 N N   . SER A 1 136 ? -8.615  3.596   13.336  1.00 12.27 ? 136 SER A N   1 
ATOM   1107 C CA  . SER A 1 136 ? -8.123  4.405   12.229  1.00 12.36 ? 136 SER A CA  1 
ATOM   1108 C C   . SER A 1 136 ? -9.195  4.529   11.159  1.00 12.77 ? 136 SER A C   1 
ATOM   1109 O O   . SER A 1 136 ? -10.002 3.618   10.959  1.00 12.15 ? 136 SER A O   1 
ATOM   1110 C CB  . SER A 1 136 ? -6.872  3.772   11.608  1.00 11.44 ? 136 SER A CB  1 
ATOM   1111 O OG  . SER A 1 136 ? -7.147  2.479   11.108  1.00 12.26 ? 136 SER A OG  1 
ATOM   1112 N N   . ARG A 1 137 ? -9.160  5.647   10.430  1.00 12.21 ? 137 ARG A N   1 
ATOM   1113 C CA  . ARG A 1 137 ? -9.978  5.750   9.226   1.00 12.42 ? 137 ARG A CA  1 
ATOM   1114 C C   . ARG A 1 137 ? -9.665  4.612   8.267   1.00 12.76 ? 137 ARG A C   1 
ATOM   1115 O O   . ARG A 1 137 ? -10.574 4.042   7.649   1.00 13.58 ? 137 ARG A O   1 
ATOM   1116 C CB  . ARG A 1 137 ? -9.767  7.097   8.531   1.00 12.50 ? 137 ARG A CB  1 
ATOM   1117 C CG  . ARG A 1 137 ? -10.584 7.227   7.259   1.00 14.18 ? 137 ARG A CG  1 
ATOM   1118 C CD  . ARG A 1 137 ? -10.451 8.578   6.582   1.00 16.08 ? 137 ARG A CD  1 
ATOM   1119 N NE  . ARG A 1 137 ? -11.421 8.709   5.499   1.00 20.55 ? 137 ARG A NE  1 
ATOM   1120 C CZ  . ARG A 1 137 ? -11.246 8.208   4.281   1.00 17.44 ? 137 ARG A CZ  1 
ATOM   1121 N NH1 . ARG A 1 137 ? -10.132 7.550   3.991   1.00 19.04 ? 137 ARG A NH1 1 
ATOM   1122 N NH2 . ARG A 1 137 ? -12.184 8.368   3.353   1.00 17.74 ? 137 ARG A NH2 1 
ATOM   1123 N N   . TRP A 1 138 ? -8.381  4.251   8.158   1.00 12.06 ? 138 TRP A N   1 
ATOM   1124 C CA  . TRP A 1 138 ? -7.950  3.157   7.289   1.00 12.29 ? 138 TRP A CA  1 
ATOM   1125 C C   . TRP A 1 138 ? -8.767  1.894   7.544   1.00 13.16 ? 138 TRP A C   1 
ATOM   1126 O O   . TRP A 1 138 ? -9.363  1.318   6.622   1.00 12.87 ? 138 TRP A O   1 
ATOM   1127 C CB  . TRP A 1 138 ? -6.472  2.896   7.560   1.00 12.53 ? 138 TRP A CB  1 
ATOM   1128 C CG  . TRP A 1 138 ? -5.903  1.667   6.942   1.00 11.87 ? 138 TRP A CG  1 
ATOM   1129 C CD1 . TRP A 1 138 ? -5.879  1.351   5.609   1.00 12.69 ? 138 TRP A CD1 1 
ATOM   1130 C CD2 . TRP A 1 138 ? -5.194  0.620   7.615   1.00 11.81 ? 138 TRP A CD2 1 
ATOM   1131 N NE1 . TRP A 1 138 ? -5.233  0.154   5.419   1.00 12.38 ? 138 TRP A NE1 1 
ATOM   1132 C CE2 . TRP A 1 138 ? -4.790  -0.309  6.630   1.00 11.77 ? 138 TRP A CE2 1 
ATOM   1133 C CE3 . TRP A 1 138 ? -4.875  0.371   8.954   1.00 12.54 ? 138 TRP A CE3 1 
ATOM   1134 C CZ2 . TRP A 1 138 ? -4.077  -1.458  6.942   1.00 11.33 ? 138 TRP A CZ2 1 
ATOM   1135 C CZ3 . TRP A 1 138 ? -4.171  -0.766  9.262   1.00 12.50 ? 138 TRP A CZ3 1 
ATOM   1136 C CH2 . TRP A 1 138 ? -3.789  -1.675  8.265   1.00 13.55 ? 138 TRP A CH2 1 
ATOM   1137 N N   . TYR A 1 139 ? -8.821  1.465   8.804   1.00 12.47 ? 139 TYR A N   1 
ATOM   1138 C CA  . TYR A 1 139 ? -9.547  0.246   9.146   1.00 13.22 ? 139 TYR A CA  1 
ATOM   1139 C C   . TYR A 1 139 ? -11.039 0.402   8.884   1.00 13.72 ? 139 TYR A C   1 
ATOM   1140 O O   . TYR A 1 139 ? -11.683 -0.510  8.354   1.00 15.47 ? 139 TYR A O   1 
ATOM   1141 C CB  . TYR A 1 139 ? -9.287  -0.081  10.617  1.00 14.77 ? 139 TYR A CB  1 
ATOM   1142 C CG  . TYR A 1 139 ? -10.041 -1.259  11.188  1.00 16.01 ? 139 TYR A CG  1 
ATOM   1143 C CD1 . TYR A 1 139 ? -9.523  -2.546  11.122  1.00 17.43 ? 139 TYR A CD1 1 
ATOM   1144 C CD2 . TYR A 1 139 ? -11.264 -1.074  11.827  1.00 20.27 ? 139 TYR A CD2 1 
ATOM   1145 C CE1 . TYR A 1 139 ? -10.211 -3.621  11.667  1.00 23.27 ? 139 TYR A CE1 1 
ATOM   1146 C CE2 . TYR A 1 139 ? -11.958 -2.138  12.369  1.00 24.39 ? 139 TYR A CE2 1 
ATOM   1147 C CZ  . TYR A 1 139 ? -11.427 -3.407  12.289  1.00 21.89 ? 139 TYR A CZ  1 
ATOM   1148 O OH  . TYR A 1 139 ? -12.122 -4.465  12.829  1.00 29.66 ? 139 TYR A OH  1 
ATOM   1149 N N   . ASN A 1 140 ? -11.610 1.551   9.234   1.00 12.26 ? 140 ASN A N   1 
ATOM   1150 C CA  . ASN A 1 140 ? -13.050 1.711   9.062   1.00 12.86 ? 140 ASN A CA  1 
ATOM   1151 C C   . ASN A 1 140 ? -13.450 1.728   7.593   1.00 13.27 ? 140 ASN A C   1 
ATOM   1152 O O   . ASN A 1 140 ? -14.521 1.221   7.228   1.00 14.55 ? 140 ASN A O   1 
ATOM   1153 C CB  . ASN A 1 140 ? -13.514 2.977   9.764   1.00 15.42 ? 140 ASN A CB  1 
ATOM   1154 C CG  . ASN A 1 140 ? -13.619 2.787   11.251  1.00 14.03 ? 140 ASN A CG  1 
ATOM   1155 O OD1 . ASN A 1 140 ? -12.733 3.186   12.011  1.00 16.36 ? 140 ASN A OD1 1 
ATOM   1156 N ND2 . ASN A 1 140 ? -14.692 2.147   11.681  1.00 15.30 ? 140 ASN A ND2 1 
ATOM   1157 N N   . GLN A 1 141 ? -12.618 2.304   6.736   1.00 12.44 ? 141 GLN A N   1 
ATOM   1158 C CA  . GLN A 1 141 ? -13.000 2.433   5.337   1.00 12.79 ? 141 GLN A CA  1 
ATOM   1159 C C   . GLN A 1 141 ? -12.676 1.196   4.507   1.00 12.40 ? 141 GLN A C   1 
ATOM   1160 O O   . GLN A 1 141 ? -13.426 0.885   3.575   1.00 14.10 ? 141 GLN A O   1 
ATOM   1161 C CB  . GLN A 1 141 ? -12.382 3.686   4.713   1.00 14.72 ? 141 GLN A CB  1 
ATOM   1162 C CG  . GLN A 1 141 ? -12.711 4.998   5.430   1.00 15.25 ? 141 GLN A CG  1 
ATOM   1163 C CD  . GLN A 1 141 ? -14.199 5.319   5.488   1.00 13.65 ? 141 GLN A CD  1 
ATOM   1164 O OE1 . GLN A 1 141 ? -14.723 5.697   6.542   1.00 17.06 ? 141 GLN A OE1 1 
ATOM   1165 N NE2 . GLN A 1 141 ? -14.885 5.182   4.358   1.00 16.13 ? 141 GLN A NE2 1 
ATOM   1166 N N   . THR A 1 142 ? -11.589 0.479   4.810   1.00 12.77 ? 142 THR A N   1 
ATOM   1167 C CA  . THR A 1 142 ? -11.260 -0.782  4.138   1.00 11.83 ? 142 THR A CA  1 
ATOM   1168 C C   . THR A 1 142 ? -11.000 -1.855  5.189   1.00 11.12 ? 142 THR A C   1 
ATOM   1169 O O   . THR A 1 142 ? -9.856  -2.275  5.412   1.00 11.11 ? 142 THR A O   1 
ATOM   1170 C CB  . THR A 1 142 ? -10.082 -0.634  3.168   1.00 12.21 ? 142 THR A CB  1 
ATOM   1171 O OG1 . THR A 1 142 ? -8.939  -0.070  3.828   1.00 13.11 ? 142 THR A OG1 1 
ATOM   1172 C CG2 . THR A 1 142 ? -10.456 0.272   1.996   1.00 13.16 ? 142 THR A CG2 1 
ATOM   1173 N N   . PRO A 1 143 ? -12.055 -2.321  5.864   1.00 11.22 ? 143 PRO A N   1 
ATOM   1174 C CA  . PRO A 1 143 ? -11.839 -3.199  7.027   1.00 11.51 ? 143 PRO A CA  1 
ATOM   1175 C C   . PRO A 1 143 ? -11.328 -4.581  6.683   1.00 11.59 ? 143 PRO A C   1 
ATOM   1176 O O   . PRO A 1 143 ? -10.537 -5.138  7.452   1.00 11.89 ? 143 PRO A O   1 
ATOM   1177 C CB  . PRO A 1 143 ? -13.223 -3.255  7.684   1.00 12.32 ? 143 PRO A CB  1 
ATOM   1178 C CG  . PRO A 1 143 ? -14.178 -2.962  6.571   1.00 12.75 ? 143 PRO A CG  1 
ATOM   1179 C CD  . PRO A 1 143 ? -13.471 -1.944  5.714   1.00 12.87 ? 143 PRO A CD  1 
ATOM   1180 N N   . ASN A 1 144 ? -11.766 -5.180  5.575   1.00 11.96 ? 144 ASN A N   1 
ATOM   1181 C CA  . ASN A 1 144 ? -11.280 -6.523  5.277   1.00 12.72 ? 144 ASN A CA  1 
ATOM   1182 C C   . ASN A 1 144 ? -9.802  -6.509  4.918   1.00 11.04 ? 144 ASN A C   1 
ATOM   1183 O O   . ASN A 1 144 ? -9.031  -7.355  5.386   1.00 12.29 ? 144 ASN A O   1 
ATOM   1184 C CB  . ASN A 1 144 ? -12.113 -7.182  4.185   1.00 14.57 ? 144 ASN A CB  1 
ATOM   1185 C CG  . ASN A 1 144 ? -13.448 -7.668  4.702   1.00 16.76 ? 144 ASN A CG  1 
ATOM   1186 O OD1 . ASN A 1 144 ? -13.589 -7.992  5.881   1.00 21.82 ? 144 ASN A OD1 1 
ATOM   1187 N ND2 . ASN A 1 144 ? -14.437 -7.729  3.822   1.00 24.21 ? 144 ASN A ND2 1 
ATOM   1188 N N   . ARG A 1 145 ? -9.390  -5.549  4.093   1.00 11.62 ? 145 ARG A N   1 
ATOM   1189 C CA  . ARG A 1 145 ? -7.977  -5.430  3.764   1.00 11.18 ? 145 ARG A CA  1 
ATOM   1190 C C   . ARG A 1 145 ? -7.159  -5.046  4.993   1.00 11.91 ? 145 ARG A C   1 
ATOM   1191 O O   . ARG A 1 145 ? -6.090  -5.626  5.236   1.00 11.94 ? 145 ARG A O   1 
ATOM   1192 C CB  . ARG A 1 145 ? -7.797  -4.435  2.626   1.00 13.67 ? 145 ARG A CB  1 
ATOM   1193 C CG  . ARG A 1 145 ? -6.449  -4.553  1.941   1.00 16.42 ? 145 ARG A CG  1 
ATOM   1194 C CD  . ARG A 1 145 ? -5.655  -3.332  2.272   1.00 16.75 ? 145 ARG A CD  1 
ATOM   1195 N NE  . ARG A 1 145 ? -4.388  -3.197  1.561   1.00 12.42 ? 145 ARG A NE  1 
ATOM   1196 C CZ  . ARG A 1 145 ? -4.259  -2.677  0.347   1.00 12.31 ? 145 ARG A CZ  1 
ATOM   1197 N NH1 . ARG A 1 145 ? -5.330  -2.300  -0.338  1.00 14.56 ? 145 ARG A NH1 1 
ATOM   1198 N NH2 . ARG A 1 145 ? -3.054  -2.527  -0.180  1.00 11.61 ? 145 ARG A NH2 1 
ATOM   1199 N N   . ALA A 1 146 ? -7.639  -4.081  5.786   1.00 12.17 ? 146 ALA A N   1 
ATOM   1200 C CA  . ALA A 1 146 ? -6.907  -3.707  6.994   1.00 13.00 ? 146 ALA A CA  1 
ATOM   1201 C C   . ALA A 1 146 ? -6.808  -4.876  7.968   1.00 12.69 ? 146 ALA A C   1 
ATOM   1202 O O   . ALA A 1 146 ? -5.760  -5.082  8.596   1.00 12.76 ? 146 ALA A O   1 
ATOM   1203 C CB  . ALA A 1 146 ? -7.551  -2.493  7.665   1.00 13.80 ? 146 ALA A CB  1 
ATOM   1204 N N   . LYS A 1 147 ? -7.879  -5.663  8.100   1.00 12.25 ? 147 LYS A N   1 
ATOM   1205 C CA  . LYS A 1 147 ? -7.815  -6.841  8.961   1.00 12.73 ? 147 LYS A CA  1 
ATOM   1206 C C   . LYS A 1 147 ? -6.731  -7.812  8.503   1.00 10.96 ? 147 LYS A C   1 
ATOM   1207 O O   . LYS A 1 147 ? -6.023  -8.394  9.335   1.00 11.65 ? 147 LYS A O   1 
ATOM   1208 C CB  . LYS A 1 147 ? -9.173  -7.543  9.035   1.00 13.44 ? 147 LYS A CB  1 
ATOM   1209 C CG  . LYS A 1 147 ? -10.186 -6.891  9.964   1.00 15.71 ? 147 LYS A CG  1 
ATOM   1210 C CD  . LYS A 1 147 ? -11.577 -7.481  9.774   1.00 17.56 ? 147 LYS A CD  1 
ATOM   1211 C CE  . LYS A 1 147 ? -12.610 -6.759  10.628  1.00 20.98 ? 147 LYS A CE  1 
ATOM   1212 N NZ  . LYS A 1 147 ? -13.965 -7.365  10.518  1.00 24.45 ? 147 LYS A NZ  1 
ATOM   1213 N N   . ARG A 1 148 ? -6.587  -8.014  7.190   1.00 11.15 ? 148 ARG A N   1 
ATOM   1214 C CA  . ARG A 1 148 ? -5.545  -8.921  6.715   1.00 11.27 ? 148 ARG A CA  1 
ATOM   1215 C C   . ARG A 1 148 ? -4.165  -8.388  7.060   1.00 10.11 ? 148 ARG A C   1 
ATOM   1216 O O   . ARG A 1 148 ? -3.291  -9.135  7.520   1.00 11.27 ? 148 ARG A O   1 
ATOM   1217 C CB  . ARG A 1 148 ? -5.660  -9.142  5.205   1.00 10.65 ? 148 ARG A CB  1 
ATOM   1218 C CG  . ARG A 1 148 ? -6.849  -9.966  4.771   1.00 11.64 ? 148 ARG A CG  1 
ATOM   1219 C CD  . ARG A 1 148 ? -6.724  -10.429 3.322   1.00 11.38 ? 148 ARG A CD  1 
ATOM   1220 N NE  . ARG A 1 148 ? -6.854  -9.330  2.367   1.00 11.84 ? 148 ARG A NE  1 
ATOM   1221 C CZ  . ARG A 1 148 ? -8.014  -8.828  1.956   1.00 11.80 ? 148 ARG A CZ  1 
ATOM   1222 N NH1 . ARG A 1 148 ? -9.166  -9.307  2.415   1.00 13.33 ? 148 ARG A NH1 1 
ATOM   1223 N NH2 . ARG A 1 148 ? -8.024  -7.839  1.077   1.00 13.75 ? 148 ARG A NH2 1 
ATOM   1224 N N   . VAL A 1 149 ? -3.944  -7.099  6.813   1.00 10.12 ? 149 VAL A N   1 
ATOM   1225 C CA  . VAL A 1 149 ? -2.653  -6.494  7.113   1.00 11.10 ? 149 VAL A CA  1 
ATOM   1226 C C   . VAL A 1 149 ? -2.376  -6.542  8.612   1.00 10.89 ? 149 VAL A C   1 
ATOM   1227 O O   . VAL A 1 149 ? -1.262  -6.881  9.044   1.00 11.31 ? 149 VAL A O   1 
ATOM   1228 C CB  . VAL A 1 149 ? -2.611  -5.060  6.554   1.00 10.81 ? 149 VAL A CB  1 
ATOM   1229 C CG1 . VAL A 1 149 ? -1.327  -4.360  6.966   1.00 13.23 ? 149 VAL A CG1 1 
ATOM   1230 C CG2 . VAL A 1 149 ? -2.732  -5.090  5.026   1.00 11.34 ? 149 VAL A CG2 1 
ATOM   1231 N N   . ILE A 1 150 ? -3.383  -6.210  9.424   1.00 11.01 ? 150 ILE A N   1 
ATOM   1232 C CA  . ILE A 1 150 ? -3.225  -6.230  10.878  1.00 11.71 ? 150 ILE A CA  1 
ATOM   1233 C C   . ILE A 1 150 ? -2.932  -7.639  11.383  1.00 11.35 ? 150 ILE A C   1 
ATOM   1234 O O   . ILE A 1 150 ? -2.067  -7.834  12.251  1.00 12.15 ? 150 ILE A O   1 
ATOM   1235 C CB  . ILE A 1 150 ? -4.456  -5.602  11.557  1.00 12.32 ? 150 ILE A CB  1 
ATOM   1236 C CG1 . ILE A 1 150 ? -4.496  -4.102  11.266  1.00 13.34 ? 150 ILE A CG1 1 
ATOM   1237 C CG2 . ILE A 1 150 ? -4.413  -5.855  13.047  1.00 13.56 ? 150 ILE A CG2 1 
ATOM   1238 C CD1 . ILE A 1 150 ? -5.738  -3.411  11.770  1.00 13.94 ? 150 ILE A CD1 1 
ATOM   1239 N N   . THR A 1 151 ? -3.621  -8.645  10.840  1.00 11.70 ? 151 THR A N   1 
ATOM   1240 C CA  . THR A 1 151 ? -3.337  -10.026 11.230  1.00 12.34 ? 151 THR A CA  1 
ATOM   1241 C C   . THR A 1 151 ? -1.902  -10.405 10.898  1.00 12.84 ? 151 THR A C   1 
ATOM   1242 O O   . THR A 1 151 ? -1.247  -11.140 11.652  1.00 12.84 ? 151 THR A O   1 
ATOM   1243 C CB  . THR A 1 151 ? -4.320  -10.975 10.546  1.00 13.66 ? 151 THR A CB  1 
ATOM   1244 O OG1 . THR A 1 151 ? -5.625  -10.774 11.099  1.00 16.01 ? 151 THR A OG1 1 
ATOM   1245 C CG2 . THR A 1 151 ? -3.905  -12.439 10.721  1.00 16.22 ? 151 THR A CG2 1 
ATOM   1246 N N   . THR A 1 152 ? -1.392  -9.901  9.775   1.00 11.57 ? 152 THR A N   1 
ATOM   1247 C CA  . THR A 1 152 ? -0.003  -10.151 9.410   1.00 11.79 ? 152 THR A CA  1 
ATOM   1248 C C   . THR A 1 152 ? 0.952   -9.524  10.425  1.00 12.11 ? 152 THR A C   1 
ATOM   1249 O O   . THR A 1 152 ? 1.933   -10.156 10.837  1.00 12.60 ? 152 THR A O   1 
ATOM   1250 C CB  . THR A 1 152 ? 0.240   -9.655  7.977   1.00 11.78 ? 152 THR A CB  1 
ATOM   1251 O OG1 . THR A 1 152 ? -0.763  -10.204 7.101   1.00 11.54 ? 152 THR A OG1 1 
ATOM   1252 C CG2 . THR A 1 152 ? 1.609   -10.092 7.485   1.00 13.07 ? 152 THR A CG2 1 
ATOM   1253 N N   . PHE A 1 153 ? 0.676   -8.289  10.858  1.00 12.19 ? 153 PHE A N   1 
ATOM   1254 C CA  . PHE A 1 153 ? 1.471   -7.691  11.932  1.00 12.98 ? 153 PHE A CA  1 
ATOM   1255 C C   . PHE A 1 153 ? 1.294   -8.441  13.252  1.00 13.22 ? 153 PHE A C   1 
ATOM   1256 O O   . PHE A 1 153 ? 2.247   -8.564  14.036  1.00 15.29 ? 153 PHE A O   1 
ATOM   1257 C CB  . PHE A 1 153 ? 1.053   -6.239  12.149  1.00 13.26 ? 153 PHE A CB  1 
ATOM   1258 C CG  . PHE A 1 153 ? 1.698   -5.242  11.228  1.00 12.95 ? 153 PHE A CG  1 
ATOM   1259 C CD1 . PHE A 1 153 ? 3.076   -5.172  11.077  1.00 13.18 ? 153 PHE A CD1 1 
ATOM   1260 C CD2 . PHE A 1 153 ? 0.902   -4.328  10.563  1.00 13.05 ? 153 PHE A CD2 1 
ATOM   1261 C CE1 . PHE A 1 153 ? 3.641   -4.215  10.253  1.00 14.43 ? 153 PHE A CE1 1 
ATOM   1262 C CE2 . PHE A 1 153 ? 1.453   -3.372  9.746   1.00 14.25 ? 153 PHE A CE2 1 
ATOM   1263 C CZ  . PHE A 1 153 ? 2.826   -3.317  9.589   1.00 13.29 ? 153 PHE A CZ  1 
ATOM   1264 N N   . ARG A 1 154 ? 0.079   -8.908  13.548  1.00 13.17 ? 154 ARG A N   1 
ATOM   1265 C CA  . ARG A 1 154 ? -0.147  -9.540  14.845  1.00 13.63 ? 154 ARG A CA  1 
ATOM   1266 C C   . ARG A 1 154 ? 0.588   -10.869 14.952  1.00 13.04 ? 154 ARG A C   1 
ATOM   1267 O O   . ARG A 1 154 ? 1.175   -11.181 16.000  1.00 14.39 ? 154 ARG A O   1 
ATOM   1268 C CB  . ARG A 1 154 ? -1.646  -9.729  15.098  1.00 14.18 ? 154 ARG A CB  1 
ATOM   1269 C CG  . ARG A 1 154 ? -1.962  -10.265 16.484  1.00 16.59 ? 154 ARG A CG  1 
ATOM   1270 C CD  . ARG A 1 154 ? -3.455  -10.347 16.755  1.00 17.70 ? 154 ARG A CD  1 
ATOM   1271 N NE  . ARG A 1 154 ? -4.184  -11.141 15.770  1.00 20.25 ? 154 ARG A NE  1 
ATOM   1272 C CZ  . ARG A 1 154 ? -4.252  -12.469 15.769  1.00 22.69 ? 154 ARG A CZ  1 
ATOM   1273 N NH1 . ARG A 1 154 ? -3.618  -13.178 16.695  1.00 25.42 ? 154 ARG A NH1 1 
ATOM   1274 N NH2 . ARG A 1 154 ? -4.948  -13.094 14.828  1.00 27.57 ? 154 ARG A NH2 1 
ATOM   1275 N N   . THR A 1 155 ? 0.583   -11.656 13.871  1.00 15.27 ? 155 THR A N   1 
ATOM   1276 C CA  . THR A 1 155 ? 1.057   -13.032 13.914  1.00 14.81 ? 155 THR A CA  1 
ATOM   1277 C C   . THR A 1 155 ? 2.414   -13.252 13.262  1.00 14.80 ? 155 THR A C   1 
ATOM   1278 O O   . THR A 1 155 ? 3.073   -14.249 13.577  1.00 15.95 ? 155 THR A O   1 
ATOM   1279 C CB  . THR A 1 155 ? 0.056   -13.969 13.223  1.00 14.34 ? 155 THR A CB  1 
ATOM   1280 O OG1 . THR A 1 155 ? 0.041   -13.683 11.817  1.00 13.41 ? 155 THR A OG1 1 
ATOM   1281 C CG2 . THR A 1 155 ? -1.343  -13.788 13.792  1.00 16.82 ? 155 THR A CG2 1 
ATOM   1282 N N   . GLY A 1 156 ? 2.837   -12.377 12.354  1.00 14.97 ? 156 GLY A N   1 
ATOM   1283 C CA  . GLY A 1 156 ? 4.038   -12.649 11.590  1.00 15.60 ? 156 GLY A CA  1 
ATOM   1284 C C   . GLY A 1 156 ? 3.918   -13.839 10.667  1.00 13.10 ? 156 GLY A C   1 
ATOM   1285 O O   . GLY A 1 156 ? 4.939   -14.421 10.278  1.00 14.23 ? 156 GLY A O   1 
ATOM   1286 N N   . THR A 1 157 ? 2.693   -14.219 10.307  1.00 13.08 ? 157 THR A N   1 
ATOM   1287 C CA  . THR A 1 157 ? 2.409   -15.306 9.383   1.00 13.48 ? 157 THR A CA  1 
ATOM   1288 C C   . THR A 1 157 ? 1.593   -14.774 8.216   1.00 12.48 ? 157 THR A C   1 
ATOM   1289 O O   . THR A 1 157 ? 1.060   -13.663 8.247   1.00 12.70 ? 157 THR A O   1 
ATOM   1290 C CB  . THR A 1 157 ? 1.595   -16.430 10.044  1.00 13.53 ? 157 THR A CB  1 
ATOM   1291 O OG1 . THR A 1 157 ? 0.219   -16.026 10.158  1.00 14.59 ? 157 THR A OG1 1 
ATOM   1292 C CG2 . THR A 1 157 ? 2.150   -16.799 11.414  1.00 16.33 ? 157 THR A CG2 1 
ATOM   1293 N N   . TRP A 1 158 ? 1.471   -15.618 7.193   1.00 12.58 ? 158 TRP A N   1 
ATOM   1294 C CA  . TRP A 1 158 ? 0.635   -15.345 6.036   1.00 12.97 ? 158 TRP A CA  1 
ATOM   1295 C C   . TRP A 1 158 ? -0.791  -15.878 6.192   1.00 12.86 ? 158 TRP A C   1 
ATOM   1296 O O   . TRP A 1 158 ? -1.512  -15.988 5.191   1.00 13.48 ? 158 TRP A O   1 
ATOM   1297 C CB  . TRP A 1 158 ? 1.289   -15.932 4.786   1.00 13.96 ? 158 TRP A CB  1 
ATOM   1298 C CG  . TRP A 1 158 ? 2.536   -15.233 4.368   1.00 12.13 ? 158 TRP A CG  1 
ATOM   1299 C CD1 . TRP A 1 158 ? 3.809   -15.726 4.378   1.00 14.79 ? 158 TRP A CD1 1 
ATOM   1300 C CD2 . TRP A 1 158 ? 2.621   -13.899 3.881   1.00 11.98 ? 158 TRP A CD2 1 
ATOM   1301 N NE1 . TRP A 1 158 ? 4.684   -14.776 3.904   1.00 14.10 ? 158 TRP A NE1 1 
ATOM   1302 C CE2 . TRP A 1 158 ? 3.976   -13.645 3.592   1.00 13.42 ? 158 TRP A CE2 1 
ATOM   1303 C CE3 . TRP A 1 158 ? 1.678   -12.899 3.638   1.00 12.39 ? 158 TRP A CE3 1 
ATOM   1304 C CZ2 . TRP A 1 158 ? 4.412   -12.426 3.083   1.00 13.47 ? 158 TRP A CZ2 1 
ATOM   1305 C CZ3 . TRP A 1 158 ? 2.110   -11.694 3.131   1.00 13.72 ? 158 TRP A CZ3 1 
ATOM   1306 C CH2 . TRP A 1 158 ? 3.468   -11.466 2.857   1.00 13.00 ? 158 TRP A CH2 1 
ATOM   1307 N N   . ASP A 1 159 ? -1.221  -16.184 7.421   1.00 13.28 ? 159 ASP A N   1 
ATOM   1308 C CA  . ASP A 1 159 ? -2.487  -16.889 7.616   1.00 14.22 ? 159 ASP A CA  1 
ATOM   1309 C C   . ASP A 1 159 ? -3.668  -16.138 7.007   1.00 14.21 ? 159 ASP A C   1 
ATOM   1310 O O   . ASP A 1 159 ? -4.599  -16.764 6.483   1.00 15.61 ? 159 ASP A O   1 
ATOM   1311 C CB  . ASP A 1 159 ? -2.734  -17.140 9.102   1.00 15.98 ? 159 ASP A CB  1 
ATOM   1312 C CG  . ASP A 1 159 ? -1.881  -18.261 9.655   1.00 17.83 ? 159 ASP A CG  1 
ATOM   1313 O OD1 . ASP A 1 159 ? -1.105  -18.867 8.892   1.00 21.86 ? 159 ASP A OD1 1 
ATOM   1314 O OD2 . ASP A 1 159 ? -2.008  -18.548 10.866  1.00 23.02 ? 159 ASP A OD2 1 
ATOM   1315 N N   . ALA A 1 160 ? -3.665  -14.803 7.074   1.00 13.48 ? 160 ALA A N   1 
ATOM   1316 C CA  . ALA A 1 160 ? -4.811  -14.052 6.563   1.00 14.17 ? 160 ALA A CA  1 
ATOM   1317 C C   . ALA A 1 160 ? -4.930  -14.153 5.049   1.00 16.94 ? 160 ALA A C   1 
ATOM   1318 O O   . ALA A 1 160 ? -6.031  -14.003 4.504   1.00 20.02 ? 160 ALA A O   1 
ATOM   1319 C CB  . ALA A 1 160 ? -4.720  -12.588 6.987   1.00 15.63 ? 160 ALA A CB  1 
ATOM   1320 N N   . TYR A 1 161 ? -3.819  -14.394 4.357   1.00 13.38 ? 161 TYR A N   1 
ATOM   1321 C CA  . TYR A 1 161 ? -3.819  -14.473 2.904   1.00 15.44 ? 161 TYR A CA  1 
ATOM   1322 C C   . TYR A 1 161 ? -4.012  -15.898 2.407   1.00 17.63 ? 161 TYR A C   1 
ATOM   1323 O O   . TYR A 1 161 ? -4.616  -16.099 1.347   1.00 27.01 ? 161 TYR A O   1 
ATOM   1324 C CB  . TYR A 1 161 ? -2.552  -13.813 2.342   1.00 13.68 ? 161 TYR A CB  1 
ATOM   1325 C CG  . TYR A 1 161 ? -2.599  -12.314 2.532   1.00 12.42 ? 161 TYR A CG  1 
ATOM   1326 C CD1 . TYR A 1 161 ? -2.204  -11.739 3.730   1.00 11.92 ? 161 TYR A CD1 1 
ATOM   1327 C CD2 . TYR A 1 161 ? -3.105  -11.477 1.536   1.00 11.91 ? 161 TYR A CD2 1 
ATOM   1328 C CE1 . TYR A 1 161 ? -2.286  -10.390 3.927   1.00 11.13 ? 161 TYR A CE1 1 
ATOM   1329 C CE2 . TYR A 1 161 ? -3.189  -10.114 1.720   1.00 11.30 ? 161 TYR A CE2 1 
ATOM   1330 C CZ  . TYR A 1 161 ? -2.781  -9.575  2.928   1.00 10.85 ? 161 TYR A CZ  1 
ATOM   1331 O OH  . TYR A 1 161 ? -2.854  -8.225  3.163   1.00 11.75 ? 161 TYR A OH  1 
ATOM   1332 N N   . LYS A 1 162 ? -3.544  -16.894 3.166   1.00 19.38 ? 162 LYS A N   1 
ATOM   1333 C CA  . LYS A 1 162 ? -3.894  -18.279 2.861   1.00 22.67 ? 162 LYS A CA  1 
ATOM   1334 C C   . LYS A 1 162 ? -5.382  -18.527 3.066   1.00 23.52 ? 162 LYS A C   1 
ATOM   1335 O O   . LYS A 1 162 ? -6.023  -19.202 2.253   1.00 26.22 ? 162 LYS A O   1 
ATOM   1336 C CB  . LYS A 1 162 ? -3.090  -19.244 3.733   1.00 24.27 ? 162 LYS A CB  1 
ATOM   1337 C CG  . LYS A 1 162 ? -1.595  -19.284 3.480   1.00 26.09 ? 162 LYS A CG  1 
ATOM   1338 C CD  . LYS A 1 162 ? -0.880  -19.945 4.659   1.00 28.58 ? 162 LYS A CD  1 
ATOM   1339 C CE  . LYS A 1 162 ? 0.282   -19.105 5.148   1.00 27.64 ? 162 LYS A CE  1 
ATOM   1340 N NZ  . LYS A 1 162 ? 0.455   -19.091 6.631   1.00 25.08 ? 162 LYS A NZ  1 
HETATM 1341 C C02 . Y8D B 2 .   ? 7.768   1.037   8.676   1.00 18.49 ? 201 Y8D A C02 1 
HETATM 1342 C C03 . Y8D B 2 .   ? 6.930   1.639   7.761   1.00 25.04 ? 201 Y8D A C03 1 
HETATM 1343 C C04 . Y8D B 2 .   ? 5.575   1.432   7.858   1.00 26.98 ? 201 Y8D A C04 1 
HETATM 1344 C C05 . Y8D B 2 .   ? 5.095   0.629   8.870   1.00 27.23 ? 201 Y8D A C05 1 
HETATM 1345 C C07 . Y8D B 2 .   ? 5.933   0.022   9.785   1.00 28.43 ? 201 Y8D A C07 1 
HETATM 1346 C C08 . Y8D B 2 .   ? 7.289   0.232   9.683   1.00 24.49 ? 201 Y8D A C08 1 
HETATM 1347 F F01 . Y8D B 2 .   ? 9.102   1.266   8.562   1.00 33.73 ? 201 Y8D A F01 1 
HETATM 1348 I I06 . Y8D B 2 .   ? 3.033   0.306   9.020   1.00 84.05 ? 201 Y8D A I06 1 
HETATM 1349 C C1  . BME C 3 .   ? -0.082  4.303   -6.513  1.00 17.72 ? 202 BME A C1  1 
HETATM 1350 C C2  . BME C 3 .   ? 0.905   3.167   -6.297  1.00 21.87 ? 202 BME A C2  1 
HETATM 1351 O O1  . BME C 3 .   ? -1.192  4.057   -5.703  1.00 28.32 ? 202 BME A O1  1 
HETATM 1352 S S2  . BME C 3 .   ? 1.275   3.070   -4.523  1.00 36.90 ? 202 BME A S2  1 
HETATM 1353 C C1  . BME D 3 .   ? 13.810  -3.402  -7.857  1.00 18.99 ? 203 BME A C1  1 
HETATM 1354 C C2  . BME D 3 .   ? 13.547  -4.538  -6.868  1.00 25.86 ? 203 BME A C2  1 
HETATM 1355 O O1  . BME D 3 .   ? 13.024  -3.640  -8.993  1.00 24.67 ? 203 BME A O1  1 
HETATM 1356 S S2  . BME D 3 .   ? 11.867  -5.185  -7.092  1.00 31.57 ? 203 BME A S2  1 
HETATM 1357 C C1  . BME E 3 .   ? -16.546 1.894   -10.173 1.00 31.17 ? 204 BME A C1  1 
HETATM 1358 C C2  . BME E 3 .   ? -15.725 2.209   -8.931  1.00 29.13 ? 204 BME A C2  1 
HETATM 1359 O O1  . BME E 3 .   ? -17.305 0.757   -9.890  1.00 19.45 ? 204 BME A O1  1 
HETATM 1360 S S2  . BME E 3 .   ? -16.352 3.723   -8.158  1.00 26.35 ? 204 BME A S2  1 
HETATM 1361 C C   . TRS F 4 .   ? -4.302  2.591   -3.963  1.00 14.17 ? 205 TRS A C   1 
HETATM 1362 C C1  . TRS F 4 .   ? -4.592  3.657   -2.907  1.00 16.19 ? 205 TRS A C1  1 
HETATM 1363 C C2  . TRS F 4 .   ? -3.308  1.563   -3.430  1.00 14.72 ? 205 TRS A C2  1 
HETATM 1364 C C3  . TRS F 4 .   ? -5.628  1.931   -4.329  1.00 16.60 ? 205 TRS A C3  1 
HETATM 1365 N N   . TRS F 4 .   ? -3.698  3.179   -5.145  1.00 14.78 ? 205 TRS A N   1 
HETATM 1366 O O1  . TRS F 4 .   ? -3.445  4.437   -2.732  1.00 19.08 ? 205 TRS A O1  1 
HETATM 1367 O O2  . TRS F 4 .   ? -3.901  0.941   -2.330  1.00 14.38 ? 205 TRS A O2  1 
HETATM 1368 O O3  . TRS F 4 .   ? -5.457  1.031   -5.386  1.00 16.79 ? 205 TRS A O3  1 
HETATM 1369 O O   . HOH G 5 .   ? -4.204  8.635   -24.525 1.00 27.52 ? 301 HOH A O   1 
HETATM 1370 O O   . HOH G 5 .   ? 4.985   -18.085 -2.907  1.00 26.68 ? 302 HOH A O   1 
HETATM 1371 O O   . HOH G 5 .   ? 15.113  -1.703  -4.354  1.00 29.19 ? 303 HOH A O   1 
HETATM 1372 O O   . HOH G 5 .   ? -10.794 -6.482  13.722  1.00 27.83 ? 304 HOH A O   1 
HETATM 1373 O O   . HOH G 5 .   ? 0.136   10.166  -11.371 1.00 19.69 ? 305 HOH A O   1 
HETATM 1374 O O   . HOH G 5 .   ? -11.482 11.303  -21.301 1.00 28.35 ? 306 HOH A O   1 
HETATM 1375 O O   . HOH G 5 .   ? 5.329   -9.048  -16.773 1.00 26.78 ? 307 HOH A O   1 
HETATM 1376 O O   . HOH G 5 .   ? -15.270 8.567   -15.216 1.00 30.37 ? 308 HOH A O   1 
HETATM 1377 O O   . HOH G 5 .   ? -5.595  4.716   -6.307  1.00 16.09 ? 309 HOH A O   1 
HETATM 1378 O O   . HOH G 5 .   ? 0.804   6.509   -8.531  1.00 28.49 ? 310 HOH A O   1 
HETATM 1379 O O   . HOH G 5 .   ? 15.640  -0.433  14.313  1.00 24.03 ? 311 HOH A O   1 
HETATM 1380 O O   . HOH G 5 .   ? 4.922   -0.731  -23.050 1.00 21.01 ? 312 HOH A O   1 
HETATM 1381 O O   . HOH G 5 .   ? -9.332  10.763  -9.500  1.00 16.46 ? 313 HOH A O   1 
HETATM 1382 O O   . HOH G 5 .   ? 9.636   -4.886  15.585  1.00 15.05 ? 314 HOH A O   1 
HETATM 1383 O O   . HOH G 5 .   ? -15.780 1.492   2.467   1.00 18.72 ? 315 HOH A O   1 
HETATM 1384 O O   . HOH G 5 .   ? -2.075  -12.718 19.039  1.00 25.63 ? 316 HOH A O   1 
HETATM 1385 O O   . HOH G 5 .   ? -5.380  -9.236  14.302  1.00 23.07 ? 317 HOH A O   1 
HETATM 1386 O O   . HOH G 5 .   ? -8.474  -13.457 5.489   1.00 19.54 ? 318 HOH A O   1 
HETATM 1387 O O   . HOH G 5 .   ? -6.903  -1.795  -6.672  1.00 14.52 ? 319 HOH A O   1 
HETATM 1388 O O   . HOH G 5 .   ? 2.761   -5.057  -23.468 1.00 25.46 ? 320 HOH A O   1 
HETATM 1389 O O   . HOH G 5 .   ? 9.149   2.749   -16.845 1.00 14.58 ? 321 HOH A O   1 
HETATM 1390 O O   . HOH G 5 .   ? 3.252   9.605   20.473  1.00 26.69 ? 322 HOH A O   1 
HETATM 1391 O O   . HOH G 5 .   ? 7.662   -13.729 10.809  1.00 17.09 ? 323 HOH A O   1 
HETATM 1392 O O   . HOH G 5 .   ? 2.416   -16.308 15.229  1.00 21.47 ? 324 HOH A O   1 
HETATM 1393 O O   . HOH G 5 .   ? 0.986   7.721   -12.613 1.00 23.17 ? 325 HOH A O   1 
HETATM 1394 O O   . HOH G 5 .   ? -16.991 1.721   10.281  1.00 18.40 ? 326 HOH A O   1 
HETATM 1395 O O   . HOH G 5 .   ? -16.592 9.989   -12.863 1.00 30.23 ? 327 HOH A O   1 
HETATM 1396 O O   . HOH G 5 .   ? -6.819  6.478   -2.540  1.00 27.49 ? 328 HOH A O   1 
HETATM 1397 O O   . HOH G 5 .   ? -14.746 -6.607  7.934   1.00 24.51 ? 329 HOH A O   1 
HETATM 1398 O O   . HOH G 5 .   ? 0.724   -0.812  -9.417  1.00 11.86 ? 330 HOH A O   1 
HETATM 1399 O O   . HOH G 5 .   ? -4.430  7.220   -21.450 1.00 17.52 ? 331 HOH A O   1 
HETATM 1400 O O   . HOH G 5 .   ? -8.028  -1.946  0.018   1.00 24.33 ? 332 HOH A O   1 
HETATM 1401 O O   . HOH G 5 .   ? -12.274 10.734  -9.624  1.00 26.77 ? 333 HOH A O   1 
HETATM 1402 O O   . HOH G 5 .   ? -12.122 2.692   -18.149 1.00 22.67 ? 334 HOH A O   1 
HETATM 1403 O O   . HOH G 5 .   ? -0.143  3.104   -27.984 1.00 21.18 ? 335 HOH A O   1 
HETATM 1404 O O   . HOH G 5 .   ? 2.103   -12.819 18.013  1.00 16.76 ? 336 HOH A O   1 
HETATM 1405 O O   . HOH G 5 .   ? -5.464  -4.718  -22.410 1.00 23.14 ? 337 HOH A O   1 
HETATM 1406 O O   . HOH G 5 .   ? -1.490  -12.960 7.465   1.00 15.97 ? 338 HOH A O   1 
HETATM 1407 O O   . HOH G 5 .   ? -12.521 10.013  -0.794  1.00 29.80 ? 339 HOH A O   1 
HETATM 1408 O O   . HOH G 5 .   ? -7.582  -9.800  -5.891  1.00 25.35 ? 340 HOH A O   1 
HETATM 1409 O O   . HOH G 5 .   ? 7.231   -16.013 2.744   1.00 21.45 ? 341 HOH A O   1 
HETATM 1410 O O   . HOH G 5 .   ? 10.326  5.923   14.598  1.00 29.15 ? 342 HOH A O   1 
HETATM 1411 O O   . HOH G 5 .   ? -3.335  -1.140  22.099  1.00 18.41 ? 343 HOH A O   1 
HETATM 1412 O O   . HOH G 5 .   ? -16.051 -0.595  8.685   1.00 18.92 ? 344 HOH A O   1 
HETATM 1413 O O   . HOH G 5 .   ? -15.182 9.599   -8.039  1.00 22.83 ? 345 HOH A O   1 
HETATM 1414 O O   . HOH G 5 .   ? 5.980   0.869   -20.746 1.00 23.49 ? 346 HOH A O   1 
HETATM 1415 O O   . HOH G 5 .   ? -2.564  -1.526  3.866   1.00 11.78 ? 347 HOH A O   1 
HETATM 1416 O O   . HOH G 5 .   ? 8.239   -15.821 -3.265  1.00 19.50 ? 348 HOH A O   1 
HETATM 1417 O O   . HOH G 5 .   ? 9.552   6.689   -3.124  1.00 28.63 ? 349 HOH A O   1 
HETATM 1418 O O   . HOH G 5 .   ? -7.236  -5.219  15.669  1.00 18.56 ? 350 HOH A O   1 
HETATM 1419 O O   . HOH G 5 .   ? 6.372   -6.445  -16.824 1.00 17.85 ? 351 HOH A O   1 
HETATM 1420 O O   . HOH G 5 .   ? -12.127 0.216   14.773  1.00 27.33 ? 352 HOH A O   1 
HETATM 1421 O O   . HOH G 5 .   ? 6.421   -16.597 9.264   1.00 21.99 ? 353 HOH A O   1 
HETATM 1422 O O   . HOH G 5 .   ? -7.181  -3.851  -9.866  1.00 15.44 ? 354 HOH A O   1 
HETATM 1423 O O   . HOH G 5 .   ? -0.167  -1.665  -11.907 1.00 11.42 ? 355 HOH A O   1 
HETATM 1424 O O   . HOH G 5 .   ? -8.757  -0.586  23.404  1.00 29.46 ? 356 HOH A O   1 
HETATM 1425 O O   . HOH G 5 .   ? -0.673  6.650   16.262  1.00 21.18 ? 357 HOH A O   1 
HETATM 1426 O O   . HOH G 5 .   ? 6.436   4.914   -14.981 1.00 13.57 ? 358 HOH A O   1 
HETATM 1427 O O   . HOH G 5 .   ? -9.201  -1.759  18.105  1.00 19.48 ? 359 HOH A O   1 
HETATM 1428 O O   . HOH G 5 .   ? -14.778 4.684   1.563   1.00 20.40 ? 360 HOH A O   1 
HETATM 1429 O O   . HOH G 5 .   ? 5.669   -7.028  -11.026 1.00 17.29 ? 361 HOH A O   1 
HETATM 1430 O O   . HOH G 5 .   ? 7.504   9.129   -19.797 1.00 13.43 ? 362 HOH A O   1 
HETATM 1431 O O   . HOH G 5 .   ? -15.563 6.447   -1.690  1.00 18.39 ? 363 HOH A O   1 
HETATM 1432 O O   . HOH G 5 .   ? 6.525   2.258   -17.777 1.00 17.75 ? 364 HOH A O   1 
HETATM 1433 O O   . HOH G 5 .   ? 5.125   3.314   -11.519 1.00 17.07 ? 365 HOH A O   1 
HETATM 1434 O O   . HOH G 5 .   ? -12.677 6.630   -22.085 1.00 36.80 ? 366 HOH A O   1 
HETATM 1435 O O   . HOH G 5 .   ? -3.656  0.890   -25.182 1.00 18.16 ? 367 HOH A O   1 
HETATM 1436 O O   . HOH G 5 .   ? -13.808 13.714  -16.312 1.00 29.53 ? 368 HOH A O   1 
HETATM 1437 O O   . HOH G 5 .   ? -10.101 -9.833  6.383   1.00 16.93 ? 369 HOH A O   1 
HETATM 1438 O O   . HOH G 5 .   ? 12.582  11.570  7.100   1.00 29.54 ? 370 HOH A O   1 
HETATM 1439 O O   . HOH G 5 .   ? -0.446  6.266   -3.994  1.00 31.92 ? 371 HOH A O   1 
HETATM 1440 O O   . HOH G 5 .   ? -8.890  2.817   3.961   1.00 19.40 ? 372 HOH A O   1 
HETATM 1441 O O   . HOH G 5 .   ? -11.971 2.484   14.714  1.00 23.46 ? 373 HOH A O   1 
HETATM 1442 O O   . HOH G 5 .   ? -4.899  -7.705  19.145  1.00 23.28 ? 374 HOH A O   1 
HETATM 1443 O O   . HOH G 5 .   ? 0.924   -8.362  -21.486 1.00 22.27 ? 375 HOH A O   1 
HETATM 1444 O O   . HOH G 5 .   ? -7.211  -8.535  12.139  1.00 20.02 ? 376 HOH A O   1 
HETATM 1445 O O   . HOH G 5 .   ? -11.449 -8.653  0.688   1.00 30.61 ? 377 HOH A O   1 
HETATM 1446 O O   . HOH G 5 .   ? -9.091  -5.947  -16.843 1.00 23.64 ? 378 HOH A O   1 
HETATM 1447 O O   . HOH G 5 .   ? -9.871  -11.491 4.257   1.00 15.86 ? 379 HOH A O   1 
HETATM 1448 O O   . HOH G 5 .   ? -5.431  16.099  -19.716 1.00 28.04 ? 380 HOH A O   1 
HETATM 1449 O O   . HOH G 5 .   ? 1.732   6.112   -28.729 1.00 24.50 ? 381 HOH A O   1 
HETATM 1450 O O   . HOH G 5 .   ? 3.156   -18.062 7.323   1.00 18.25 ? 382 HOH A O   1 
HETATM 1451 O O   . HOH G 5 .   ? -12.048 14.626  -18.650 1.00 26.04 ? 383 HOH A O   1 
HETATM 1452 O O   . HOH G 5 .   ? 4.031   3.415   -4.063  1.00 23.84 ? 384 HOH A O   1 
HETATM 1453 O O   . HOH G 5 .   ? -2.363  -8.148  -21.717 1.00 24.95 ? 385 HOH A O   1 
HETATM 1454 O O   . HOH G 5 .   ? -7.713  18.095  -16.998 1.00 32.23 ? 386 HOH A O   1 
HETATM 1455 O O   . HOH G 5 .   ? -3.621  14.262  -7.888  1.00 27.32 ? 387 HOH A O   1 
HETATM 1456 O O   . HOH G 5 .   ? 17.958  -1.180  5.886   1.00 30.77 ? 388 HOH A O   1 
HETATM 1457 O O   . HOH G 5 .   ? -9.090  -8.014  -9.921  1.00 25.00 ? 389 HOH A O   1 
HETATM 1458 O O   . HOH G 5 .   ? -8.385  4.357   22.440  1.00 30.43 ? 390 HOH A O   1 
HETATM 1459 O O   . HOH G 5 .   ? 1.075   -11.685 20.325  1.00 19.15 ? 391 HOH A O   1 
HETATM 1460 O O   . HOH G 5 .   ? -4.658  1.470   21.445  1.00 12.80 ? 392 HOH A O   1 
HETATM 1461 O O   . HOH G 5 .   ? -5.815  13.129  -22.071 1.00 29.61 ? 393 HOH A O   1 
HETATM 1462 O O   . HOH G 5 .   ? -3.279  -1.830  -24.624 1.00 25.70 ? 394 HOH A O   1 
HETATM 1463 O O   . HOH G 5 .   ? -7.376  6.804   5.477   1.00 26.36 ? 395 HOH A O   1 
HETATM 1464 O O   . HOH G 5 .   ? 16.242  7.078   12.076  1.00 34.98 ? 396 HOH A O   1 
HETATM 1465 O O   . HOH G 5 .   ? 6.961   -7.155  23.822  1.00 27.69 ? 397 HOH A O   1 
HETATM 1466 O O   . HOH G 5 .   ? -10.473 -4.067  -16.659 1.00 30.26 ? 398 HOH A O   1 
HETATM 1467 O O   . HOH G 5 .   ? -4.708  7.827   7.543   1.00 26.00 ? 399 HOH A O   1 
HETATM 1468 O O   . HOH G 5 .   ? 15.367  3.639   16.883  1.00 35.56 ? 400 HOH A O   1 
HETATM 1469 O O   . HOH G 5 .   ? -4.082  -5.690  23.311  1.00 24.82 ? 401 HOH A O   1 
HETATM 1470 O O   . HOH G 5 .   ? -1.143  -2.468  -26.429 1.00 27.75 ? 402 HOH A O   1 
HETATM 1471 O O   . HOH G 5 .   ? -11.088 5.371   15.741  1.00 10.11 ? 403 HOH A O   1 
HETATM 1472 O O   . HOH G 5 .   ? 2.194   1.544   11.679  1.00 24.11 ? 404 HOH A O   1 
HETATM 1473 O O   . HOH G 5 .   ? -11.633 -0.653  16.969  1.00 32.04 ? 405 HOH A O   1 
HETATM 1474 O O   . HOH G 5 .   ? -10.300 -10.062 -1.493  1.00 33.98 ? 406 HOH A O   1 
HETATM 1475 O O   . HOH G 5 .   ? -6.394  -7.718  16.631  1.00 25.48 ? 407 HOH A O   1 
HETATM 1476 O O   . HOH G 5 .   ? -6.906  4.871   4.106   1.00 32.35 ? 408 HOH A O   1 
HETATM 1477 O O   . HOH G 5 .   ? 7.989   -5.186  -18.747 1.00 18.56 ? 409 HOH A O   1 
HETATM 1478 O O   . HOH G 5 .   ? -8.148  -6.234  13.251  1.00 22.47 ? 410 HOH A O   1 
HETATM 1479 O O   . HOH G 5 .   ? -5.100  -3.812  -24.848 1.00 23.82 ? 411 HOH A O   1 
HETATM 1480 O O   . HOH G 5 .   ? -9.804  -1.222  -5.559  1.00 24.88 ? 412 HOH A O   1 
HETATM 1481 O O   . HOH G 5 .   ? -9.337  -4.346  17.340  1.00 25.95 ? 413 HOH A O   1 
HETATM 1482 O O   . HOH G 5 .   ? -4.574  -3.064  23.685  1.00 25.16 ? 414 HOH A O   1 
# 
loop_
_pdbx_poly_seq_scheme.asym_id 
_pdbx_poly_seq_scheme.entity_id 
_pdbx_poly_seq_scheme.seq_id 
_pdbx_poly_seq_scheme.mon_id 
_pdbx_poly_seq_scheme.ndb_seq_num 
_pdbx_poly_seq_scheme.pdb_seq_num 
_pdbx_poly_seq_scheme.auth_seq_num 
_pdbx_poly_seq_scheme.pdb_mon_id 
_pdbx_poly_seq_scheme.auth_mon_id 
_pdbx_poly_seq_scheme.pdb_strand_id 
_pdbx_poly_seq_scheme.pdb_ins_code 
_pdbx_poly_seq_scheme.hetero 
A 1 1   MET 1   1   1   MET MET A . n 
A 1 2   ASN 2   2   2   ASN ASN A . n 
A 1 3   ILE 3   3   3   ILE ILE A . n 
A 1 4   PHE 4   4   4   PHE PHE A . n 
A 1 5   GLU 5   5   5   GLU GLU A . n 
A 1 6   MET 6   6   6   MET MET A . n 
A 1 7   LEU 7   7   7   LEU LEU A . n 
A 1 8   ARG 8   8   8   ARG ARG A . n 
A 1 9   ILE 9   9   9   ILE ILE A . n 
A 1 10  ASP 10  10  10  ASP ASP A . n 
A 1 11  GLU 11  11  11  GLU GLU A . n 
A 1 12  GLY 12  12  12  GLY GLY A . n 
A 1 13  LEU 13  13  13  LEU LEU A . n 
A 1 14  ARG 14  14  14  ARG ARG A . n 
A 1 15  LEU 15  15  15  LEU LEU A . n 
A 1 16  LYS 16  16  16  LYS LYS A . n 
A 1 17  ILE 17  17  17  ILE ILE A . n 
A 1 18  TYR 18  18  18  TYR TYR A . n 
A 1 19  LYS 19  19  19  LYS LYS A . n 
A 1 20  ASP 20  20  20  ASP ASP A . n 
A 1 21  THR 21  21  21  THR THR A . n 
A 1 22  GLU 22  22  22  GLU GLU A . n 
A 1 23  GLY 23  23  23  GLY GLY A . n 
A 1 24  TYR 24  24  24  TYR TYR A . n 
A 1 25  TYR 25  25  25  TYR TYR A . n 
A 1 26  THR 26  26  26  THR THR A . n 
A 1 27  ILE 27  27  27  ILE ILE A . n 
A 1 28  GLY 28  28  28  GLY GLY A . n 
A 1 29  ILE 29  29  29  ILE ILE A . n 
A 1 30  GLY 30  30  30  GLY GLY A . n 
A 1 31  HIS 31  31  31  HIS HIS A . n 
A 1 32  LEU 32  32  32  LEU LEU A . n 
A 1 33  LEU 33  33  33  LEU LEU A . n 
A 1 34  THR 34  34  34  THR THR A . n 
A 1 35  LYS 35  35  35  LYS LYS A . n 
A 1 36  SER 36  36  36  SER SER A . n 
A 1 37  PRO 37  37  37  PRO PRO A . n 
A 1 38  SER 38  38  38  SER SER A . n 
A 1 39  LEU 39  39  39  LEU LEU A . n 
A 1 40  ASN 40  40  40  ASN ASN A . n 
A 1 41  ALA 41  41  41  ALA ALA A . n 
A 1 42  ALA 42  42  42  ALA ALA A . n 
A 1 43  LYS 43  43  43  LYS LYS A . n 
A 1 44  SER 44  44  44  SER SER A . n 
A 1 45  GLU 45  45  45  GLU GLU A . n 
A 1 46  LEU 46  46  46  LEU LEU A . n 
A 1 47  ASP 47  47  47  ASP ASP A . n 
A 1 48  LYS 48  48  48  LYS LYS A . n 
A 1 49  ALA 49  49  49  ALA ALA A . n 
A 1 50  ILE 50  50  50  ILE ILE A . n 
A 1 51  GLY 51  51  51  GLY GLY A . n 
A 1 52  ARG 52  52  52  ARG ARG A . n 
A 1 53  ASN 53  53  53  ASN ASN A . n 
A 1 54  CYS 54  54  54  CYS CYS A . n 
A 1 55  ASN 55  55  55  ASN ASN A . n 
A 1 56  GLY 56  56  56  GLY GLY A . n 
A 1 57  VAL 57  57  57  VAL VAL A . n 
A 1 58  ILE 58  58  58  ILE ILE A . n 
A 1 59  THR 59  59  59  THR THR A . n 
A 1 60  LYS 60  60  60  LYS LYS A . n 
A 1 61  ASP 61  61  61  ASP ASP A . n 
A 1 62  GLU 62  62  62  GLU GLU A . n 
A 1 63  ALA 63  63  63  ALA ALA A . n 
A 1 64  GLU 64  64  64  GLU GLU A . n 
A 1 65  LYS 65  65  65  LYS LYS A . n 
A 1 66  LEU 66  66  66  LEU LEU A . n 
A 1 67  PHE 67  67  67  PHE PHE A . n 
A 1 68  ASN 68  68  68  ASN ASN A . n 
A 1 69  GLN 69  69  69  GLN GLN A . n 
A 1 70  ASP 70  70  70  ASP ASP A . n 
A 1 71  VAL 71  71  71  VAL VAL A . n 
A 1 72  ASP 72  72  72  ASP ASP A . n 
A 1 73  ALA 73  73  73  ALA ALA A . n 
A 1 74  ALA 74  74  74  ALA ALA A . n 
A 1 75  VAL 75  75  75  VAL VAL A . n 
A 1 76  ARG 76  76  76  ARG ARG A . n 
A 1 77  GLY 77  77  77  GLY GLY A . n 
A 1 78  ILE 78  78  78  ILE ILE A . n 
A 1 79  LEU 79  79  79  LEU LEU A . n 
A 1 80  ARG 80  80  80  ARG ARG A . n 
A 1 81  ASN 81  81  81  ASN ASN A . n 
A 1 82  ALA 82  82  82  ALA ALA A . n 
A 1 83  LYS 83  83  83  LYS LYS A . n 
A 1 84  LEU 84  84  84  LEU LEU A . n 
A 1 85  LYS 85  85  85  LYS LYS A . n 
A 1 86  PRO 86  86  86  PRO PRO A . n 
A 1 87  VAL 87  87  87  VAL VAL A . n 
A 1 88  TYR 88  88  88  TYR TYR A . n 
A 1 89  ASP 89  89  89  ASP ASP A . n 
A 1 90  SER 90  90  90  SER SER A . n 
A 1 91  LEU 91  91  91  LEU LEU A . n 
A 1 92  ASP 92  92  92  ASP ASP A . n 
A 1 93  ALA 93  93  93  ALA ALA A . n 
A 1 94  VAL 94  94  94  VAL VAL A . n 
A 1 95  ARG 95  95  95  ARG ARG A . n 
A 1 96  ARG 96  96  96  ARG ARG A . n 
A 1 97  CYS 97  97  97  CYS CYS A . n 
A 1 98  ALA 98  98  98  ALA ALA A . n 
A 1 99  ALA 99  99  99  ALA ALA A . n 
A 1 100 ILE 100 100 100 ILE ILE A . n 
A 1 101 ASN 101 101 101 ASN ASN A . n 
A 1 102 MET 102 102 102 MET MET A . n 
A 1 103 VAL 103 103 103 VAL VAL A . n 
A 1 104 PHE 104 104 104 PHE PHE A . n 
A 1 105 GLN 105 105 105 GLN GLN A . n 
A 1 106 MET 106 106 106 MET MET A . n 
A 1 107 GLY 107 107 107 GLY GLY A . n 
A 1 108 GLU 108 108 108 GLU GLU A . n 
A 1 109 THR 109 109 109 THR THR A . n 
A 1 110 GLY 110 110 110 GLY GLY A . n 
A 1 111 VAL 111 111 111 VAL VAL A . n 
A 1 112 ALA 112 112 112 ALA ALA A . n 
A 1 113 GLY 113 113 113 GLY GLY A . n 
A 1 114 PHE 114 114 114 PHE PHE A . n 
A 1 115 THR 115 115 115 THR THR A . n 
A 1 116 ASN 116 116 116 ASN ASN A . n 
A 1 117 SER 117 117 117 SER SER A . n 
A 1 118 LEU 118 118 118 LEU LEU A . n 
A 1 119 ARG 119 119 119 ARG ARG A . n 
A 1 120 MET 120 120 120 MET MET A . n 
A 1 121 LEU 121 121 121 LEU LEU A . n 
A 1 122 GLN 122 122 122 GLN GLN A . n 
A 1 123 GLN 123 123 123 GLN GLN A . n 
A 1 124 LYS 124 124 124 LYS LYS A . n 
A 1 125 ARG 125 125 125 ARG ARG A . n 
A 1 126 TRP 126 126 126 TRP TRP A . n 
A 1 127 ASP 127 127 127 ASP ASP A . n 
A 1 128 GLU 128 128 128 GLU GLU A . n 
A 1 129 ALA 129 129 129 ALA ALA A . n 
A 1 130 ALA 130 130 130 ALA ALA A . n 
A 1 131 VAL 131 131 131 VAL VAL A . n 
A 1 132 ASN 132 132 132 ASN ASN A . n 
A 1 133 LEU 133 133 133 LEU LEU A . n 
A 1 134 ALA 134 134 134 ALA ALA A . n 
A 1 135 LYS 135 135 135 LYS LYS A . n 
A 1 136 SER 136 136 136 SER SER A . n 
A 1 137 ARG 137 137 137 ARG ARG A . n 
A 1 138 TRP 138 138 138 TRP TRP A . n 
A 1 139 TYR 139 139 139 TYR TYR A . n 
A 1 140 ASN 140 140 140 ASN ASN A . n 
A 1 141 GLN 141 141 141 GLN GLN A . n 
A 1 142 THR 142 142 142 THR THR A . n 
A 1 143 PRO 143 143 143 PRO PRO A . n 
A 1 144 ASN 144 144 144 ASN ASN A . n 
A 1 145 ARG 145 145 145 ARG ARG A . n 
A 1 146 ALA 146 146 146 ALA ALA A . n 
A 1 147 LYS 147 147 147 LYS LYS A . n 
A 1 148 ARG 148 148 148 ARG ARG A . n 
A 1 149 VAL 149 149 149 VAL VAL A . n 
A 1 150 ILE 150 150 150 ILE ILE A . n 
A 1 151 THR 151 151 151 THR THR A . n 
A 1 152 THR 152 152 152 THR THR A . n 
A 1 153 PHE 153 153 153 PHE PHE A . n 
A 1 154 ARG 154 154 154 ARG ARG A . n 
A 1 155 THR 155 155 155 THR THR A . n 
A 1 156 GLY 156 156 156 GLY GLY A . n 
A 1 157 THR 157 157 157 THR THR A . n 
A 1 158 TRP 158 158 158 TRP TRP A . n 
A 1 159 ASP 159 159 159 ASP ASP A . n 
A 1 160 ALA 160 160 160 ALA ALA A . n 
A 1 161 TYR 161 161 161 TYR TYR A . n 
A 1 162 LYS 162 162 162 LYS LYS A . n 
A 1 163 ASN 163 163 ?   ?   ?   A . n 
A 1 164 LEU 164 164 ?   ?   ?   A . n 
A 1 165 LEU 165 165 ?   ?   ?   A . n 
A 1 166 GLU 166 166 ?   ?   ?   A . n 
A 1 167 HIS 167 167 ?   ?   ?   A . n 
A 1 168 HIS 168 168 ?   ?   ?   A . n 
A 1 169 HIS 169 169 ?   ?   ?   A . n 
A 1 170 HIS 170 170 ?   ?   ?   A . n 
A 1 171 HIS 171 171 ?   ?   ?   A . n 
A 1 172 HIS 172 172 ?   ?   ?   A . n 
# 
loop_
_pdbx_nonpoly_scheme.asym_id 
_pdbx_nonpoly_scheme.entity_id 
_pdbx_nonpoly_scheme.mon_id 
_pdbx_nonpoly_scheme.ndb_seq_num 
_pdbx_nonpoly_scheme.pdb_seq_num 
_pdbx_nonpoly_scheme.auth_seq_num 
_pdbx_nonpoly_scheme.pdb_mon_id 
_pdbx_nonpoly_scheme.auth_mon_id 
_pdbx_nonpoly_scheme.pdb_strand_id 
_pdbx_nonpoly_scheme.pdb_ins_code 
B 2 Y8D 1   201 200 Y8D LIG A . 
C 3 BME 1   202 202 BME BME A . 
D 3 BME 1   203 204 BME BME A . 
E 3 BME 1   204 205 BME BME A . 
F 4 TRS 1   205 210 TRS TRS A . 
G 5 HOH 1   301 79  HOH HOH A . 
G 5 HOH 2   302 72  HOH HOH A . 
G 5 HOH 3   303 98  HOH HOH A . 
G 5 HOH 4   304 118 HOH HOH A . 
G 5 HOH 5   305 27  HOH HOH A . 
G 5 HOH 6   306 95  HOH HOH A . 
G 5 HOH 7   307 114 HOH HOH A . 
G 5 HOH 8   308 115 HOH HOH A . 
G 5 HOH 9   309 35  HOH HOH A . 
G 5 HOH 10  310 87  HOH HOH A . 
G 5 HOH 11  311 42  HOH HOH A . 
G 5 HOH 12  312 40  HOH HOH A . 
G 5 HOH 13  313 22  HOH HOH A . 
G 5 HOH 14  314 7   HOH HOH A . 
G 5 HOH 15  315 17  HOH HOH A . 
G 5 HOH 16  316 100 HOH HOH A . 
G 5 HOH 17  317 55  HOH HOH A . 
G 5 HOH 18  318 19  HOH HOH A . 
G 5 HOH 19  319 13  HOH HOH A . 
G 5 HOH 20  320 78  HOH HOH A . 
G 5 HOH 21  321 32  HOH HOH A . 
G 5 HOH 22  322 76  HOH HOH A . 
G 5 HOH 23  323 31  HOH HOH A . 
G 5 HOH 24  324 34  HOH HOH A . 
G 5 HOH 25  325 71  HOH HOH A . 
G 5 HOH 26  326 124 HOH HOH A . 
G 5 HOH 27  327 109 HOH HOH A . 
G 5 HOH 28  328 43  HOH HOH A . 
G 5 HOH 29  329 101 HOH HOH A . 
G 5 HOH 30  330 4   HOH HOH A . 
G 5 HOH 31  331 12  HOH HOH A . 
G 5 HOH 32  332 45  HOH HOH A . 
G 5 HOH 33  333 103 HOH HOH A . 
G 5 HOH 34  334 70  HOH HOH A . 
G 5 HOH 35  335 60  HOH HOH A . 
G 5 HOH 36  336 18  HOH HOH A . 
G 5 HOH 37  337 41  HOH HOH A . 
G 5 HOH 38  338 6   HOH HOH A . 
G 5 HOH 39  339 80  HOH HOH A . 
G 5 HOH 40  340 66  HOH HOH A . 
G 5 HOH 41  341 88  HOH HOH A . 
G 5 HOH 42  342 120 HOH HOH A . 
G 5 HOH 43  343 14  HOH HOH A . 
G 5 HOH 44  344 44  HOH HOH A . 
G 5 HOH 45  345 65  HOH HOH A . 
G 5 HOH 46  346 75  HOH HOH A . 
G 5 HOH 47  347 11  HOH HOH A . 
G 5 HOH 48  348 69  HOH HOH A . 
G 5 HOH 49  349 107 HOH HOH A . 
G 5 HOH 50  350 28  HOH HOH A . 
G 5 HOH 51  351 50  HOH HOH A . 
G 5 HOH 52  352 116 HOH HOH A . 
G 5 HOH 53  353 58  HOH HOH A . 
G 5 HOH 54  354 15  HOH HOH A . 
G 5 HOH 55  355 3   HOH HOH A . 
G 5 HOH 56  356 122 HOH HOH A . 
G 5 HOH 57  357 33  HOH HOH A . 
G 5 HOH 58  358 2   HOH HOH A . 
G 5 HOH 59  359 21  HOH HOH A . 
G 5 HOH 60  360 68  HOH HOH A . 
G 5 HOH 61  361 29  HOH HOH A . 
G 5 HOH 62  362 10  HOH HOH A . 
G 5 HOH 63  363 20  HOH HOH A . 
G 5 HOH 64  364 9   HOH HOH A . 
G 5 HOH 65  365 16  HOH HOH A . 
G 5 HOH 66  366 121 HOH HOH A . 
G 5 HOH 67  367 25  HOH HOH A . 
G 5 HOH 68  368 111 HOH HOH A . 
G 5 HOH 69  369 24  HOH HOH A . 
G 5 HOH 70  370 96  HOH HOH A . 
G 5 HOH 71  371 91  HOH HOH A . 
G 5 HOH 72  372 63  HOH HOH A . 
G 5 HOH 73  373 62  HOH HOH A . 
G 5 HOH 74  374 26  HOH HOH A . 
G 5 HOH 75  375 51  HOH HOH A . 
G 5 HOH 76  376 89  HOH HOH A . 
G 5 HOH 77  377 108 HOH HOH A . 
G 5 HOH 78  378 38  HOH HOH A . 
G 5 HOH 79  379 8   HOH HOH A . 
G 5 HOH 80  380 74  HOH HOH A . 
G 5 HOH 81  381 59  HOH HOH A . 
G 5 HOH 82  382 5   HOH HOH A . 
G 5 HOH 83  383 90  HOH HOH A . 
G 5 HOH 84  384 61  HOH HOH A . 
G 5 HOH 85  385 73  HOH HOH A . 
G 5 HOH 86  386 105 HOH HOH A . 
G 5 HOH 87  387 56  HOH HOH A . 
G 5 HOH 88  388 117 HOH HOH A . 
G 5 HOH 89  389 47  HOH HOH A . 
G 5 HOH 90  390 81  HOH HOH A . 
G 5 HOH 91  391 37  HOH HOH A . 
G 5 HOH 92  392 1   HOH HOH A . 
G 5 HOH 93  393 119 HOH HOH A . 
G 5 HOH 94  394 36  HOH HOH A . 
G 5 HOH 95  395 23  HOH HOH A . 
G 5 HOH 96  396 102 HOH HOH A . 
G 5 HOH 97  397 39  HOH HOH A . 
G 5 HOH 98  398 104 HOH HOH A . 
G 5 HOH 99  399 94  HOH HOH A . 
G 5 HOH 100 400 97  HOH HOH A . 
G 5 HOH 101 401 125 HOH HOH A . 
G 5 HOH 102 402 99  HOH HOH A . 
G 5 HOH 103 403 123 HOH HOH A . 
G 5 HOH 104 404 127 HOH HOH A . 
G 5 HOH 105 405 93  HOH HOH A . 
G 5 HOH 106 406 126 HOH HOH A . 
G 5 HOH 107 407 86  HOH HOH A . 
G 5 HOH 108 408 113 HOH HOH A . 
G 5 HOH 109 409 46  HOH HOH A . 
G 5 HOH 110 410 52  HOH HOH A . 
G 5 HOH 111 411 57  HOH HOH A . 
G 5 HOH 112 412 77  HOH HOH A . 
G 5 HOH 113 413 64  HOH HOH A . 
G 5 HOH 114 414 82  HOH HOH A . 
# 
_pdbx_struct_assembly.id                   1 
_pdbx_struct_assembly.details              author_and_software_defined_assembly 
_pdbx_struct_assembly.method_details       PISA 
_pdbx_struct_assembly.oligomeric_details   monomeric 
_pdbx_struct_assembly.oligomeric_count     1 
# 
_pdbx_struct_assembly_gen.assembly_id       1 
_pdbx_struct_assembly_gen.oper_expression   1 
_pdbx_struct_assembly_gen.asym_id_list      A,B,C,D,E,F,G 
# 
_pdbx_struct_oper_list.id                   1 
_pdbx_struct_oper_list.type                 'identity operation' 
_pdbx_struct_oper_list.name                 1_555 
_pdbx_struct_oper_list.symmetry_operation   x,y,z 
_pdbx_struct_oper_list.matrix[1][1]         1.0000000000 
_pdbx_struct_oper_list.matrix[1][2]         0.0000000000 
_pdbx_struct_oper_list.matrix[1][3]         0.0000000000 
_pdbx_struct_oper_list.vector[1]            0.0000000000 
_pdbx_struct_oper_list.matrix[2][1]         0.0000000000 
_pdbx_struct_oper_list.matrix[2][2]         1.0000000000 
_pdbx_struct_oper_list.matrix[2][3]         0.0000000000 
_pdbx_struct_oper_list.vector[2]            0.0000000000 
_pdbx_struct_oper_list.matrix[3][1]         0.0000000000 
_pdbx_struct_oper_list.matrix[3][2]         0.0000000000 
_pdbx_struct_oper_list.matrix[3][3]         1.0000000000 
_pdbx_struct_oper_list.vector[3]            0.0000000000 
# 
loop_
_pdbx_audit_revision_history.ordinal 
_pdbx_audit_revision_history.data_content_type 
_pdbx_audit_revision_history.major_revision 
_pdbx_audit_revision_history.minor_revision 
_pdbx_audit_revision_history.revision_date 
1 'Structure model' 1 0 2021-05-19 
2 'Structure model' 1 1 2021-12-08 
3 'Structure model' 1 2 2023-10-18 
# 
_pdbx_audit_revision_details.ordinal             1 
_pdbx_audit_revision_details.revision_ordinal    1 
_pdbx_audit_revision_details.data_content_type   'Structure model' 
_pdbx_audit_revision_details.provider            repository 
_pdbx_audit_revision_details.type                'Initial release' 
_pdbx_audit_revision_details.description         ? 
_pdbx_audit_revision_details.details             ? 
# 
loop_
_pdbx_audit_revision_group.ordinal 
_pdbx_audit_revision_group.revision_ordinal 
_pdbx_audit_revision_group.data_content_type 
_pdbx_audit_revision_group.group 
1 2 'Structure model' 'Database references'    
2 3 'Structure model' 'Data collection'        
3 3 'Structure model' 'Refinement description' 
# 
loop_
_pdbx_audit_revision_category.ordinal 
_pdbx_audit_revision_category.revision_ordinal 
_pdbx_audit_revision_category.data_content_type 
_pdbx_audit_revision_category.category 
1 2 'Structure model' citation                      
2 2 'Structure model' citation_author               
3 2 'Structure model' database_2                    
4 3 'Structure model' chem_comp_atom                
5 3 'Structure model' chem_comp_bond                
6 3 'Structure model' pdbx_initial_refinement_model 
# 
loop_
_pdbx_audit_revision_item.ordinal 
_pdbx_audit_revision_item.revision_ordinal 
_pdbx_audit_revision_item.data_content_type 
_pdbx_audit_revision_item.item 
1  2 'Structure model' '_citation.country'                   
2  2 'Structure model' '_citation.journal_abbrev'            
3  2 'Structure model' '_citation.journal_id_ASTM'           
4  2 'Structure model' '_citation.journal_id_CSD'            
5  2 'Structure model' '_citation.journal_id_ISSN'           
6  2 'Structure model' '_citation.journal_volume'            
7  2 'Structure model' '_citation.pdbx_database_id_DOI'      
8  2 'Structure model' '_citation.pdbx_database_id_PubMed'   
9  2 'Structure model' '_citation.title'                     
10 2 'Structure model' '_citation.year'                      
11 2 'Structure model' '_citation_author.identifier_ORCID'   
12 2 'Structure model' '_database_2.pdbx_DOI'                
13 2 'Structure model' '_database_2.pdbx_database_accession' 
# 
_phasing.method   MR 
# 
loop_
_software.citation_id 
_software.classification 
_software.compiler_name 
_software.compiler_version 
_software.contact_author 
_software.contact_author_email 
_software.date 
_software.description 
_software.dependencies 
_software.hardware 
_software.language 
_software.location 
_software.mods 
_software.name 
_software.os 
_software.os_version 
_software.type 
_software.version 
_software.pdbx_ordinal 
? 'data reduction'  ? ? 'Wolfgang Kabsch' Wolfgang.Kabsch@mpimf-heidelberg.mpg.de ?               ? ? ? ?          
http://www.mpimf-heidelberg.mpg.de/~kabsch/xds/     ? XDS         ? ? package .           1 
? 'data scaling'    ? ? 'Phil Evans'      ?                                       29/03/17        ? ? ? ?          
http://www.mrc-lmb.cam.ac.uk/harry/pre/aimless.html ? Aimless     ? ? program 0.5.32      2 
? phasing           ? ? 'Alexei Vaguine'  alexei@ysbl.york.ac.uk                  ?               ? ? ? Fortran_77 
http://www.ccp4.ac.uk/dist/html/molrep.html         ? MOLREP      ? ? program .           3 
? refinement        ? ? 'Paul D. Adams'   PDAdams@lbl.gov                         ?               ? ? ? C++        
http://www.phenix-online.org/                       ? PHENIX      ? ? package 1.11.1_2575 4 
? 'data extraction' ? ? PDB               deposit@deposit.rcsb.org                'Oct. 31, 2020' ? ? ? C++        
http://sw-tools.pdb.org/apps/PDB_EXTRACT/           ? PDB_EXTRACT ? ? package 3.27        5 
# 
_pdbx_entry_details.entry_id                 7LOD 
_pdbx_entry_details.has_ligand_of_interest   Y 
_pdbx_entry_details.compound_details         ? 
_pdbx_entry_details.source_details           ? 
_pdbx_entry_details.nonpolymer_details       ? 
_pdbx_entry_details.sequence_details         ? 
# 
loop_
_pdbx_unobs_or_zero_occ_residues.id 
_pdbx_unobs_or_zero_occ_residues.PDB_model_num 
_pdbx_unobs_or_zero_occ_residues.polymer_flag 
_pdbx_unobs_or_zero_occ_residues.occupancy_flag 
_pdbx_unobs_or_zero_occ_residues.auth_asym_id 
_pdbx_unobs_or_zero_occ_residues.auth_comp_id 
_pdbx_unobs_or_zero_occ_residues.auth_seq_id 
_pdbx_unobs_or_zero_occ_residues.PDB_ins_code 
_pdbx_unobs_or_zero_occ_residues.label_asym_id 
_pdbx_unobs_or_zero_occ_residues.label_comp_id 
_pdbx_unobs_or_zero_occ_residues.label_seq_id 
1  1 Y 1 A ASN 163 ? A ASN 163 
2  1 Y 1 A LEU 164 ? A LEU 164 
3  1 Y 1 A LEU 165 ? A LEU 165 
4  1 Y 1 A GLU 166 ? A GLU 166 
5  1 Y 1 A HIS 167 ? A HIS 167 
6  1 Y 1 A HIS 168 ? A HIS 168 
7  1 Y 1 A HIS 169 ? A HIS 169 
8  1 Y 1 A HIS 170 ? A HIS 170 
9  1 Y 1 A HIS 171 ? A HIS 171 
10 1 Y 1 A HIS 172 ? A HIS 172 
# 
loop_
_chem_comp_atom.comp_id 
_chem_comp_atom.atom_id 
_chem_comp_atom.type_symbol 
_chem_comp_atom.pdbx_aromatic_flag 
_chem_comp_atom.pdbx_stereo_config 
_chem_comp_atom.pdbx_ordinal 
ALA N    N N N 1   
ALA CA   C N S 2   
ALA C    C N N 3   
ALA O    O N N 4   
ALA CB   C N N 5   
ALA OXT  O N N 6   
ALA H    H N N 7   
ALA H2   H N N 8   
ALA HA   H N N 9   
ALA HB1  H N N 10  
ALA HB2  H N N 11  
ALA HB3  H N N 12  
ALA HXT  H N N 13  
ARG N    N N N 14  
ARG CA   C N S 15  
ARG C    C N N 16  
ARG O    O N N 17  
ARG CB   C N N 18  
ARG CG   C N N 19  
ARG CD   C N N 20  
ARG NE   N N N 21  
ARG CZ   C N N 22  
ARG NH1  N N N 23  
ARG NH2  N N N 24  
ARG OXT  O N N 25  
ARG H    H N N 26  
ARG H2   H N N 27  
ARG HA   H N N 28  
ARG HB2  H N N 29  
ARG HB3  H N N 30  
ARG HG2  H N N 31  
ARG HG3  H N N 32  
ARG HD2  H N N 33  
ARG HD3  H N N 34  
ARG HE   H N N 35  
ARG HH11 H N N 36  
ARG HH12 H N N 37  
ARG HH21 H N N 38  
ARG HH22 H N N 39  
ARG HXT  H N N 40  
ASN N    N N N 41  
ASN CA   C N S 42  
ASN C    C N N 43  
ASN O    O N N 44  
ASN CB   C N N 45  
ASN CG   C N N 46  
ASN OD1  O N N 47  
ASN ND2  N N N 48  
ASN OXT  O N N 49  
ASN H    H N N 50  
ASN H2   H N N 51  
ASN HA   H N N 52  
ASN HB2  H N N 53  
ASN HB3  H N N 54  
ASN HD21 H N N 55  
ASN HD22 H N N 56  
ASN HXT  H N N 57  
ASP N    N N N 58  
ASP CA   C N S 59  
ASP C    C N N 60  
ASP O    O N N 61  
ASP CB   C N N 62  
ASP CG   C N N 63  
ASP OD1  O N N 64  
ASP OD2  O N N 65  
ASP OXT  O N N 66  
ASP H    H N N 67  
ASP H2   H N N 68  
ASP HA   H N N 69  
ASP HB2  H N N 70  
ASP HB3  H N N 71  
ASP HD2  H N N 72  
ASP HXT  H N N 73  
BME C1   C N N 74  
BME C2   C N N 75  
BME O1   O N N 76  
BME S2   S N N 77  
BME H11  H N N 78  
BME H12  H N N 79  
BME H21  H N N 80  
BME H22  H N N 81  
BME HO1  H N N 82  
BME HS2  H N N 83  
CYS N    N N N 84  
CYS CA   C N R 85  
CYS C    C N N 86  
CYS O    O N N 87  
CYS CB   C N N 88  
CYS SG   S N N 89  
CYS OXT  O N N 90  
CYS H    H N N 91  
CYS H2   H N N 92  
CYS HA   H N N 93  
CYS HB2  H N N 94  
CYS HB3  H N N 95  
CYS HG   H N N 96  
CYS HXT  H N N 97  
GLN N    N N N 98  
GLN CA   C N S 99  
GLN C    C N N 100 
GLN O    O N N 101 
GLN CB   C N N 102 
GLN CG   C N N 103 
GLN CD   C N N 104 
GLN OE1  O N N 105 
GLN NE2  N N N 106 
GLN OXT  O N N 107 
GLN H    H N N 108 
GLN H2   H N N 109 
GLN HA   H N N 110 
GLN HB2  H N N 111 
GLN HB3  H N N 112 
GLN HG2  H N N 113 
GLN HG3  H N N 114 
GLN HE21 H N N 115 
GLN HE22 H N N 116 
GLN HXT  H N N 117 
GLU N    N N N 118 
GLU CA   C N S 119 
GLU C    C N N 120 
GLU O    O N N 121 
GLU CB   C N N 122 
GLU CG   C N N 123 
GLU CD   C N N 124 
GLU OE1  O N N 125 
GLU OE2  O N N 126 
GLU OXT  O N N 127 
GLU H    H N N 128 
GLU H2   H N N 129 
GLU HA   H N N 130 
GLU HB2  H N N 131 
GLU HB3  H N N 132 
GLU HG2  H N N 133 
GLU HG3  H N N 134 
GLU HE2  H N N 135 
GLU HXT  H N N 136 
GLY N    N N N 137 
GLY CA   C N N 138 
GLY C    C N N 139 
GLY O    O N N 140 
GLY OXT  O N N 141 
GLY H    H N N 142 
GLY H2   H N N 143 
GLY HA2  H N N 144 
GLY HA3  H N N 145 
GLY HXT  H N N 146 
HIS N    N N N 147 
HIS CA   C N S 148 
HIS C    C N N 149 
HIS O    O N N 150 
HIS CB   C N N 151 
HIS CG   C Y N 152 
HIS ND1  N Y N 153 
HIS CD2  C Y N 154 
HIS CE1  C Y N 155 
HIS NE2  N Y N 156 
HIS OXT  O N N 157 
HIS H    H N N 158 
HIS H2   H N N 159 
HIS HA   H N N 160 
HIS HB2  H N N 161 
HIS HB3  H N N 162 
HIS HD1  H N N 163 
HIS HD2  H N N 164 
HIS HE1  H N N 165 
HIS HE2  H N N 166 
HIS HXT  H N N 167 
HOH O    O N N 168 
HOH H1   H N N 169 
HOH H2   H N N 170 
ILE N    N N N 171 
ILE CA   C N S 172 
ILE C    C N N 173 
ILE O    O N N 174 
ILE CB   C N S 175 
ILE CG1  C N N 176 
ILE CG2  C N N 177 
ILE CD1  C N N 178 
ILE OXT  O N N 179 
ILE H    H N N 180 
ILE H2   H N N 181 
ILE HA   H N N 182 
ILE HB   H N N 183 
ILE HG12 H N N 184 
ILE HG13 H N N 185 
ILE HG21 H N N 186 
ILE HG22 H N N 187 
ILE HG23 H N N 188 
ILE HD11 H N N 189 
ILE HD12 H N N 190 
ILE HD13 H N N 191 
ILE HXT  H N N 192 
LEU N    N N N 193 
LEU CA   C N S 194 
LEU C    C N N 195 
LEU O    O N N 196 
LEU CB   C N N 197 
LEU CG   C N N 198 
LEU CD1  C N N 199 
LEU CD2  C N N 200 
LEU OXT  O N N 201 
LEU H    H N N 202 
LEU H2   H N N 203 
LEU HA   H N N 204 
LEU HB2  H N N 205 
LEU HB3  H N N 206 
LEU HG   H N N 207 
LEU HD11 H N N 208 
LEU HD12 H N N 209 
LEU HD13 H N N 210 
LEU HD21 H N N 211 
LEU HD22 H N N 212 
LEU HD23 H N N 213 
LEU HXT  H N N 214 
LYS N    N N N 215 
LYS CA   C N S 216 
LYS C    C N N 217 
LYS O    O N N 218 
LYS CB   C N N 219 
LYS CG   C N N 220 
LYS CD   C N N 221 
LYS CE   C N N 222 
LYS NZ   N N N 223 
LYS OXT  O N N 224 
LYS H    H N N 225 
LYS H2   H N N 226 
LYS HA   H N N 227 
LYS HB2  H N N 228 
LYS HB3  H N N 229 
LYS HG2  H N N 230 
LYS HG3  H N N 231 
LYS HD2  H N N 232 
LYS HD3  H N N 233 
LYS HE2  H N N 234 
LYS HE3  H N N 235 
LYS HZ1  H N N 236 
LYS HZ2  H N N 237 
LYS HZ3  H N N 238 
LYS HXT  H N N 239 
MET N    N N N 240 
MET CA   C N S 241 
MET C    C N N 242 
MET O    O N N 243 
MET CB   C N N 244 
MET CG   C N N 245 
MET SD   S N N 246 
MET CE   C N N 247 
MET OXT  O N N 248 
MET H    H N N 249 
MET H2   H N N 250 
MET HA   H N N 251 
MET HB2  H N N 252 
MET HB3  H N N 253 
MET HG2  H N N 254 
MET HG3  H N N 255 
MET HE1  H N N 256 
MET HE2  H N N 257 
MET HE3  H N N 258 
MET HXT  H N N 259 
PHE N    N N N 260 
PHE CA   C N S 261 
PHE C    C N N 262 
PHE O    O N N 263 
PHE CB   C N N 264 
PHE CG   C Y N 265 
PHE CD1  C Y N 266 
PHE CD2  C Y N 267 
PHE CE1  C Y N 268 
PHE CE2  C Y N 269 
PHE CZ   C Y N 270 
PHE OXT  O N N 271 
PHE H    H N N 272 
PHE H2   H N N 273 
PHE HA   H N N 274 
PHE HB2  H N N 275 
PHE HB3  H N N 276 
PHE HD1  H N N 277 
PHE HD2  H N N 278 
PHE HE1  H N N 279 
PHE HE2  H N N 280 
PHE HZ   H N N 281 
PHE HXT  H N N 282 
PRO N    N N N 283 
PRO CA   C N S 284 
PRO C    C N N 285 
PRO O    O N N 286 
PRO CB   C N N 287 
PRO CG   C N N 288 
PRO CD   C N N 289 
PRO OXT  O N N 290 
PRO H    H N N 291 
PRO HA   H N N 292 
PRO HB2  H N N 293 
PRO HB3  H N N 294 
PRO HG2  H N N 295 
PRO HG3  H N N 296 
PRO HD2  H N N 297 
PRO HD3  H N N 298 
PRO HXT  H N N 299 
SER N    N N N 300 
SER CA   C N S 301 
SER C    C N N 302 
SER O    O N N 303 
SER CB   C N N 304 
SER OG   O N N 305 
SER OXT  O N N 306 
SER H    H N N 307 
SER H2   H N N 308 
SER HA   H N N 309 
SER HB2  H N N 310 
SER HB3  H N N 311 
SER HG   H N N 312 
SER HXT  H N N 313 
THR N    N N N 314 
THR CA   C N S 315 
THR C    C N N 316 
THR O    O N N 317 
THR CB   C N R 318 
THR OG1  O N N 319 
THR CG2  C N N 320 
THR OXT  O N N 321 
THR H    H N N 322 
THR H2   H N N 323 
THR HA   H N N 324 
THR HB   H N N 325 
THR HG1  H N N 326 
THR HG21 H N N 327 
THR HG22 H N N 328 
THR HG23 H N N 329 
THR HXT  H N N 330 
TRP N    N N N 331 
TRP CA   C N S 332 
TRP C    C N N 333 
TRP O    O N N 334 
TRP CB   C N N 335 
TRP CG   C Y N 336 
TRP CD1  C Y N 337 
TRP CD2  C Y N 338 
TRP NE1  N Y N 339 
TRP CE2  C Y N 340 
TRP CE3  C Y N 341 
TRP CZ2  C Y N 342 
TRP CZ3  C Y N 343 
TRP CH2  C Y N 344 
TRP OXT  O N N 345 
TRP H    H N N 346 
TRP H2   H N N 347 
TRP HA   H N N 348 
TRP HB2  H N N 349 
TRP HB3  H N N 350 
TRP HD1  H N N 351 
TRP HE1  H N N 352 
TRP HE3  H N N 353 
TRP HZ2  H N N 354 
TRP HZ3  H N N 355 
TRP HH2  H N N 356 
TRP HXT  H N N 357 
TRS C    C N N 358 
TRS C1   C N N 359 
TRS C2   C N N 360 
TRS C3   C N N 361 
TRS N    N N N 362 
TRS O1   O N N 363 
TRS O2   O N N 364 
TRS O3   O N N 365 
TRS H11  H N N 366 
TRS H12  H N N 367 
TRS H21  H N N 368 
TRS H22  H N N 369 
TRS H31  H N N 370 
TRS H32  H N N 371 
TRS HN1  H N N 372 
TRS HN2  H N N 373 
TRS HN3  H N N 374 
TRS HO1  H N N 375 
TRS HO2  H N N 376 
TRS HO3  H N N 377 
TYR N    N N N 378 
TYR CA   C N S 379 
TYR C    C N N 380 
TYR O    O N N 381 
TYR CB   C N N 382 
TYR CG   C Y N 383 
TYR CD1  C Y N 384 
TYR CD2  C Y N 385 
TYR CE1  C Y N 386 
TYR CE2  C Y N 387 
TYR CZ   C Y N 388 
TYR OH   O N N 389 
TYR OXT  O N N 390 
TYR H    H N N 391 
TYR H2   H N N 392 
TYR HA   H N N 393 
TYR HB2  H N N 394 
TYR HB3  H N N 395 
TYR HD1  H N N 396 
TYR HD2  H N N 397 
TYR HE1  H N N 398 
TYR HE2  H N N 399 
TYR HH   H N N 400 
TYR HXT  H N N 401 
VAL N    N N N 402 
VAL CA   C N S 403 
VAL C    C N N 404 
VAL O    O N N 405 
VAL CB   C N N 406 
VAL CG1  C N N 407 
VAL CG2  C N N 408 
VAL OXT  O N N 409 
VAL H    H N N 410 
VAL H2   H N N 411 
VAL HA   H N N 412 
VAL HB   H N N 413 
VAL HG11 H N N 414 
VAL HG12 H N N 415 
VAL HG13 H N N 416 
VAL HG21 H N N 417 
VAL HG22 H N N 418 
VAL HG23 H N N 419 
VAL HXT  H N N 420 
Y8D C02  C Y N 421 
Y8D C03  C Y N 422 
Y8D C04  C Y N 423 
Y8D C05  C Y N 424 
Y8D C07  C Y N 425 
Y8D C08  C Y N 426 
Y8D F01  F N N 427 
Y8D I06  I N N 428 
Y8D H1   H N N 429 
Y8D H2   H N N 430 
Y8D H3   H N N 431 
Y8D H4   H N N 432 
# 
loop_
_chem_comp_bond.comp_id 
_chem_comp_bond.atom_id_1 
_chem_comp_bond.atom_id_2 
_chem_comp_bond.value_order 
_chem_comp_bond.pdbx_aromatic_flag 
_chem_comp_bond.pdbx_stereo_config 
_chem_comp_bond.pdbx_ordinal 
ALA N   CA   sing N N 1   
ALA N   H    sing N N 2   
ALA N   H2   sing N N 3   
ALA CA  C    sing N N 4   
ALA CA  CB   sing N N 5   
ALA CA  HA   sing N N 6   
ALA C   O    doub N N 7   
ALA C   OXT  sing N N 8   
ALA CB  HB1  sing N N 9   
ALA CB  HB2  sing N N 10  
ALA CB  HB3  sing N N 11  
ALA OXT HXT  sing N N 12  
ARG N   CA   sing N N 13  
ARG N   H    sing N N 14  
ARG N   H2   sing N N 15  
ARG CA  C    sing N N 16  
ARG CA  CB   sing N N 17  
ARG CA  HA   sing N N 18  
ARG C   O    doub N N 19  
ARG C   OXT  sing N N 20  
ARG CB  CG   sing N N 21  
ARG CB  HB2  sing N N 22  
ARG CB  HB3  sing N N 23  
ARG CG  CD   sing N N 24  
ARG CG  HG2  sing N N 25  
ARG CG  HG3  sing N N 26  
ARG CD  NE   sing N N 27  
ARG CD  HD2  sing N N 28  
ARG CD  HD3  sing N N 29  
ARG NE  CZ   sing N N 30  
ARG NE  HE   sing N N 31  
ARG CZ  NH1  sing N N 32  
ARG CZ  NH2  doub N N 33  
ARG NH1 HH11 sing N N 34  
ARG NH1 HH12 sing N N 35  
ARG NH2 HH21 sing N N 36  
ARG NH2 HH22 sing N N 37  
ARG OXT HXT  sing N N 38  
ASN N   CA   sing N N 39  
ASN N   H    sing N N 40  
ASN N   H2   sing N N 41  
ASN CA  C    sing N N 42  
ASN CA  CB   sing N N 43  
ASN CA  HA   sing N N 44  
ASN C   O    doub N N 45  
ASN C   OXT  sing N N 46  
ASN CB  CG   sing N N 47  
ASN CB  HB2  sing N N 48  
ASN CB  HB3  sing N N 49  
ASN CG  OD1  doub N N 50  
ASN CG  ND2  sing N N 51  
ASN ND2 HD21 sing N N 52  
ASN ND2 HD22 sing N N 53  
ASN OXT HXT  sing N N 54  
ASP N   CA   sing N N 55  
ASP N   H    sing N N 56  
ASP N   H2   sing N N 57  
ASP CA  C    sing N N 58  
ASP CA  CB   sing N N 59  
ASP CA  HA   sing N N 60  
ASP C   O    doub N N 61  
ASP C   OXT  sing N N 62  
ASP CB  CG   sing N N 63  
ASP CB  HB2  sing N N 64  
ASP CB  HB3  sing N N 65  
ASP CG  OD1  doub N N 66  
ASP CG  OD2  sing N N 67  
ASP OD2 HD2  sing N N 68  
ASP OXT HXT  sing N N 69  
BME C1  C2   sing N N 70  
BME C1  O1   sing N N 71  
BME C1  H11  sing N N 72  
BME C1  H12  sing N N 73  
BME C2  S2   sing N N 74  
BME C2  H21  sing N N 75  
BME C2  H22  sing N N 76  
BME O1  HO1  sing N N 77  
BME S2  HS2  sing N N 78  
CYS N   CA   sing N N 79  
CYS N   H    sing N N 80  
CYS N   H2   sing N N 81  
CYS CA  C    sing N N 82  
CYS CA  CB   sing N N 83  
CYS CA  HA   sing N N 84  
CYS C   O    doub N N 85  
CYS C   OXT  sing N N 86  
CYS CB  SG   sing N N 87  
CYS CB  HB2  sing N N 88  
CYS CB  HB3  sing N N 89  
CYS SG  HG   sing N N 90  
CYS OXT HXT  sing N N 91  
GLN N   CA   sing N N 92  
GLN N   H    sing N N 93  
GLN N   H2   sing N N 94  
GLN CA  C    sing N N 95  
GLN CA  CB   sing N N 96  
GLN CA  HA   sing N N 97  
GLN C   O    doub N N 98  
GLN C   OXT  sing N N 99  
GLN CB  CG   sing N N 100 
GLN CB  HB2  sing N N 101 
GLN CB  HB3  sing N N 102 
GLN CG  CD   sing N N 103 
GLN CG  HG2  sing N N 104 
GLN CG  HG3  sing N N 105 
GLN CD  OE1  doub N N 106 
GLN CD  NE2  sing N N 107 
GLN NE2 HE21 sing N N 108 
GLN NE2 HE22 sing N N 109 
GLN OXT HXT  sing N N 110 
GLU N   CA   sing N N 111 
GLU N   H    sing N N 112 
GLU N   H2   sing N N 113 
GLU CA  C    sing N N 114 
GLU CA  CB   sing N N 115 
GLU CA  HA   sing N N 116 
GLU C   O    doub N N 117 
GLU C   OXT  sing N N 118 
GLU CB  CG   sing N N 119 
GLU CB  HB2  sing N N 120 
GLU CB  HB3  sing N N 121 
GLU CG  CD   sing N N 122 
GLU CG  HG2  sing N N 123 
GLU CG  HG3  sing N N 124 
GLU CD  OE1  doub N N 125 
GLU CD  OE2  sing N N 126 
GLU OE2 HE2  sing N N 127 
GLU OXT HXT  sing N N 128 
GLY N   CA   sing N N 129 
GLY N   H    sing N N 130 
GLY N   H2   sing N N 131 
GLY CA  C    sing N N 132 
GLY CA  HA2  sing N N 133 
GLY CA  HA3  sing N N 134 
GLY C   O    doub N N 135 
GLY C   OXT  sing N N 136 
GLY OXT HXT  sing N N 137 
HIS N   CA   sing N N 138 
HIS N   H    sing N N 139 
HIS N   H2   sing N N 140 
HIS CA  C    sing N N 141 
HIS CA  CB   sing N N 142 
HIS CA  HA   sing N N 143 
HIS C   O    doub N N 144 
HIS C   OXT  sing N N 145 
HIS CB  CG   sing N N 146 
HIS CB  HB2  sing N N 147 
HIS CB  HB3  sing N N 148 
HIS CG  ND1  sing Y N 149 
HIS CG  CD2  doub Y N 150 
HIS ND1 CE1  doub Y N 151 
HIS ND1 HD1  sing N N 152 
HIS CD2 NE2  sing Y N 153 
HIS CD2 HD2  sing N N 154 
HIS CE1 NE2  sing Y N 155 
HIS CE1 HE1  sing N N 156 
HIS NE2 HE2  sing N N 157 
HIS OXT HXT  sing N N 158 
HOH O   H1   sing N N 159 
HOH O   H2   sing N N 160 
ILE N   CA   sing N N 161 
ILE N   H    sing N N 162 
ILE N   H2   sing N N 163 
ILE CA  C    sing N N 164 
ILE CA  CB   sing N N 165 
ILE CA  HA   sing N N 166 
ILE C   O    doub N N 167 
ILE C   OXT  sing N N 168 
ILE CB  CG1  sing N N 169 
ILE CB  CG2  sing N N 170 
ILE CB  HB   sing N N 171 
ILE CG1 CD1  sing N N 172 
ILE CG1 HG12 sing N N 173 
ILE CG1 HG13 sing N N 174 
ILE CG2 HG21 sing N N 175 
ILE CG2 HG22 sing N N 176 
ILE CG2 HG23 sing N N 177 
ILE CD1 HD11 sing N N 178 
ILE CD1 HD12 sing N N 179 
ILE CD1 HD13 sing N N 180 
ILE OXT HXT  sing N N 181 
LEU N   CA   sing N N 182 
LEU N   H    sing N N 183 
LEU N   H2   sing N N 184 
LEU CA  C    sing N N 185 
LEU CA  CB   sing N N 186 
LEU CA  HA   sing N N 187 
LEU C   O    doub N N 188 
LEU C   OXT  sing N N 189 
LEU CB  CG   sing N N 190 
LEU CB  HB2  sing N N 191 
LEU CB  HB3  sing N N 192 
LEU CG  CD1  sing N N 193 
LEU CG  CD2  sing N N 194 
LEU CG  HG   sing N N 195 
LEU CD1 HD11 sing N N 196 
LEU CD1 HD12 sing N N 197 
LEU CD1 HD13 sing N N 198 
LEU CD2 HD21 sing N N 199 
LEU CD2 HD22 sing N N 200 
LEU CD2 HD23 sing N N 201 
LEU OXT HXT  sing N N 202 
LYS N   CA   sing N N 203 
LYS N   H    sing N N 204 
LYS N   H2   sing N N 205 
LYS CA  C    sing N N 206 
LYS CA  CB   sing N N 207 
LYS CA  HA   sing N N 208 
LYS C   O    doub N N 209 
LYS C   OXT  sing N N 210 
LYS CB  CG   sing N N 211 
LYS CB  HB2  sing N N 212 
LYS CB  HB3  sing N N 213 
LYS CG  CD   sing N N 214 
LYS CG  HG2  sing N N 215 
LYS CG  HG3  sing N N 216 
LYS CD  CE   sing N N 217 
LYS CD  HD2  sing N N 218 
LYS CD  HD3  sing N N 219 
LYS CE  NZ   sing N N 220 
LYS CE  HE2  sing N N 221 
LYS CE  HE3  sing N N 222 
LYS NZ  HZ1  sing N N 223 
LYS NZ  HZ2  sing N N 224 
LYS NZ  HZ3  sing N N 225 
LYS OXT HXT  sing N N 226 
MET N   CA   sing N N 227 
MET N   H    sing N N 228 
MET N   H2   sing N N 229 
MET CA  C    sing N N 230 
MET CA  CB   sing N N 231 
MET CA  HA   sing N N 232 
MET C   O    doub N N 233 
MET C   OXT  sing N N 234 
MET CB  CG   sing N N 235 
MET CB  HB2  sing N N 236 
MET CB  HB3  sing N N 237 
MET CG  SD   sing N N 238 
MET CG  HG2  sing N N 239 
MET CG  HG3  sing N N 240 
MET SD  CE   sing N N 241 
MET CE  HE1  sing N N 242 
MET CE  HE2  sing N N 243 
MET CE  HE3  sing N N 244 
MET OXT HXT  sing N N 245 
PHE N   CA   sing N N 246 
PHE N   H    sing N N 247 
PHE N   H2   sing N N 248 
PHE CA  C    sing N N 249 
PHE CA  CB   sing N N 250 
PHE CA  HA   sing N N 251 
PHE C   O    doub N N 252 
PHE C   OXT  sing N N 253 
PHE CB  CG   sing N N 254 
PHE CB  HB2  sing N N 255 
PHE CB  HB3  sing N N 256 
PHE CG  CD1  doub Y N 257 
PHE CG  CD2  sing Y N 258 
PHE CD1 CE1  sing Y N 259 
PHE CD1 HD1  sing N N 260 
PHE CD2 CE2  doub Y N 261 
PHE CD2 HD2  sing N N 262 
PHE CE1 CZ   doub Y N 263 
PHE CE1 HE1  sing N N 264 
PHE CE2 CZ   sing Y N 265 
PHE CE2 HE2  sing N N 266 
PHE CZ  HZ   sing N N 267 
PHE OXT HXT  sing N N 268 
PRO N   CA   sing N N 269 
PRO N   CD   sing N N 270 
PRO N   H    sing N N 271 
PRO CA  C    sing N N 272 
PRO CA  CB   sing N N 273 
PRO CA  HA   sing N N 274 
PRO C   O    doub N N 275 
PRO C   OXT  sing N N 276 
PRO CB  CG   sing N N 277 
PRO CB  HB2  sing N N 278 
PRO CB  HB3  sing N N 279 
PRO CG  CD   sing N N 280 
PRO CG  HG2  sing N N 281 
PRO CG  HG3  sing N N 282 
PRO CD  HD2  sing N N 283 
PRO CD  HD3  sing N N 284 
PRO OXT HXT  sing N N 285 
SER N   CA   sing N N 286 
SER N   H    sing N N 287 
SER N   H2   sing N N 288 
SER CA  C    sing N N 289 
SER CA  CB   sing N N 290 
SER CA  HA   sing N N 291 
SER C   O    doub N N 292 
SER C   OXT  sing N N 293 
SER CB  OG   sing N N 294 
SER CB  HB2  sing N N 295 
SER CB  HB3  sing N N 296 
SER OG  HG   sing N N 297 
SER OXT HXT  sing N N 298 
THR N   CA   sing N N 299 
THR N   H    sing N N 300 
THR N   H2   sing N N 301 
THR CA  C    sing N N 302 
THR CA  CB   sing N N 303 
THR CA  HA   sing N N 304 
THR C   O    doub N N 305 
THR C   OXT  sing N N 306 
THR CB  OG1  sing N N 307 
THR CB  CG2  sing N N 308 
THR CB  HB   sing N N 309 
THR OG1 HG1  sing N N 310 
THR CG2 HG21 sing N N 311 
THR CG2 HG22 sing N N 312 
THR CG2 HG23 sing N N 313 
THR OXT HXT  sing N N 314 
TRP N   CA   sing N N 315 
TRP N   H    sing N N 316 
TRP N   H2   sing N N 317 
TRP CA  C    sing N N 318 
TRP CA  CB   sing N N 319 
TRP CA  HA   sing N N 320 
TRP C   O    doub N N 321 
TRP C   OXT  sing N N 322 
TRP CB  CG   sing N N 323 
TRP CB  HB2  sing N N 324 
TRP CB  HB3  sing N N 325 
TRP CG  CD1  doub Y N 326 
TRP CG  CD2  sing Y N 327 
TRP CD1 NE1  sing Y N 328 
TRP CD1 HD1  sing N N 329 
TRP CD2 CE2  doub Y N 330 
TRP CD2 CE3  sing Y N 331 
TRP NE1 CE2  sing Y N 332 
TRP NE1 HE1  sing N N 333 
TRP CE2 CZ2  sing Y N 334 
TRP CE3 CZ3  doub Y N 335 
TRP CE3 HE3  sing N N 336 
TRP CZ2 CH2  doub Y N 337 
TRP CZ2 HZ2  sing N N 338 
TRP CZ3 CH2  sing Y N 339 
TRP CZ3 HZ3  sing N N 340 
TRP CH2 HH2  sing N N 341 
TRP OXT HXT  sing N N 342 
TRS C   C1   sing N N 343 
TRS C   C2   sing N N 344 
TRS C   C3   sing N N 345 
TRS C   N    sing N N 346 
TRS C1  O1   sing N N 347 
TRS C1  H11  sing N N 348 
TRS C1  H12  sing N N 349 
TRS C2  O2   sing N N 350 
TRS C2  H21  sing N N 351 
TRS C2  H22  sing N N 352 
TRS C3  O3   sing N N 353 
TRS C3  H31  sing N N 354 
TRS C3  H32  sing N N 355 
TRS N   HN1  sing N N 356 
TRS N   HN2  sing N N 357 
TRS N   HN3  sing N N 358 
TRS O1  HO1  sing N N 359 
TRS O2  HO2  sing N N 360 
TRS O3  HO3  sing N N 361 
TYR N   CA   sing N N 362 
TYR N   H    sing N N 363 
TYR N   H2   sing N N 364 
TYR CA  C    sing N N 365 
TYR CA  CB   sing N N 366 
TYR CA  HA   sing N N 367 
TYR C   O    doub N N 368 
TYR C   OXT  sing N N 369 
TYR CB  CG   sing N N 370 
TYR CB  HB2  sing N N 371 
TYR CB  HB3  sing N N 372 
TYR CG  CD1  doub Y N 373 
TYR CG  CD2  sing Y N 374 
TYR CD1 CE1  sing Y N 375 
TYR CD1 HD1  sing N N 376 
TYR CD2 CE2  doub Y N 377 
TYR CD2 HD2  sing N N 378 
TYR CE1 CZ   doub Y N 379 
TYR CE1 HE1  sing N N 380 
TYR CE2 CZ   sing Y N 381 
TYR CE2 HE2  sing N N 382 
TYR CZ  OH   sing N N 383 
TYR OH  HH   sing N N 384 
TYR OXT HXT  sing N N 385 
VAL N   CA   sing N N 386 
VAL N   H    sing N N 387 
VAL N   H2   sing N N 388 
VAL CA  C    sing N N 389 
VAL CA  CB   sing N N 390 
VAL CA  HA   sing N N 391 
VAL C   O    doub N N 392 
VAL C   OXT  sing N N 393 
VAL CB  CG1  sing N N 394 
VAL CB  CG2  sing N N 395 
VAL CB  HB   sing N N 396 
VAL CG1 HG11 sing N N 397 
VAL CG1 HG12 sing N N 398 
VAL CG1 HG13 sing N N 399 
VAL CG2 HG21 sing N N 400 
VAL CG2 HG22 sing N N 401 
VAL CG2 HG23 sing N N 402 
VAL OXT HXT  sing N N 403 
Y8D I06 C05  sing N N 404 
Y8D C07 C05  doub Y N 405 
Y8D C07 C08  sing Y N 406 
Y8D C05 C04  sing Y N 407 
Y8D C08 C02  doub Y N 408 
Y8D C04 C03  doub Y N 409 
Y8D C02 C03  sing Y N 410 
Y8D C02 F01  sing N N 411 
Y8D C03 H1   sing N N 412 
Y8D C04 H2   sing N N 413 
Y8D C07 H3   sing N N 414 
Y8D C08 H4   sing N N 415 
# 
_pdbx_audit_support.funding_organization   
'National Institutes of Health/National Institute of General Medical Sciences (NIH/NIGMS)' 
_pdbx_audit_support.country                'United States' 
_pdbx_audit_support.grant_number           ? 
_pdbx_audit_support.ordinal                1 
# 
_pdbx_entity_instance_feature.ordinal        1 
_pdbx_entity_instance_feature.comp_id        Y8D 
_pdbx_entity_instance_feature.asym_id        ? 
_pdbx_entity_instance_feature.seq_num        ? 
_pdbx_entity_instance_feature.auth_comp_id   Y8D 
_pdbx_entity_instance_feature.auth_asym_id   ? 
_pdbx_entity_instance_feature.auth_seq_num   ? 
_pdbx_entity_instance_feature.feature_type   'SUBJECT OF INVESTIGATION' 
_pdbx_entity_instance_feature.details        ? 
# 
loop_
_pdbx_entity_nonpoly.entity_id 
_pdbx_entity_nonpoly.name 
_pdbx_entity_nonpoly.comp_id 
2 1-fluoranyl-4-iodanyl-benzene            Y8D 
3 BETA-MERCAPTOETHANOL                     BME 
4 2-AMINO-2-HYDROXYMETHYL-PROPANE-1,3-DIOL TRS 
5 water                                    HOH 
# 
_pdbx_initial_refinement_model.id               1 
_pdbx_initial_refinement_model.entity_id_list   ? 
_pdbx_initial_refinement_model.type             'experimental model' 
_pdbx_initial_refinement_model.source_name      PDB 
_pdbx_initial_refinement_model.accession_code   4W57 
_pdbx_initial_refinement_model.details          ? 
# 
_pdbx_struct_assembly_auth_evidence.id                     1 
_pdbx_struct_assembly_auth_evidence.assembly_id            1 
_pdbx_struct_assembly_auth_evidence.experimental_support   none 
_pdbx_struct_assembly_auth_evidence.details                ? 
# 
